data_4BC7
#
_entry.id   4BC7
#
_cell.length_a   61.410
_cell.length_b   99.190
_cell.length_c   107.460
_cell.angle_alpha   90.58
_cell.angle_beta   91.88
_cell.angle_gamma   95.03
#
_symmetry.space_group_name_H-M   'P 1'
#
loop_
_entity.id
_entity.type
_entity.pdbx_description
1 polymer 'ALKYLDIHYDROXYACETONEPHOSPHATE SYNTHASE, PEROXISOMAL'
2 non-polymer 'FLAVIN-ADENINE DINUCLEOTIDE'
3 non-polymer 'SULFATE ION'
4 non-polymer 1-DODECANOL
5 water water
#
_entity_poly.entity_id   1
_entity_poly.type   'polypeptide(L)'
_entity_poly.pdbx_seq_one_letter_code
;MAEAAAAAAAAAAAGETSASSGSAAERDPDQDRAGRRLRVLSGHLLGRPQEALSTNECKARRAASAATAAPTATPAAPES
GIIPKKRQELMKWNGWGYNDSKFFLNKKGQLELTGKRYPLSGVALPTFKDWIQNTFGINLDHKTTSKASLNPSDTPPSIV
NEDFLHELKKTNISYSQEADDRVFRAHGHCLHEIFLLREGMFERIPDIVLWPTCHDDVVKIVNLACKYNLCIIPIGGGTS
VSYGLMCPADETRTIISLDTSQMNRILWVDENNLTAHVEAGITGQELERQLKESGYCTGHEPDSLEFSTVGGWISTRASG
MKKNIYGNIEDLVVHMKVVTPRGVIEKSCQGPRMSTGPDIHHFIMGSEGTLGVITEATIKIRPTPEYQKYGSVAFPNFEQ
GVACLREIAKQRCAPASIHLMDNQQFQFGHALKPQVSSIFTSFLDGLKKFYITKFKGFDPNQLSVATLLFEGDREKVLQH
EKQVYDIAAKFGGLAAGEDNGQRGYLLTYVIAYMRDLGLEYYIIGESFETSAPWDRVVDLCRNVKERIRRECKEKGVQFP
PLSTCRVTQTYDAGACIYFYFAFNYRGISDPLAVFEQTEAAAREEILANGGSLSHHHGVGKLRKQWLKESISDVGFGMLK
SVKDYVDPTNIFGNRNLL
;
_entity_poly.pdbx_strand_id   A,B,C,D
#
# COMPACT_ATOMS: atom_id res chain seq x y z
N GLY A 81 4.21 -7.32 -27.00
CA GLY A 81 3.00 -6.56 -26.61
C GLY A 81 1.63 -7.08 -27.07
N ILE A 82 1.64 -8.08 -27.96
CA ILE A 82 0.42 -8.77 -28.40
C ILE A 82 -0.06 -9.62 -27.22
N ILE A 83 -1.24 -9.27 -26.69
CA ILE A 83 -1.82 -10.01 -25.57
C ILE A 83 -2.10 -11.44 -26.08
N PRO A 84 -1.65 -12.47 -25.33
CA PRO A 84 -2.08 -13.82 -25.64
C PRO A 84 -3.51 -13.99 -25.09
N LYS A 85 -4.22 -15.04 -25.53
CA LYS A 85 -5.59 -15.26 -25.12
C LYS A 85 -5.71 -15.54 -23.63
N LYS A 86 -4.82 -16.39 -23.13
CA LYS A 86 -4.78 -16.84 -21.74
C LYS A 86 -3.94 -15.86 -20.93
N ARG A 87 -4.58 -14.83 -20.40
CA ARG A 87 -3.85 -13.70 -19.87
C ARG A 87 -3.08 -14.01 -18.60
N GLN A 88 -3.66 -14.87 -17.78
CA GLN A 88 -3.09 -15.18 -16.46
C GLN A 88 -1.71 -15.85 -16.52
N GLU A 89 -1.35 -16.41 -17.69
CA GLU A 89 0.01 -16.92 -17.95
C GLU A 89 1.10 -15.89 -17.71
N LEU A 90 0.88 -14.67 -18.19
CA LEU A 90 1.85 -13.58 -18.09
C LEU A 90 1.48 -12.48 -17.09
N MET A 91 0.20 -12.43 -16.72
CA MET A 91 -0.30 -11.34 -15.92
C MET A 91 -0.95 -11.83 -14.63
N LYS A 92 -0.95 -10.96 -13.62
CA LYS A 92 -1.43 -11.34 -12.31
C LYS A 92 -2.92 -11.51 -12.42
N TRP A 93 -3.45 -12.58 -11.86
CA TRP A 93 -4.90 -12.81 -11.95
C TRP A 93 -5.64 -12.05 -10.84
N ASN A 94 -4.89 -11.59 -9.86
CA ASN A 94 -5.49 -10.91 -8.70
C ASN A 94 -4.85 -9.55 -8.50
N GLY A 95 -4.32 -8.97 -9.56
CA GLY A 95 -3.75 -7.65 -9.45
C GLY A 95 -3.17 -7.09 -10.70
N TRP A 96 -2.44 -6.00 -10.50
CA TRP A 96 -1.92 -5.21 -11.58
C TRP A 96 -0.72 -5.81 -12.27
N GLY A 97 -0.71 -5.73 -13.60
CA GLY A 97 0.52 -5.91 -14.36
C GLY A 97 1.02 -7.32 -14.51
N TYR A 98 2.33 -7.45 -14.69
CA TYR A 98 2.93 -8.71 -15.05
C TYR A 98 3.20 -9.56 -13.84
N ASN A 99 3.19 -10.86 -14.07
CA ASN A 99 3.47 -11.89 -13.09
C ASN A 99 4.84 -11.82 -12.52
N ASP A 100 5.81 -11.40 -13.33
CA ASP A 100 7.21 -11.33 -12.92
C ASP A 100 7.58 -10.05 -12.19
N SER A 101 6.61 -9.17 -11.95
CA SER A 101 6.89 -7.89 -11.34
C SER A 101 6.06 -7.66 -10.10
N LYS A 102 6.68 -7.85 -8.95
CA LYS A 102 6.06 -7.53 -7.65
C LYS A 102 7.10 -7.06 -6.65
N PHE A 103 6.64 -6.37 -5.61
CA PHE A 103 7.49 -5.96 -4.55
C PHE A 103 7.75 -7.09 -3.57
N PHE A 104 8.94 -7.10 -2.97
CA PHE A 104 9.24 -8.09 -1.93
C PHE A 104 10.39 -7.64 -1.02
N LEU A 105 10.56 -8.38 0.08
CA LEU A 105 11.66 -8.15 0.98
C LEU A 105 12.84 -8.97 0.52
N ASN A 106 13.91 -8.29 0.17
CA ASN A 106 15.13 -8.96 -0.22
C ASN A 106 15.90 -9.42 1.02
N LYS A 107 17.03 -10.04 0.77
CA LYS A 107 17.86 -10.63 1.80
C LYS A 107 18.50 -9.62 2.76
N LYS A 108 18.51 -8.33 2.40
CA LYS A 108 18.95 -7.29 3.33
C LYS A 108 17.75 -6.71 4.06
N GLY A 109 16.57 -7.33 3.84
CA GLY A 109 15.32 -6.87 4.42
C GLY A 109 14.77 -5.55 3.86
N GLN A 110 15.09 -5.26 2.60
CA GLN A 110 14.69 -4.03 1.94
C GLN A 110 13.68 -4.34 0.81
N LEU A 111 12.70 -3.45 0.64
CA LEU A 111 11.77 -3.52 -0.47
C LEU A 111 12.47 -3.43 -1.83
N GLU A 112 12.08 -4.31 -2.74
CA GLU A 112 12.65 -4.44 -4.08
C GLU A 112 11.61 -5.10 -5.00
N LEU A 113 11.62 -4.72 -6.29
CA LEU A 113 10.79 -5.30 -7.36
C LEU A 113 11.49 -6.47 -8.05
N THR A 114 10.78 -7.56 -8.22
CA THR A 114 11.36 -8.74 -8.87
C THR A 114 11.43 -8.50 -10.36
N GLY A 115 12.18 -9.31 -11.08
CA GLY A 115 12.04 -9.31 -12.52
C GLY A 115 12.92 -8.27 -13.15
N LYS A 116 12.63 -7.93 -14.41
CA LYS A 116 13.54 -7.09 -15.18
C LYS A 116 12.90 -6.02 -16.04
N ARG A 117 11.56 -5.94 -16.03
CA ARG A 117 10.85 -5.08 -16.99
C ARG A 117 11.12 -3.61 -16.85
N TYR A 118 11.27 -3.13 -15.62
CA TYR A 118 11.31 -1.72 -15.35
C TYR A 118 12.70 -1.27 -14.93
N PRO A 119 12.98 0.04 -15.04
CA PRO A 119 14.28 0.58 -14.62
C PRO A 119 14.54 0.38 -13.13
N LEU A 120 13.46 0.39 -12.34
CA LEU A 120 13.51 0.05 -10.93
C LEU A 120 13.53 -1.46 -10.62
N SER A 121 13.11 -2.30 -11.57
CA SER A 121 13.22 -3.75 -11.39
C SER A 121 14.63 -4.19 -10.98
N GLY A 122 14.74 -4.99 -9.92
CA GLY A 122 16.02 -5.44 -9.38
C GLY A 122 16.85 -4.36 -8.67
N VAL A 123 16.21 -3.24 -8.31
CA VAL A 123 16.88 -2.19 -7.57
C VAL A 123 16.30 -2.10 -6.17
N ALA A 124 17.21 -2.24 -5.21
CA ALA A 124 16.93 -2.13 -3.79
C ALA A 124 16.62 -0.69 -3.43
N LEU A 125 15.64 -0.55 -2.56
CA LEU A 125 15.10 0.71 -2.13
C LEU A 125 15.14 0.72 -0.59
N PRO A 126 16.30 1.09 -0.03
CA PRO A 126 16.61 1.05 1.39
C PRO A 126 15.61 1.80 2.28
N THR A 127 15.09 2.93 1.77
CA THR A 127 14.39 3.89 2.61
C THR A 127 12.89 3.71 2.48
N PHE A 128 12.47 2.84 1.57
CA PHE A 128 11.05 2.67 1.29
C PHE A 128 10.28 2.18 2.52
N LYS A 129 10.87 1.18 3.21
CA LYS A 129 10.26 0.51 4.35
C LYS A 129 9.97 1.50 5.46
N ASP A 130 10.96 2.30 5.81
CA ASP A 130 10.77 3.35 6.80
C ASP A 130 9.61 4.25 6.43
N TRP A 131 9.57 4.68 5.17
CA TRP A 131 8.53 5.56 4.75
C TRP A 131 7.19 4.88 4.92
N ILE A 132 7.07 3.63 4.48
CA ILE A 132 5.84 2.91 4.66
C ILE A 132 5.50 2.95 6.15
N GLN A 133 6.46 2.58 6.99
CA GLN A 133 6.28 2.58 8.44
C GLN A 133 5.92 3.95 9.03
N ASN A 134 6.72 4.98 8.75
CA ASN A 134 6.41 6.33 9.20
C ASN A 134 5.05 6.85 8.71
N THR A 135 4.67 6.45 7.50
CA THR A 135 3.48 7.02 6.92
C THR A 135 2.23 6.21 7.29
N PHE A 136 2.39 4.92 7.59
CA PHE A 136 1.23 4.05 7.77
C PHE A 136 1.03 3.42 9.16
N GLY A 137 2.08 3.47 9.99
CA GLY A 137 2.06 2.88 11.33
C GLY A 137 1.87 1.38 11.34
N ILE A 138 2.57 0.69 10.43
CA ILE A 138 2.74 -0.75 10.50
C ILE A 138 4.21 -1.07 10.44
N ASN A 139 4.63 -2.08 11.19
CA ASN A 139 6.04 -2.44 11.27
C ASN A 139 6.56 -3.12 10.01
N LEU A 140 5.63 -3.63 9.18
CA LEU A 140 5.94 -4.36 7.95
C LEU A 140 6.35 -5.84 8.18
N ASP A 141 6.12 -6.32 9.40
CA ASP A 141 6.36 -7.72 9.68
C ASP A 141 5.09 -8.58 9.56
N HIS A 142 3.94 -7.93 9.33
CA HIS A 142 2.66 -8.63 9.38
C HIS A 142 1.86 -8.65 8.08
N LYS A 143 1.82 -9.85 7.49
CA LYS A 143 1.25 -10.06 6.16
C LYS A 143 -0.26 -10.37 6.18
N THR A 144 -0.67 -11.25 5.26
CA THR A 144 -2.06 -11.59 4.95
C THR A 144 -2.18 -12.00 3.47
N ASP A 154 -19.19 -23.08 -6.81
CA ASP A 154 -18.01 -22.31 -6.39
C ASP A 154 -17.84 -21.03 -7.29
N THR A 155 -17.43 -21.23 -8.54
CA THR A 155 -17.53 -20.19 -9.56
C THR A 155 -18.79 -20.48 -10.37
N PRO A 156 -19.57 -19.44 -10.71
CA PRO A 156 -20.79 -19.61 -11.49
C PRO A 156 -20.64 -20.52 -12.74
N PRO A 157 -21.67 -21.32 -13.05
CA PRO A 157 -21.60 -22.17 -14.23
C PRO A 157 -21.68 -21.34 -15.53
N SER A 158 -21.17 -21.90 -16.61
CA SER A 158 -21.30 -21.25 -17.90
C SER A 158 -22.67 -21.60 -18.49
N ILE A 159 -23.55 -20.62 -18.56
CA ILE A 159 -24.88 -20.81 -19.16
C ILE A 159 -24.90 -20.31 -20.61
N VAL A 160 -24.96 -21.24 -21.57
CA VAL A 160 -24.92 -20.87 -23.01
C VAL A 160 -25.82 -21.76 -23.88
N ASN A 161 -26.64 -21.12 -24.72
CA ASN A 161 -27.55 -21.75 -25.68
C ASN A 161 -26.78 -22.58 -26.67
N GLU A 162 -27.21 -23.82 -26.84
CA GLU A 162 -26.54 -24.82 -27.66
C GLU A 162 -26.52 -24.50 -29.16
N ASP A 163 -27.58 -23.89 -29.66
CA ASP A 163 -27.66 -23.56 -31.09
C ASP A 163 -26.82 -22.34 -31.49
N PHE A 164 -26.82 -21.32 -30.62
CA PHE A 164 -25.87 -20.21 -30.72
C PHE A 164 -24.47 -20.81 -30.79
N LEU A 165 -24.15 -21.66 -29.82
CA LEU A 165 -22.85 -22.25 -29.72
C LEU A 165 -22.47 -23.03 -31.00
N HIS A 166 -23.45 -23.70 -31.60
CA HIS A 166 -23.28 -24.43 -32.84
C HIS A 166 -22.99 -23.48 -33.99
N GLU A 167 -23.68 -22.35 -34.03
CA GLU A 167 -23.41 -21.33 -35.05
C GLU A 167 -22.06 -20.63 -34.87
N LEU A 168 -21.64 -20.47 -33.62
CA LEU A 168 -20.34 -19.90 -33.32
C LEU A 168 -19.16 -20.77 -33.76
N LYS A 169 -19.39 -22.08 -33.77
CA LYS A 169 -18.36 -23.02 -34.19
C LYS A 169 -18.10 -22.90 -35.68
N LYS A 170 -19.13 -22.56 -36.45
CA LYS A 170 -18.98 -22.39 -37.89
C LYS A 170 -18.17 -21.15 -38.28
N THR A 171 -18.09 -20.15 -37.39
CA THR A 171 -17.36 -18.91 -37.69
C THR A 171 -15.87 -19.09 -37.57
N ASN A 172 -15.45 -20.00 -36.69
CA ASN A 172 -14.03 -20.23 -36.39
C ASN A 172 -13.40 -19.18 -35.48
N ILE A 173 -14.27 -18.41 -34.85
CA ILE A 173 -13.89 -17.45 -33.85
C ILE A 173 -13.55 -18.22 -32.57
N SER A 174 -12.34 -18.00 -32.06
CA SER A 174 -11.92 -18.58 -30.79
C SER A 174 -12.83 -18.19 -29.63
N TYR A 175 -13.18 -19.15 -28.79
CA TYR A 175 -13.98 -18.87 -27.59
C TYR A 175 -13.55 -19.71 -26.39
N SER A 176 -13.98 -19.33 -25.19
CA SER A 176 -13.71 -20.12 -24.00
C SER A 176 -14.85 -19.97 -22.98
N GLN A 177 -15.11 -21.04 -22.24
CA GLN A 177 -16.09 -21.02 -21.16
C GLN A 177 -15.40 -21.40 -19.85
N GLU A 178 -14.07 -21.56 -19.92
CA GLU A 178 -13.23 -21.82 -18.77
C GLU A 178 -13.39 -20.73 -17.75
N ALA A 179 -13.39 -21.14 -16.50
CA ALA A 179 -13.61 -20.21 -15.40
C ALA A 179 -12.53 -19.15 -15.32
N ASP A 180 -11.26 -19.53 -15.45
CA ASP A 180 -10.22 -18.53 -15.26
C ASP A 180 -10.21 -17.46 -16.38
N ASP A 181 -10.45 -17.85 -17.62
CA ASP A 181 -10.70 -16.85 -18.67
C ASP A 181 -11.84 -15.86 -18.37
N ARG A 182 -12.93 -16.36 -17.78
CA ARG A 182 -14.12 -15.56 -17.51
C ARG A 182 -13.95 -14.64 -16.31
N VAL A 183 -13.36 -15.18 -15.25
CA VAL A 183 -13.07 -14.43 -14.04
C VAL A 183 -12.08 -13.31 -14.32
N PHE A 184 -11.10 -13.57 -15.19
CA PHE A 184 -10.12 -12.55 -15.54
C PHE A 184 -10.81 -11.34 -16.12
N ARG A 185 -11.86 -11.57 -16.90
CA ARG A 185 -12.48 -10.54 -17.68
C ARG A 185 -13.68 -10.01 -16.98
N ALA A 186 -13.82 -10.35 -15.71
CA ALA A 186 -14.97 -9.88 -14.97
C ALA A 186 -14.72 -8.61 -14.16
N HIS A 187 -13.54 -8.00 -14.30
CA HIS A 187 -13.23 -6.83 -13.49
C HIS A 187 -12.21 -5.95 -14.17
N GLY A 188 -12.11 -4.71 -13.64
CA GLY A 188 -11.04 -3.75 -13.91
C GLY A 188 -10.12 -3.64 -12.68
N HIS A 189 -9.70 -2.42 -12.36
CA HIS A 189 -8.70 -2.23 -11.32
C HIS A 189 -9.04 -1.26 -10.21
N CYS A 190 -10.31 -1.22 -9.85
CA CYS A 190 -10.75 -0.54 -8.66
C CYS A 190 -10.36 -1.38 -7.44
N LEU A 191 -10.08 -0.70 -6.32
CA LEU A 191 -9.74 -1.33 -5.06
C LEU A 191 -10.73 -2.42 -4.70
N HIS A 192 -12.00 -2.05 -4.76
CA HIS A 192 -13.08 -2.97 -4.44
C HIS A 192 -13.07 -4.27 -5.25
N GLU A 193 -12.76 -4.19 -6.53
CA GLU A 193 -12.76 -5.37 -7.36
C GLU A 193 -11.61 -6.29 -6.98
N ILE A 194 -10.45 -5.68 -6.74
CA ILE A 194 -9.24 -6.42 -6.42
C ILE A 194 -9.45 -7.11 -5.08
N PHE A 195 -10.03 -6.37 -4.15
CA PHE A 195 -10.28 -6.90 -2.83
C PHE A 195 -11.06 -8.17 -2.96
N LEU A 196 -12.15 -8.10 -3.70
CA LEU A 196 -12.99 -9.25 -3.99
C LEU A 196 -12.24 -10.45 -4.56
N LEU A 197 -11.41 -10.21 -5.58
CA LEU A 197 -10.60 -11.28 -6.18
C LEU A 197 -9.69 -11.98 -5.17
N ARG A 198 -9.21 -11.23 -4.20
CA ARG A 198 -8.33 -11.78 -3.17
C ARG A 198 -9.07 -12.52 -2.07
N GLU A 199 -10.32 -12.16 -1.82
CA GLU A 199 -11.00 -12.64 -0.61
C GLU A 199 -12.37 -13.23 -0.83
N GLY A 200 -12.84 -13.27 -2.07
CA GLY A 200 -14.18 -13.78 -2.33
C GLY A 200 -14.38 -14.22 -3.77
N MET A 201 -15.57 -13.90 -4.28
CA MET A 201 -15.94 -14.12 -5.69
C MET A 201 -17.01 -13.13 -6.15
N PHE A 202 -16.97 -12.81 -7.44
CA PHE A 202 -17.92 -11.90 -8.07
C PHE A 202 -19.32 -12.50 -8.18
N GLU A 203 -20.33 -11.67 -7.96
CA GLU A 203 -21.68 -12.12 -8.10
C GLU A 203 -22.01 -12.66 -9.50
N ARG A 204 -21.31 -12.12 -10.49
CA ARG A 204 -21.64 -12.35 -11.90
C ARG A 204 -20.38 -12.12 -12.72
N ILE A 205 -20.11 -13.09 -13.59
CA ILE A 205 -18.95 -13.07 -14.46
C ILE A 205 -19.43 -13.44 -15.87
N PRO A 206 -18.69 -13.04 -16.94
CA PRO A 206 -19.14 -13.41 -18.29
C PRO A 206 -19.33 -14.92 -18.40
N ASP A 207 -20.25 -15.32 -19.27
CA ASP A 207 -20.53 -16.74 -19.45
C ASP A 207 -19.57 -17.35 -20.49
N ILE A 208 -19.22 -16.55 -21.50
CA ILE A 208 -18.31 -17.02 -22.54
C ILE A 208 -17.37 -15.89 -22.96
N VAL A 209 -16.14 -16.22 -23.32
CA VAL A 209 -15.23 -15.24 -23.89
C VAL A 209 -15.04 -15.49 -25.39
N LEU A 210 -15.12 -14.42 -26.19
CA LEU A 210 -14.85 -14.49 -27.64
C LEU A 210 -13.68 -13.60 -28.06
N TRP A 211 -12.95 -14.04 -29.06
CA TRP A 211 -11.75 -13.33 -29.51
C TRP A 211 -11.80 -13.08 -31.04
N PRO A 212 -12.60 -12.11 -31.49
CA PRO A 212 -12.62 -11.83 -32.91
C PRO A 212 -11.26 -11.26 -33.30
N THR A 213 -10.81 -11.53 -34.52
CA THR A 213 -9.53 -11.03 -35.01
C THR A 213 -9.71 -9.90 -36.04
N CYS A 214 -10.97 -9.59 -36.39
CA CYS A 214 -11.24 -8.55 -37.37
C CYS A 214 -12.60 -7.95 -37.20
N HIS A 215 -12.86 -6.94 -37.99
CA HIS A 215 -14.09 -6.17 -37.93
C HIS A 215 -15.24 -7.07 -38.30
N ASP A 216 -15.13 -7.78 -39.42
CA ASP A 216 -16.20 -8.75 -39.83
C ASP A 216 -16.62 -9.78 -38.78
N ASP A 217 -15.67 -10.29 -38.00
CA ASP A 217 -15.98 -11.13 -36.84
C ASP A 217 -16.88 -10.40 -35.87
N VAL A 218 -16.60 -9.13 -35.64
CA VAL A 218 -17.37 -8.40 -34.66
C VAL A 218 -18.79 -8.25 -35.13
N VAL A 219 -18.96 -7.97 -36.43
CA VAL A 219 -20.26 -7.98 -37.09
C VAL A 219 -20.99 -9.35 -36.96
N LYS A 220 -20.29 -10.44 -37.21
CA LYS A 220 -20.93 -11.76 -36.96
C LYS A 220 -21.39 -11.97 -35.52
N ILE A 221 -20.58 -11.52 -34.58
CA ILE A 221 -20.87 -11.73 -33.18
C ILE A 221 -22.07 -10.88 -32.75
N VAL A 222 -22.10 -9.63 -33.24
CA VAL A 222 -23.22 -8.76 -32.90
C VAL A 222 -24.48 -9.25 -33.58
N ASN A 223 -24.36 -9.75 -34.81
CA ASN A 223 -25.52 -10.37 -35.43
C ASN A 223 -25.98 -11.56 -34.63
N LEU A 224 -25.07 -12.42 -34.22
CA LEU A 224 -25.42 -13.56 -33.37
C LEU A 224 -26.10 -13.21 -32.06
N ALA A 225 -25.76 -12.07 -31.48
CA ALA A 225 -26.33 -11.65 -30.21
C ALA A 225 -27.72 -11.06 -30.39
N CYS A 226 -28.02 -10.50 -31.57
CA CYS A 226 -29.37 -10.05 -31.87
C CYS A 226 -30.24 -11.29 -31.96
N LYS A 227 -29.79 -12.23 -32.79
CA LYS A 227 -30.49 -13.46 -33.04
C LYS A 227 -30.76 -14.25 -31.76
N TYR A 228 -29.78 -14.35 -30.87
CA TYR A 228 -29.96 -15.22 -29.71
C TYR A 228 -30.27 -14.52 -28.40
N ASN A 229 -30.56 -13.24 -28.46
CA ASN A 229 -30.80 -12.46 -27.26
C ASN A 229 -29.66 -12.48 -26.22
N LEU A 230 -28.45 -12.12 -26.68
CA LEU A 230 -27.26 -12.13 -25.84
C LEU A 230 -26.85 -10.73 -25.44
N CYS A 231 -26.03 -10.68 -24.41
CA CYS A 231 -25.54 -9.43 -23.89
C CYS A 231 -24.03 -9.41 -24.13
N ILE A 232 -23.49 -8.25 -24.47
CA ILE A 232 -22.07 -8.14 -24.80
C ILE A 232 -21.41 -7.03 -23.99
N ILE A 233 -20.31 -7.39 -23.34
CA ILE A 233 -19.46 -6.42 -22.72
C ILE A 233 -18.10 -6.51 -23.39
N PRO A 234 -17.69 -5.43 -24.09
CA PRO A 234 -16.36 -5.46 -24.66
C PRO A 234 -15.30 -5.28 -23.59
N ILE A 235 -14.14 -5.90 -23.79
CA ILE A 235 -12.98 -5.66 -22.98
C ILE A 235 -11.76 -5.54 -23.85
N GLY A 236 -10.90 -4.57 -23.57
CA GLY A 236 -9.59 -4.51 -24.18
C GLY A 236 -8.55 -4.82 -23.10
N GLY A 237 -7.98 -3.77 -22.49
CA GLY A 237 -6.89 -4.03 -21.56
C GLY A 237 -7.35 -4.54 -20.21
N GLY A 238 -8.65 -4.42 -19.94
CA GLY A 238 -9.21 -4.63 -18.59
C GLY A 238 -8.66 -3.69 -17.50
N THR A 239 -8.34 -2.45 -17.87
CA THR A 239 -7.72 -1.56 -16.90
C THR A 239 -8.69 -0.51 -16.41
N SER A 240 -9.97 -0.70 -16.68
CA SER A 240 -10.99 0.21 -16.20
C SER A 240 -10.88 0.44 -14.70
N VAL A 241 -11.05 1.68 -14.29
CA VAL A 241 -11.04 1.99 -12.88
C VAL A 241 -12.37 2.65 -12.46
N SER A 242 -13.49 2.22 -13.07
CA SER A 242 -14.84 2.79 -12.81
C SER A 242 -15.98 1.72 -12.68
N TYR A 243 -15.58 0.47 -12.62
CA TYR A 243 -16.51 -0.68 -12.70
C TYR A 243 -17.07 -0.83 -14.08
N GLY A 244 -16.36 -0.27 -15.05
CA GLY A 244 -16.83 -0.22 -16.43
C GLY A 244 -17.09 -1.60 -16.99
N LEU A 245 -16.39 -2.61 -16.47
CA LEU A 245 -16.45 -4.00 -16.95
C LEU A 245 -17.29 -4.95 -16.06
N MET A 246 -17.77 -4.45 -14.94
CA MET A 246 -18.44 -5.31 -13.98
C MET A 246 -19.78 -5.76 -14.55
N CYS A 247 -20.07 -7.05 -14.47
CA CYS A 247 -21.32 -7.59 -14.99
C CYS A 247 -22.44 -7.33 -13.97
N PRO A 248 -23.56 -6.76 -14.42
CA PRO A 248 -24.62 -6.51 -13.46
C PRO A 248 -25.14 -7.81 -12.89
N ALA A 249 -25.43 -7.81 -11.60
CA ALA A 249 -25.83 -9.06 -10.93
C ALA A 249 -27.13 -9.64 -11.48
N ASP A 250 -28.09 -8.78 -11.80
CA ASP A 250 -29.35 -9.31 -12.27
C ASP A 250 -29.45 -9.52 -13.77
N GLU A 251 -28.35 -9.42 -14.49
CA GLU A 251 -28.38 -9.67 -15.94
C GLU A 251 -28.53 -11.16 -16.19
N THR A 252 -29.68 -11.53 -16.75
CA THR A 252 -30.05 -12.93 -16.88
C THR A 252 -29.64 -13.55 -18.22
N ARG A 253 -29.56 -12.74 -19.26
CA ARG A 253 -29.05 -13.25 -20.53
C ARG A 253 -27.59 -13.77 -20.39
N THR A 254 -27.20 -14.68 -21.29
CA THR A 254 -25.80 -15.01 -21.57
C THR A 254 -24.95 -13.74 -21.85
N ILE A 255 -23.90 -13.59 -21.07
CA ILE A 255 -22.96 -12.49 -21.23
C ILE A 255 -21.75 -12.96 -22.03
N ILE A 256 -21.51 -12.24 -23.12
CA ILE A 256 -20.31 -12.44 -23.90
C ILE A 256 -19.27 -11.38 -23.51
N SER A 257 -18.13 -11.82 -23.04
CA SER A 257 -17.01 -10.92 -22.94
C SER A 257 -16.34 -10.92 -24.30
N LEU A 258 -16.51 -9.84 -25.04
CA LEU A 258 -15.93 -9.70 -26.36
C LEU A 258 -14.57 -9.02 -26.19
N ASP A 259 -13.54 -9.86 -26.29
CA ASP A 259 -12.16 -9.50 -26.07
C ASP A 259 -11.54 -9.04 -27.39
N THR A 260 -10.97 -7.83 -27.39
CA THR A 260 -10.46 -7.22 -28.62
C THR A 260 -8.96 -7.41 -28.76
N SER A 261 -8.35 -8.09 -27.81
CA SER A 261 -6.90 -8.24 -27.82
C SER A 261 -6.29 -8.89 -29.09
N GLN A 262 -7.05 -9.71 -29.80
CA GLN A 262 -6.53 -10.34 -31.03
C GLN A 262 -6.79 -9.48 -32.28
N MET A 263 -7.47 -8.34 -32.09
CA MET A 263 -7.66 -7.36 -33.14
C MET A 263 -6.68 -6.18 -32.94
N ASN A 264 -5.45 -6.33 -33.42
CA ASN A 264 -4.41 -5.42 -33.02
C ASN A 264 -3.46 -4.98 -34.10
N ARG A 265 -3.89 -5.02 -35.34
CA ARG A 265 -2.92 -4.67 -36.36
C ARG A 265 -2.90 -3.22 -36.70
N ILE A 266 -1.80 -2.78 -37.27
CA ILE A 266 -1.76 -1.49 -37.90
C ILE A 266 -2.13 -1.73 -39.37
N LEU A 267 -3.31 -1.27 -39.79
CA LEU A 267 -3.79 -1.52 -41.13
C LEU A 267 -3.11 -0.67 -42.21
N TRP A 268 -2.72 0.57 -41.86
CA TRP A 268 -1.89 1.40 -42.75
C TRP A 268 -1.32 2.58 -41.99
N VAL A 269 -0.07 2.93 -42.34
CA VAL A 269 0.60 4.15 -41.86
C VAL A 269 0.65 5.14 -43.01
N ASP A 270 -0.07 6.24 -42.93
CA ASP A 270 -0.08 7.20 -44.05
C ASP A 270 0.89 8.35 -43.77
N GLU A 271 2.00 8.38 -44.49
CA GLU A 271 3.04 9.39 -44.22
C GLU A 271 2.78 10.76 -44.82
N ASN A 272 1.97 10.85 -45.87
CA ASN A 272 1.64 12.14 -46.41
C ASN A 272 0.74 12.89 -45.42
N ASN A 273 -0.17 12.14 -44.79
CA ASN A 273 -1.23 12.71 -43.99
C ASN A 273 -0.92 12.65 -42.51
N LEU A 274 0.12 11.87 -42.16
CA LEU A 274 0.57 11.64 -40.75
C LEU A 274 -0.58 11.05 -39.97
N THR A 275 -1.12 9.93 -40.46
CA THR A 275 -2.15 9.23 -39.72
C THR A 275 -1.89 7.75 -39.80
N ALA A 276 -2.35 7.01 -38.81
CA ALA A 276 -2.28 5.53 -38.82
C ALA A 276 -3.66 4.99 -38.63
N HIS A 277 -4.01 3.96 -39.40
CA HIS A 277 -5.31 3.32 -39.21
C HIS A 277 -5.11 2.01 -38.48
N VAL A 278 -5.74 1.83 -37.33
CA VAL A 278 -5.43 0.65 -36.52
C VAL A 278 -6.69 -0.12 -36.07
N GLU A 279 -6.51 -1.37 -35.67
CA GLU A 279 -7.59 -2.09 -35.08
C GLU A 279 -7.70 -1.71 -33.59
N ALA A 280 -8.92 -1.73 -33.05
CA ALA A 280 -9.17 -1.10 -31.75
C ALA A 280 -8.52 -1.79 -30.57
N GLY A 281 -8.03 -2.99 -30.76
CA GLY A 281 -7.57 -3.82 -29.65
C GLY A 281 -6.09 -3.70 -29.38
N ILE A 282 -5.40 -2.92 -30.20
CA ILE A 282 -3.95 -2.76 -30.05
C ILE A 282 -3.65 -1.91 -28.81
N THR A 283 -2.59 -2.23 -28.08
CA THR A 283 -2.26 -1.51 -26.86
C THR A 283 -1.38 -0.33 -27.15
N GLY A 284 -1.36 0.65 -26.25
CA GLY A 284 -0.39 1.74 -26.33
C GLY A 284 1.04 1.26 -26.59
N GLN A 285 1.50 0.30 -25.79
CA GLN A 285 2.87 -0.11 -25.87
C GLN A 285 3.24 -0.65 -27.25
N GLU A 286 2.37 -1.51 -27.79
CA GLU A 286 2.60 -2.20 -29.03
C GLU A 286 2.39 -1.24 -30.22
N LEU A 287 1.46 -0.31 -30.05
CA LEU A 287 1.22 0.68 -31.08
C LEU A 287 2.48 1.53 -31.26
N GLU A 288 3.07 2.02 -30.16
CA GLU A 288 4.21 2.89 -30.30
C GLU A 288 5.41 2.10 -30.78
N ARG A 289 5.53 0.85 -30.33
CA ARG A 289 6.70 0.07 -30.67
C ARG A 289 6.70 -0.07 -32.17
N GLN A 290 5.53 -0.37 -32.73
CA GLN A 290 5.45 -0.60 -34.16
C GLN A 290 5.58 0.64 -35.04
N LEU A 291 5.14 1.77 -34.53
CA LEU A 291 5.29 3.00 -35.27
C LEU A 291 6.73 3.45 -35.29
N LYS A 292 7.40 3.28 -34.16
CA LYS A 292 8.80 3.64 -33.99
C LYS A 292 9.72 3.02 -35.09
N GLU A 293 9.36 1.82 -35.56
CA GLU A 293 10.17 1.14 -36.57
C GLU A 293 10.04 1.83 -37.90
N SER A 294 9.04 2.69 -38.03
CA SER A 294 8.91 3.47 -39.26
C SER A 294 9.30 4.94 -39.09
N GLY A 295 9.69 5.29 -37.86
CA GLY A 295 10.06 6.67 -37.52
C GLY A 295 8.98 7.49 -36.83
N TYR A 296 7.90 6.85 -36.39
CA TYR A 296 6.72 7.56 -35.87
C TYR A 296 6.29 7.26 -34.42
N CYS A 297 5.36 8.07 -33.92
CA CYS A 297 4.71 7.78 -32.65
C CYS A 297 3.35 8.50 -32.62
N THR A 298 2.48 8.10 -31.68
CA THR A 298 1.28 8.85 -31.39
C THR A 298 1.53 9.76 -30.19
N GLY A 299 2.31 9.30 -29.20
CA GLY A 299 2.58 10.16 -28.03
C GLY A 299 1.41 10.22 -27.05
N HIS A 300 0.43 9.34 -27.26
CA HIS A 300 -0.60 9.14 -26.30
C HIS A 300 -0.06 8.14 -25.26
N GLU A 301 0.21 8.63 -24.06
CA GLU A 301 0.81 7.78 -23.04
C GLU A 301 0.11 7.90 -21.70
N PRO A 302 -1.04 7.25 -21.58
CA PRO A 302 -1.72 7.17 -20.29
C PRO A 302 -0.89 6.20 -19.47
N ASP A 303 -1.05 6.20 -18.15
CA ASP A 303 -0.17 5.35 -17.35
C ASP A 303 -0.40 3.88 -17.53
N SER A 304 -1.48 3.54 -18.23
CA SER A 304 -1.84 2.15 -18.40
C SER A 304 -1.54 1.70 -19.79
N LEU A 305 -0.72 2.45 -20.51
CA LEU A 305 -0.43 2.16 -21.92
C LEU A 305 0.05 0.75 -22.26
N GLU A 306 0.60 0.02 -21.27
CA GLU A 306 1.12 -1.30 -21.48
C GLU A 306 -0.01 -2.23 -21.76
N PHE A 307 -1.20 -1.92 -21.20
CA PHE A 307 -2.38 -2.78 -21.43
C PHE A 307 -3.57 -2.08 -22.10
N SER A 308 -3.74 -0.79 -21.85
CA SER A 308 -4.94 -0.14 -22.28
C SER A 308 -4.95 0.01 -23.79
N THR A 309 -6.12 0.11 -24.40
CA THR A 309 -6.14 0.00 -25.86
C THR A 309 -6.81 1.19 -26.56
N VAL A 310 -6.59 1.29 -27.86
CA VAL A 310 -7.19 2.33 -28.68
C VAL A 310 -8.71 2.36 -28.49
N GLY A 311 -9.37 1.21 -28.61
CA GLY A 311 -10.82 1.15 -28.44
C GLY A 311 -11.22 1.59 -27.04
N GLY A 312 -10.45 1.13 -26.05
CA GLY A 312 -10.67 1.52 -24.69
C GLY A 312 -10.53 3.01 -24.50
N TRP A 313 -9.53 3.63 -25.17
CA TRP A 313 -9.23 5.06 -24.93
C TRP A 313 -10.36 5.89 -25.44
N ILE A 314 -10.92 5.42 -26.56
CA ILE A 314 -11.98 6.12 -27.24
C ILE A 314 -13.23 5.97 -26.44
N SER A 315 -13.43 4.79 -25.85
CA SER A 315 -14.63 4.58 -25.01
C SER A 315 -14.63 5.41 -23.74
N THR A 316 -13.46 5.66 -23.17
CA THR A 316 -13.44 6.28 -21.86
C THR A 316 -12.99 7.71 -21.92
N ARG A 317 -12.79 8.22 -23.13
CA ARG A 317 -12.15 9.55 -23.28
C ARG A 317 -10.79 9.59 -22.52
N ALA A 318 -9.84 8.74 -22.92
CA ALA A 318 -8.59 8.66 -22.21
C ALA A 318 -7.73 9.93 -22.38
N SER A 319 -6.89 10.22 -21.39
CA SER A 319 -5.96 11.36 -21.44
C SER A 319 -4.56 10.85 -21.18
N GLY A 320 -3.64 11.28 -22.01
CA GLY A 320 -2.26 10.85 -21.91
C GLY A 320 -1.34 11.98 -21.38
N MET A 321 -0.25 11.55 -20.76
CA MET A 321 0.71 12.41 -20.08
C MET A 321 1.29 13.57 -20.95
N LYS A 322 1.42 13.36 -22.25
CA LYS A 322 1.99 14.36 -23.16
C LYS A 322 0.94 14.99 -24.05
N LYS A 323 -0.26 15.14 -23.48
CA LYS A 323 -1.37 15.64 -24.26
C LYS A 323 -1.05 17.05 -24.64
N ASN A 324 -0.17 17.68 -23.88
CA ASN A 324 0.21 19.05 -24.23
C ASN A 324 0.82 19.15 -25.62
N ILE A 325 1.51 18.09 -26.04
CA ILE A 325 2.04 18.06 -27.37
C ILE A 325 1.11 17.36 -28.31
N TYR A 326 0.53 16.25 -27.87
CA TYR A 326 -0.11 15.38 -28.84
C TYR A 326 -1.61 15.44 -28.87
N GLY A 327 -2.22 15.99 -27.81
CA GLY A 327 -3.67 16.06 -27.71
C GLY A 327 -4.10 14.93 -26.86
N ASN A 328 -5.31 15.05 -26.32
CA ASN A 328 -6.02 13.93 -25.71
C ASN A 328 -6.69 13.04 -26.79
N ILE A 329 -7.44 12.02 -26.37
CA ILE A 329 -7.98 11.09 -27.37
C ILE A 329 -8.89 11.79 -28.39
N GLU A 330 -9.67 12.79 -27.96
CA GLU A 330 -10.58 13.50 -28.85
C GLU A 330 -9.86 14.33 -29.92
N ASP A 331 -8.65 14.76 -29.63
CA ASP A 331 -7.82 15.45 -30.58
C ASP A 331 -7.05 14.49 -31.52
N LEU A 332 -6.56 13.37 -30.98
CA LEU A 332 -5.89 12.30 -31.78
C LEU A 332 -6.74 11.55 -32.81
N VAL A 333 -8.02 11.34 -32.55
CA VAL A 333 -8.82 10.51 -33.47
C VAL A 333 -9.38 11.31 -34.67
N VAL A 334 -9.16 10.75 -35.86
CA VAL A 334 -9.47 11.44 -37.10
C VAL A 334 -10.59 10.69 -37.76
N HIS A 335 -10.79 9.42 -37.34
CA HIS A 335 -11.78 8.55 -37.98
C HIS A 335 -11.98 7.26 -37.18
N MET A 336 -13.15 6.67 -37.26
CA MET A 336 -13.39 5.44 -36.52
C MET A 336 -14.45 4.66 -37.23
N LYS A 337 -14.53 3.40 -36.89
CA LYS A 337 -15.50 2.48 -37.47
C LYS A 337 -16.08 1.73 -36.29
N VAL A 338 -17.42 1.72 -36.16
CA VAL A 338 -18.06 1.19 -34.93
C VAL A 338 -19.10 0.20 -35.33
N VAL A 339 -19.18 -0.94 -34.64
CA VAL A 339 -20.23 -1.93 -34.93
C VAL A 339 -21.36 -1.90 -33.92
N THR A 340 -22.56 -1.57 -34.36
CA THR A 340 -23.68 -1.51 -33.43
C THR A 340 -24.77 -2.48 -33.90
N PRO A 341 -25.73 -2.85 -33.00
CA PRO A 341 -26.85 -3.70 -33.39
C PRO A 341 -27.64 -3.11 -34.56
N ARG A 342 -27.65 -1.77 -34.67
CA ARG A 342 -28.29 -1.13 -35.82
C ARG A 342 -27.55 -1.10 -37.14
N GLY A 343 -26.24 -1.41 -37.07
CA GLY A 343 -25.36 -1.35 -38.21
C GLY A 343 -24.10 -0.59 -37.84
N VAL A 344 -23.38 -0.17 -38.86
CA VAL A 344 -22.00 0.20 -38.71
C VAL A 344 -21.80 1.68 -38.82
N ILE A 345 -21.23 2.29 -37.79
CA ILE A 345 -21.01 3.74 -37.84
C ILE A 345 -19.66 4.07 -38.42
N GLU A 346 -19.65 4.90 -39.47
CA GLU A 346 -18.43 5.33 -40.09
C GLU A 346 -18.61 6.56 -41.01
N LYS A 347 -17.82 7.61 -40.81
CA LYS A 347 -17.81 8.71 -41.79
C LYS A 347 -17.25 8.28 -43.14
N SER A 348 -17.68 8.96 -44.20
CA SER A 348 -17.28 8.62 -45.55
C SER A 348 -15.96 9.22 -45.99
N CYS A 349 -15.48 10.27 -45.32
CA CYS A 349 -14.23 10.91 -45.73
C CYS A 349 -13.29 11.10 -44.57
N GLN A 350 -12.03 11.40 -44.87
CA GLN A 350 -11.01 11.50 -43.86
C GLN A 350 -10.50 12.96 -43.67
N GLY A 351 -11.36 13.93 -43.87
CA GLY A 351 -11.02 15.34 -43.64
C GLY A 351 -10.52 15.66 -42.22
N PRO A 352 -9.61 16.61 -42.08
CA PRO A 352 -9.23 17.02 -40.74
C PRO A 352 -10.37 17.66 -39.92
N ARG A 353 -11.33 18.31 -40.55
CA ARG A 353 -12.30 19.04 -39.76
C ARG A 353 -13.50 19.30 -40.60
N MET A 354 -14.67 19.12 -40.00
CA MET A 354 -15.95 19.17 -40.71
C MET A 354 -17.02 20.00 -40.02
N SER A 355 -17.96 20.50 -40.83
CA SER A 355 -19.22 21.02 -40.34
C SER A 355 -20.33 20.28 -41.10
N THR A 356 -20.70 19.11 -40.58
CA THR A 356 -21.72 18.29 -41.17
C THR A 356 -22.61 17.85 -40.04
N GLY A 357 -23.07 18.83 -39.24
CA GLY A 357 -23.95 18.59 -38.12
C GLY A 357 -23.15 18.17 -36.88
N PRO A 358 -23.87 17.79 -35.81
CA PRO A 358 -23.17 17.41 -34.59
C PRO A 358 -22.21 16.28 -34.91
N ASP A 359 -21.05 16.33 -34.33
CA ASP A 359 -20.01 15.40 -34.64
C ASP A 359 -20.26 14.03 -34.00
N ILE A 360 -20.66 13.05 -34.83
CA ILE A 360 -21.00 11.73 -34.30
C ILE A 360 -19.82 11.00 -33.62
N HIS A 361 -18.58 11.39 -33.92
CA HIS A 361 -17.45 10.85 -33.15
C HIS A 361 -17.57 11.08 -31.67
N HIS A 362 -18.13 12.25 -31.34
CA HIS A 362 -18.36 12.60 -29.97
C HIS A 362 -19.52 11.86 -29.28
N PHE A 363 -20.45 11.30 -30.05
CA PHE A 363 -21.41 10.35 -29.53
C PHE A 363 -20.76 9.08 -29.06
N ILE A 364 -19.67 8.67 -29.72
CA ILE A 364 -19.02 7.41 -29.40
C ILE A 364 -17.88 7.57 -28.37
N MET A 365 -17.18 8.70 -28.38
CA MET A 365 -16.18 8.93 -27.36
C MET A 365 -16.89 9.19 -26.06
N GLY A 366 -16.47 8.51 -24.99
CA GLY A 366 -17.12 8.52 -23.71
C GLY A 366 -18.26 7.52 -23.56
N SER A 367 -18.53 6.68 -24.57
CA SER A 367 -19.70 5.74 -24.44
C SER A 367 -19.46 4.49 -23.56
N GLU A 368 -18.22 4.22 -23.17
CA GLU A 368 -17.95 3.21 -22.16
C GLU A 368 -18.62 1.85 -22.39
N GLY A 369 -18.55 1.34 -23.60
CA GLY A 369 -19.08 0.01 -23.93
C GLY A 369 -20.59 -0.11 -24.08
N THR A 370 -21.33 1.01 -24.02
CA THR A 370 -22.81 0.93 -23.96
C THR A 370 -23.54 0.87 -25.28
N LEU A 371 -22.84 1.10 -26.38
CA LEU A 371 -23.46 1.36 -27.70
C LEU A 371 -23.01 0.34 -28.75
N GLY A 372 -21.84 -0.27 -28.59
CA GLY A 372 -21.32 -1.11 -29.65
C GLY A 372 -19.82 -1.25 -29.55
N VAL A 373 -19.19 -1.91 -30.52
CA VAL A 373 -17.75 -2.14 -30.49
C VAL A 373 -17.09 -1.20 -31.48
N ILE A 374 -16.09 -0.45 -31.02
CA ILE A 374 -15.22 0.31 -31.92
C ILE A 374 -14.21 -0.71 -32.44
N THR A 375 -14.11 -0.84 -33.76
CA THR A 375 -13.28 -1.90 -34.33
C THR A 375 -12.01 -1.39 -34.93
N GLU A 376 -12.11 -0.20 -35.55
CA GLU A 376 -11.00 0.44 -36.28
C GLU A 376 -10.94 1.94 -36.00
N ALA A 377 -9.78 2.57 -36.15
CA ALA A 377 -9.68 4.02 -35.86
C ALA A 377 -8.46 4.59 -36.53
N THR A 378 -8.60 5.80 -37.05
CA THR A 378 -7.47 6.54 -37.62
C THR A 378 -6.92 7.53 -36.58
N ILE A 379 -5.63 7.47 -36.32
CA ILE A 379 -4.98 8.32 -35.31
C ILE A 379 -3.90 9.13 -35.93
N LYS A 380 -3.78 10.36 -35.47
CA LYS A 380 -2.61 11.19 -35.77
C LYS A 380 -1.29 10.55 -35.34
N ILE A 381 -0.26 10.73 -36.15
CA ILE A 381 1.06 10.30 -35.73
C ILE A 381 1.96 11.49 -35.93
N ARG A 382 3.12 11.44 -35.29
CA ARG A 382 4.20 12.41 -35.43
C ARG A 382 5.57 11.72 -35.57
N PRO A 383 6.49 12.39 -36.25
CA PRO A 383 7.83 11.86 -36.26
C PRO A 383 8.35 11.72 -34.82
N THR A 384 9.00 10.61 -34.51
CA THR A 384 9.70 10.47 -33.24
C THR A 384 10.51 11.71 -32.87
N PRO A 385 10.34 12.21 -31.63
CA PRO A 385 11.02 13.45 -31.21
C PRO A 385 12.53 13.22 -31.21
N GLU A 386 13.29 14.22 -31.62
CA GLU A 386 14.77 14.13 -31.69
C GLU A 386 15.41 13.87 -30.33
N TYR A 387 14.88 14.55 -29.32
CA TYR A 387 15.49 14.65 -28.03
C TYR A 387 14.46 14.87 -26.93
N GLN A 388 14.70 14.25 -25.77
CA GLN A 388 13.89 14.42 -24.57
C GLN A 388 14.76 14.97 -23.45
N LYS A 389 14.17 15.79 -22.60
CA LYS A 389 14.89 16.33 -21.48
C LYS A 389 13.98 16.44 -20.28
N TYR A 390 14.48 15.99 -19.13
CA TYR A 390 13.77 16.04 -17.88
C TYR A 390 14.31 17.16 -17.03
N GLY A 391 13.47 17.68 -16.14
CA GLY A 391 13.83 18.79 -15.29
C GLY A 391 12.97 18.68 -14.09
N SER A 392 13.22 19.54 -13.12
CA SER A 392 12.38 19.67 -11.97
C SER A 392 12.61 21.03 -11.37
N VAL A 393 11.65 21.47 -10.58
CA VAL A 393 11.70 22.76 -9.91
C VAL A 393 11.08 22.63 -8.53
N ALA A 394 11.77 23.18 -7.51
CA ALA A 394 11.26 23.21 -6.14
C ALA A 394 10.65 24.56 -5.82
N PHE A 395 9.51 24.58 -5.15
CA PHE A 395 8.84 25.86 -4.81
C PHE A 395 8.70 25.99 -3.31
N PRO A 396 8.56 27.23 -2.80
CA PRO A 396 8.42 27.39 -1.35
C PRO A 396 7.24 26.58 -0.79
N ASN A 397 6.11 26.58 -1.49
CA ASN A 397 4.92 25.86 -1.04
C ASN A 397 4.09 25.36 -2.24
N PHE A 398 3.01 24.66 -1.98
CA PHE A 398 2.14 24.22 -3.08
C PHE A 398 1.55 25.39 -3.86
N GLU A 399 1.15 26.44 -3.13
CA GLU A 399 0.37 27.55 -3.67
C GLU A 399 1.16 28.28 -4.71
N GLN A 400 2.41 28.58 -4.40
CA GLN A 400 3.28 29.28 -5.34
C GLN A 400 3.51 28.40 -6.57
N GLY A 401 3.63 27.10 -6.36
CA GLY A 401 3.75 26.14 -7.46
C GLY A 401 2.54 26.20 -8.39
N VAL A 402 1.34 26.24 -7.81
CA VAL A 402 0.13 26.32 -8.60
C VAL A 402 0.16 27.61 -9.42
N ALA A 403 0.47 28.73 -8.76
CA ALA A 403 0.47 30.02 -9.43
C ALA A 403 1.42 30.02 -10.63
N CYS A 404 2.56 29.33 -10.47
CA CYS A 404 3.54 29.19 -11.56
C CYS A 404 2.97 28.34 -12.72
N LEU A 405 2.35 27.19 -12.39
CA LEU A 405 1.70 26.37 -13.40
C LEU A 405 0.64 27.17 -14.21
N ARG A 406 -0.19 27.92 -13.49
CA ARG A 406 -1.18 28.79 -14.06
C ARG A 406 -0.56 29.73 -15.06
N GLU A 407 0.52 30.37 -14.65
CA GLU A 407 1.24 31.35 -15.46
C GLU A 407 1.87 30.72 -16.67
N ILE A 408 2.45 29.53 -16.55
CA ILE A 408 2.95 28.80 -17.68
C ILE A 408 1.82 28.53 -18.71
N ALA A 409 0.62 28.26 -18.23
CA ALA A 409 -0.50 28.01 -19.10
C ALA A 409 -0.99 29.30 -19.75
N LYS A 410 -0.90 30.40 -19.03
CA LYS A 410 -1.31 31.69 -19.57
C LYS A 410 -0.41 32.15 -20.71
N GLN A 411 0.88 31.82 -20.59
CA GLN A 411 1.82 32.12 -21.66
C GLN A 411 1.81 30.98 -22.70
N ARG A 412 1.09 29.90 -22.40
CA ARG A 412 0.93 28.82 -23.35
C ARG A 412 2.26 28.20 -23.74
N CYS A 413 3.10 27.93 -22.75
CA CYS A 413 4.36 27.30 -23.03
C CYS A 413 4.57 26.10 -22.11
N ALA A 414 3.49 25.34 -21.89
CA ALA A 414 3.62 24.13 -21.08
C ALA A 414 4.55 23.17 -21.81
N PRO A 415 5.44 22.54 -21.05
CA PRO A 415 6.31 21.52 -21.57
C PRO A 415 5.43 20.37 -22.03
N ALA A 416 5.98 19.36 -22.68
CA ALA A 416 5.21 18.16 -23.05
C ALA A 416 4.49 17.60 -21.85
N SER A 417 5.11 17.71 -20.68
CA SER A 417 4.47 17.27 -19.47
C SER A 417 4.99 18.13 -18.35
N ILE A 418 4.10 18.47 -17.42
CA ILE A 418 4.51 19.17 -16.21
C ILE A 418 3.62 18.71 -15.09
N HIS A 419 4.21 18.20 -14.03
CA HIS A 419 3.45 17.81 -12.83
C HIS A 419 3.93 18.63 -11.65
N LEU A 420 2.99 19.10 -10.82
CA LEU A 420 3.34 19.73 -9.59
C LEU A 420 2.90 18.83 -8.47
N MET A 421 3.83 18.23 -7.74
CA MET A 421 3.44 17.35 -6.64
C MET A 421 3.51 18.04 -5.28
N ASP A 422 2.59 17.74 -4.38
CA ASP A 422 2.62 18.37 -3.06
C ASP A 422 3.79 17.88 -2.24
N ASN A 423 3.89 18.35 -1.00
CA ASN A 423 5.02 17.98 -0.15
C ASN A 423 5.13 16.51 0.15
N GLN A 424 4.02 15.92 0.56
CA GLN A 424 3.98 14.49 0.85
C GLN A 424 4.50 13.68 -0.33
N GLN A 425 4.10 14.06 -1.54
CA GLN A 425 4.49 13.28 -2.70
C GLN A 425 5.95 13.46 -3.02
N PHE A 426 6.48 14.69 -2.80
CA PHE A 426 7.93 14.98 -2.88
C PHE A 426 8.71 14.06 -1.97
N GLN A 427 8.25 13.99 -0.71
CA GLN A 427 8.89 13.18 0.33
C GLN A 427 8.80 11.73 -0.04
N PHE A 428 7.69 11.31 -0.62
CA PHE A 428 7.56 9.93 -1.02
C PHE A 428 8.61 9.63 -2.06
N GLY A 429 8.70 10.52 -3.06
CA GLY A 429 9.73 10.42 -4.08
C GLY A 429 11.09 10.22 -3.44
N HIS A 430 11.35 10.97 -2.37
CA HIS A 430 12.65 10.92 -1.70
C HIS A 430 13.00 9.56 -1.07
N ALA A 431 12.02 8.92 -0.47
CA ALA A 431 12.13 7.58 0.07
C ALA A 431 12.57 6.50 -0.94
N LEU A 432 12.53 6.81 -2.24
CA LEU A 432 12.81 5.81 -3.26
C LEU A 432 14.19 5.87 -3.91
N LYS A 433 15.11 6.56 -3.23
CA LYS A 433 16.53 6.64 -3.61
C LYS A 433 17.37 5.57 -2.86
N PRO A 434 18.60 5.24 -3.38
CA PRO A 434 19.36 4.05 -2.96
C PRO A 434 20.26 4.21 -1.71
N GLN A 435 20.40 5.44 -1.20
CA GLN A 435 21.34 5.71 -0.11
C GLN A 435 20.80 5.23 1.24
N VAL A 436 21.50 4.28 1.86
CA VAL A 436 21.04 3.67 3.11
C VAL A 436 21.35 4.59 4.29
N SER A 437 20.28 4.99 4.98
CA SER A 437 20.37 5.93 6.10
C SER A 437 20.84 5.21 7.33
N SER A 438 21.27 5.98 8.34
CA SER A 438 21.59 5.43 9.66
C SER A 438 20.30 5.20 10.49
N ILE A 439 20.37 4.19 11.37
CA ILE A 439 19.19 3.66 12.06
C ILE A 439 18.85 4.49 13.31
N PHE A 440 19.76 5.41 13.62
CA PHE A 440 19.58 6.39 14.70
C PHE A 440 19.49 7.82 14.11
N THR A 441 18.75 7.93 13.00
CA THR A 441 18.62 9.17 12.24
C THR A 441 17.32 9.15 11.42
N SER A 442 16.35 9.96 11.87
CA SER A 442 15.08 10.19 11.14
C SER A 442 15.25 10.22 9.61
N GLY A 457 17.07 28.28 0.85
CA GLY A 457 16.56 28.28 2.23
C GLY A 457 15.10 27.90 2.30
N PHE A 458 14.80 26.66 1.91
CA PHE A 458 13.41 26.20 1.88
C PHE A 458 13.06 25.30 3.05
N ASP A 459 11.88 25.55 3.65
CA ASP A 459 11.28 24.68 4.68
C ASP A 459 10.90 23.35 4.01
N PRO A 460 11.37 22.21 4.57
CA PRO A 460 11.38 20.97 3.79
C PRO A 460 10.10 20.12 3.89
N ASN A 461 9.21 20.49 4.79
CA ASN A 461 7.90 19.85 4.87
C ASN A 461 6.82 20.80 4.41
N GLN A 462 7.22 21.86 3.70
CA GLN A 462 6.26 22.72 3.00
C GLN A 462 6.48 22.75 1.49
N LEU A 463 7.73 22.64 1.08
CA LEU A 463 8.08 22.75 -0.33
C LEU A 463 7.36 21.76 -1.24
N SER A 464 7.12 22.20 -2.48
CA SER A 464 6.57 21.38 -3.52
C SER A 464 7.52 21.29 -4.70
N VAL A 465 7.36 20.23 -5.48
CA VAL A 465 8.19 20.04 -6.64
C VAL A 465 7.37 19.87 -7.92
N ALA A 466 7.78 20.55 -8.98
CA ALA A 466 7.19 20.26 -10.27
C ALA A 466 8.22 19.42 -11.04
N THR A 467 7.76 18.39 -11.76
CA THR A 467 8.66 17.62 -12.60
C THR A 467 8.32 17.96 -14.03
N LEU A 468 9.32 17.99 -14.91
CA LEU A 468 9.12 18.49 -16.25
C LEU A 468 9.73 17.54 -17.24
N LEU A 469 9.04 17.39 -18.36
CA LEU A 469 9.58 16.70 -19.48
C LEU A 469 9.32 17.51 -20.76
N PHE A 470 10.42 17.77 -21.51
CA PHE A 470 10.41 18.47 -22.77
C PHE A 470 10.81 17.47 -23.81
N GLU A 471 10.17 17.54 -24.98
CA GLU A 471 10.56 16.75 -26.14
C GLU A 471 10.31 17.44 -27.48
N GLY A 472 11.15 17.13 -28.46
CA GLY A 472 11.11 17.73 -29.76
C GLY A 472 12.51 17.83 -30.30
N ASP A 473 12.67 18.76 -31.25
CA ASP A 473 13.99 19.14 -31.75
C ASP A 473 14.87 19.71 -30.66
N ARG A 474 16.14 19.30 -30.65
CA ARG A 474 17.10 19.70 -29.60
C ARG A 474 17.10 21.18 -29.35
N GLU A 475 17.20 21.94 -30.44
CA GLU A 475 17.25 23.40 -30.39
C GLU A 475 16.01 24.00 -29.79
N LYS A 476 14.84 23.57 -30.26
CA LYS A 476 13.60 24.10 -29.67
C LYS A 476 13.43 23.72 -28.21
N VAL A 477 13.69 22.45 -27.90
CA VAL A 477 13.61 21.94 -26.52
C VAL A 477 14.37 22.84 -25.60
N LEU A 478 15.58 23.22 -26.01
CA LEU A 478 16.48 23.94 -25.13
C LEU A 478 16.06 25.36 -24.88
N GLN A 479 15.61 26.06 -25.93
CA GLN A 479 14.98 27.39 -25.81
C GLN A 479 13.80 27.25 -24.89
N HIS A 480 12.90 26.35 -25.22
CA HIS A 480 11.76 26.07 -24.37
C HIS A 480 12.10 25.82 -22.90
N GLU A 481 13.01 24.88 -22.62
CA GLU A 481 13.40 24.62 -21.25
C GLU A 481 13.79 25.92 -20.56
N LYS A 482 14.61 26.73 -21.23
CA LYS A 482 15.10 27.93 -20.60
C LYS A 482 13.98 28.91 -20.32
N GLN A 483 13.00 28.91 -21.20
CA GLN A 483 11.88 29.84 -21.11
C GLN A 483 10.98 29.55 -19.92
N VAL A 484 10.78 28.26 -19.69
CA VAL A 484 9.97 27.75 -18.60
C VAL A 484 10.61 28.05 -17.26
N TYR A 485 11.93 27.87 -17.15
CA TYR A 485 12.64 28.10 -15.87
C TYR A 485 12.62 29.57 -15.50
N ASP A 486 12.69 30.43 -16.51
CA ASP A 486 12.70 31.84 -16.27
C ASP A 486 11.39 32.23 -15.61
N ILE A 487 10.30 31.70 -16.14
CA ILE A 487 8.98 31.83 -15.52
C ILE A 487 8.93 31.20 -14.11
N ALA A 488 9.25 29.92 -13.97
CA ALA A 488 9.34 29.31 -12.65
C ALA A 488 10.14 30.20 -11.58
N ALA A 489 11.26 30.82 -11.99
CA ALA A 489 12.04 31.67 -11.06
C ALA A 489 11.24 32.82 -10.47
N LYS A 490 10.45 33.52 -11.28
CA LYS A 490 9.51 34.53 -10.76
C LYS A 490 8.55 34.06 -9.65
N PHE A 491 8.49 32.76 -9.38
CA PHE A 491 7.59 32.21 -8.35
C PHE A 491 8.36 31.57 -7.20
N GLY A 492 9.60 31.99 -6.99
CA GLY A 492 10.48 31.35 -6.03
C GLY A 492 11.10 30.02 -6.49
N GLY A 493 10.74 29.54 -7.68
CA GLY A 493 11.24 28.24 -8.15
C GLY A 493 12.73 28.16 -8.42
N LEU A 494 13.37 27.13 -7.86
CA LEU A 494 14.78 26.82 -8.15
C LEU A 494 14.87 25.40 -8.74
N ALA A 495 15.59 25.28 -9.84
CA ALA A 495 15.82 24.02 -10.53
C ALA A 495 16.31 22.95 -9.59
N ALA A 496 15.62 21.83 -9.45
CA ALA A 496 16.06 20.75 -8.60
C ALA A 496 16.71 19.64 -9.43
N GLY A 497 16.92 19.90 -10.71
CA GLY A 497 17.78 19.04 -11.49
C GLY A 497 17.13 17.83 -12.13
N GLU A 498 17.84 17.30 -13.13
CA GLU A 498 17.22 16.45 -14.15
C GLU A 498 17.03 15.03 -13.70
N ASP A 499 17.77 14.66 -12.67
CA ASP A 499 17.72 13.32 -12.15
C ASP A 499 16.43 13.11 -11.36
N ASN A 500 16.01 14.15 -10.62
CA ASN A 500 14.70 14.15 -9.97
C ASN A 500 13.58 14.17 -11.00
N GLY A 501 13.86 14.75 -12.16
CA GLY A 501 12.87 14.82 -13.20
C GLY A 501 12.67 13.43 -13.72
N GLN A 502 13.77 12.83 -14.17
CA GLN A 502 13.74 11.48 -14.75
C GLN A 502 13.14 10.46 -13.79
N ARG A 503 13.54 10.53 -12.52
CA ARG A 503 13.03 9.62 -11.51
C ARG A 503 11.50 9.62 -11.49
N GLY A 504 10.86 10.77 -11.22
CA GLY A 504 9.38 10.84 -11.18
C GLY A 504 8.66 10.20 -12.39
N TYR A 505 9.08 10.62 -13.59
CA TYR A 505 8.55 10.08 -14.85
C TYR A 505 8.78 8.56 -15.05
N LEU A 506 9.74 7.98 -14.35
CA LEU A 506 9.87 6.53 -14.37
C LEU A 506 8.90 5.84 -13.38
N LEU A 507 8.69 6.47 -12.23
CA LEU A 507 7.90 5.89 -11.14
C LEU A 507 6.41 5.79 -11.42
N THR A 508 5.94 6.41 -12.52
CA THR A 508 4.51 6.37 -12.91
C THR A 508 4.02 4.93 -13.14
N TYR A 509 4.84 4.16 -13.85
CA TYR A 509 4.51 2.78 -14.23
C TYR A 509 4.75 1.70 -13.16
N VAL A 510 5.21 2.11 -11.99
CA VAL A 510 5.54 1.15 -10.91
C VAL A 510 4.61 1.37 -9.72
N ILE A 511 4.00 2.54 -9.66
CA ILE A 511 3.02 2.91 -8.63
C ILE A 511 1.86 1.91 -8.50
N ALA A 512 1.34 1.42 -9.63
CA ALA A 512 0.23 0.45 -9.57
C ALA A 512 0.64 -0.88 -8.94
N TYR A 513 1.90 -1.30 -9.09
CA TYR A 513 2.42 -2.48 -8.38
C TYR A 513 2.52 -2.29 -6.88
N MET A 514 2.61 -1.02 -6.45
CA MET A 514 2.70 -0.67 -5.03
C MET A 514 1.42 -0.87 -4.28
N ARG A 515 0.31 -0.76 -4.99
CA ARG A 515 -0.94 -0.95 -4.33
C ARG A 515 -1.06 -2.39 -3.85
N ASP A 516 -0.62 -3.35 -4.66
CA ASP A 516 -0.67 -4.79 -4.28
C ASP A 516 0.14 -5.06 -3.04
N LEU A 517 1.33 -4.46 -2.99
CA LEU A 517 2.21 -4.57 -1.86
C LEU A 517 1.50 -4.11 -0.61
N GLY A 518 0.91 -2.91 -0.66
CA GLY A 518 0.13 -2.35 0.44
C GLY A 518 -0.95 -3.31 0.93
N LEU A 519 -1.71 -3.88 0.00
CA LEU A 519 -2.73 -4.84 0.37
C LEU A 519 -2.19 -6.08 1.10
N GLU A 520 -0.92 -6.42 0.86
CA GLU A 520 -0.30 -7.53 1.58
C GLU A 520 -0.06 -7.18 3.01
N TYR A 521 0.13 -5.91 3.29
CA TYR A 521 0.39 -5.48 4.65
C TYR A 521 -0.74 -4.67 5.24
N TYR A 522 -1.98 -5.01 4.90
CA TYR A 522 -3.15 -4.36 5.46
C TYR A 522 -3.32 -2.88 5.11
N ILE A 523 -2.88 -2.48 3.92
CA ILE A 523 -3.08 -1.11 3.47
C ILE A 523 -3.89 -1.07 2.20
N ILE A 524 -5.01 -0.35 2.24
CA ILE A 524 -5.83 -0.13 1.07
C ILE A 524 -5.61 1.29 0.58
N GLY A 525 -5.43 1.44 -0.73
CA GLY A 525 -5.22 2.75 -1.34
C GLY A 525 -5.78 2.82 -2.74
N GLU A 526 -6.12 4.03 -3.16
CA GLU A 526 -6.68 4.23 -4.47
C GLU A 526 -6.41 5.66 -4.91
N SER A 527 -6.30 5.89 -6.22
CA SER A 527 -6.29 7.23 -6.80
C SER A 527 -7.61 7.65 -7.39
N PHE A 528 -7.80 8.95 -7.47
CA PHE A 528 -8.97 9.50 -8.11
C PHE A 528 -8.63 10.89 -8.58
N GLU A 529 -9.37 11.40 -9.58
CA GLU A 529 -8.96 12.61 -10.22
C GLU A 529 -10.14 13.48 -10.50
N THR A 530 -9.88 14.76 -10.78
CA THR A 530 -10.94 15.67 -11.21
C THR A 530 -10.27 16.73 -12.06
N SER A 531 -11.05 17.49 -12.82
CA SER A 531 -10.55 18.71 -13.43
C SER A 531 -11.26 19.93 -12.82
N ALA A 532 -10.55 21.04 -12.71
CA ALA A 532 -11.17 22.24 -12.10
C ALA A 532 -10.66 23.54 -12.75
N PRO A 533 -11.47 24.60 -12.65
CA PRO A 533 -11.03 25.94 -13.05
C PRO A 533 -9.78 26.33 -12.26
N TRP A 534 -8.92 27.11 -12.87
CA TRP A 534 -7.72 27.57 -12.21
C TRP A 534 -8.01 28.15 -10.86
N ASP A 535 -9.05 28.98 -10.77
CA ASP A 535 -9.29 29.69 -9.52
C ASP A 535 -9.89 28.86 -8.39
N ARG A 536 -10.09 27.57 -8.61
CA ARG A 536 -10.58 26.68 -7.56
C ARG A 536 -9.53 25.67 -7.08
N VAL A 537 -8.43 25.54 -7.82
CA VAL A 537 -7.46 24.45 -7.63
C VAL A 537 -6.88 24.42 -6.22
N VAL A 538 -6.45 25.58 -5.72
CA VAL A 538 -5.81 25.59 -4.44
C VAL A 538 -6.77 25.13 -3.35
N ASP A 539 -7.97 25.71 -3.31
CA ASP A 539 -8.96 25.38 -2.28
C ASP A 539 -9.45 23.93 -2.39
N LEU A 540 -9.66 23.49 -3.64
CA LEU A 540 -10.13 22.13 -3.85
C LEU A 540 -9.11 21.10 -3.26
N CYS A 541 -7.83 21.28 -3.55
CA CYS A 541 -6.80 20.37 -3.05
C CYS A 541 -6.77 20.36 -1.56
N ARG A 542 -6.71 21.55 -0.96
CA ARG A 542 -6.71 21.69 0.50
C ARG A 542 -7.95 21.07 1.18
N ASN A 543 -9.13 21.42 0.68
CA ASN A 543 -10.36 20.92 1.27
C ASN A 543 -10.60 19.44 1.05
N VAL A 544 -10.25 18.92 -0.11
CA VAL A 544 -10.44 17.51 -0.40
C VAL A 544 -9.51 16.65 0.43
N LYS A 545 -8.27 17.09 0.58
CA LYS A 545 -7.34 16.37 1.45
C LYS A 545 -7.81 16.39 2.89
N GLU A 546 -8.29 17.55 3.32
CA GLU A 546 -8.75 17.69 4.71
C GLU A 546 -10.02 16.90 4.94
N ARG A 547 -10.90 16.85 3.94
CA ARG A 547 -12.12 16.05 4.04
C ARG A 547 -11.79 14.57 4.27
N ILE A 548 -10.80 14.07 3.53
CA ILE A 548 -10.36 12.70 3.64
C ILE A 548 -9.89 12.35 5.05
N ARG A 549 -9.12 13.25 5.66
CA ARG A 549 -8.63 13.03 7.03
C ARG A 549 -9.81 13.00 7.98
N ARG A 550 -10.65 14.02 7.92
CA ARG A 550 -11.80 14.10 8.80
C ARG A 550 -12.61 12.80 8.71
N GLU A 551 -12.95 12.38 7.49
CA GLU A 551 -13.75 11.17 7.27
C GLU A 551 -13.17 9.93 7.94
N CYS A 552 -11.86 9.75 7.79
CA CYS A 552 -11.15 8.59 8.29
C CYS A 552 -11.11 8.52 9.79
N LYS A 553 -10.91 9.67 10.43
CA LYS A 553 -10.89 9.75 11.86
C LYS A 553 -12.26 9.40 12.41
N GLU A 554 -13.27 10.07 11.86
CA GLU A 554 -14.67 9.86 12.21
C GLU A 554 -15.19 8.44 11.98
N LYS A 555 -14.55 7.70 11.07
CA LYS A 555 -14.91 6.30 10.83
C LYS A 555 -14.01 5.36 11.61
N GLY A 556 -13.16 5.92 12.46
CA GLY A 556 -12.37 5.15 13.40
C GLY A 556 -11.16 4.52 12.80
N VAL A 557 -10.49 5.24 11.91
CA VAL A 557 -9.15 4.88 11.47
C VAL A 557 -8.21 5.45 12.50
N GLN A 558 -7.30 4.62 13.01
CA GLN A 558 -6.38 5.00 14.07
C GLN A 558 -5.39 6.06 13.61
N PHE A 559 -4.73 5.75 12.51
CA PHE A 559 -3.64 6.54 12.07
C PHE A 559 -4.03 7.41 10.87
N PRO A 560 -3.63 8.71 10.87
CA PRO A 560 -4.04 9.60 9.75
C PRO A 560 -3.73 8.95 8.40
N PRO A 561 -4.65 9.07 7.44
CA PRO A 561 -4.42 8.47 6.15
C PRO A 561 -3.43 9.26 5.33
N LEU A 562 -2.74 8.60 4.41
CA LEU A 562 -2.02 9.30 3.38
C LEU A 562 -3.08 10.02 2.53
N SER A 563 -2.88 11.32 2.35
CA SER A 563 -3.80 12.14 1.57
C SER A 563 -3.01 13.15 0.78
N THR A 564 -2.70 12.79 -0.44
CA THR A 564 -1.77 13.57 -1.22
C THR A 564 -2.37 13.91 -2.59
N CYS A 565 -1.87 14.97 -3.22
CA CYS A 565 -2.37 15.31 -4.55
C CYS A 565 -1.25 15.82 -5.41
N ARG A 566 -1.45 15.70 -6.72
CA ARG A 566 -0.66 16.46 -7.66
C ARG A 566 -1.50 17.04 -8.79
N VAL A 567 -1.00 18.12 -9.38
CA VAL A 567 -1.56 18.65 -10.58
C VAL A 567 -0.87 17.97 -11.78
N THR A 568 -1.63 17.23 -12.59
CA THR A 568 -1.04 16.50 -13.73
C THR A 568 -1.24 17.08 -15.14
N GLN A 569 -2.18 18.01 -15.31
CA GLN A 569 -2.37 18.61 -16.63
C GLN A 569 -2.75 20.04 -16.45
N THR A 570 -2.33 20.88 -17.39
CA THR A 570 -2.69 22.28 -17.46
C THR A 570 -3.45 22.47 -18.72
N TYR A 571 -4.45 23.36 -18.65
CA TYR A 571 -5.21 23.78 -19.85
C TYR A 571 -5.36 25.29 -19.78
N ASP A 572 -5.88 25.87 -20.84
CA ASP A 572 -6.28 27.27 -20.75
C ASP A 572 -7.22 27.49 -19.57
N ALA A 573 -8.28 26.71 -19.48
CA ALA A 573 -9.31 27.01 -18.50
C ALA A 573 -9.14 26.38 -17.10
N GLY A 574 -8.07 25.64 -16.86
CA GLY A 574 -7.96 24.90 -15.62
C GLY A 574 -6.91 23.84 -15.67
N ALA A 575 -7.06 22.87 -14.76
CA ALA A 575 -6.09 21.84 -14.50
C ALA A 575 -6.77 20.52 -14.15
N CYS A 576 -6.04 19.43 -14.36
CA CYS A 576 -6.39 18.13 -13.82
C CYS A 576 -5.65 17.97 -12.52
N ILE A 577 -6.35 17.52 -11.47
CA ILE A 577 -5.74 17.21 -10.17
C ILE A 577 -5.88 15.73 -9.88
N TYR A 578 -4.76 15.13 -9.47
CA TYR A 578 -4.71 13.72 -9.16
C TYR A 578 -4.52 13.52 -7.65
N PHE A 579 -5.42 12.75 -7.04
CA PHE A 579 -5.30 12.42 -5.64
C PHE A 579 -4.90 10.98 -5.44
N TYR A 580 -4.16 10.75 -4.36
CA TYR A 580 -3.99 9.40 -3.84
C TYR A 580 -4.38 9.37 -2.36
N PHE A 581 -5.08 8.30 -1.98
CA PHE A 581 -5.69 8.13 -0.67
C PHE A 581 -5.50 6.70 -0.23
N ALA A 582 -4.95 6.52 0.97
CA ALA A 582 -4.54 5.21 1.48
C ALA A 582 -4.50 5.20 3.00
N PHE A 583 -4.94 4.09 3.59
CA PHE A 583 -4.84 3.88 5.05
C PHE A 583 -4.66 2.43 5.41
N ASN A 584 -4.06 2.22 6.57
CA ASN A 584 -3.92 0.91 7.19
C ASN A 584 -5.26 0.58 7.81
N TYR A 585 -5.84 -0.55 7.41
CA TYR A 585 -7.18 -0.88 7.87
C TYR A 585 -7.21 -1.99 8.94
N ARG A 586 -6.07 -2.22 9.62
CA ARG A 586 -6.02 -3.20 10.71
C ARG A 586 -6.82 -2.73 11.93
N GLY A 587 -7.76 -3.57 12.36
CA GLY A 587 -8.61 -3.24 13.50
C GLY A 587 -9.99 -2.82 13.06
N ILE A 588 -10.08 -2.24 11.86
CA ILE A 588 -11.37 -1.87 11.26
C ILE A 588 -12.25 -3.08 10.94
N SER A 589 -13.51 -2.97 11.34
CA SER A 589 -14.50 -3.99 11.11
C SER A 589 -14.77 -4.19 9.62
N ASP A 590 -15.31 -3.15 8.96
CA ASP A 590 -15.68 -3.27 7.57
C ASP A 590 -14.86 -2.35 6.64
N PRO A 591 -13.64 -2.78 6.26
CA PRO A 591 -12.68 -1.89 5.62
C PRO A 591 -13.08 -1.38 4.21
N LEU A 592 -13.59 -2.28 3.37
CA LEU A 592 -14.19 -1.88 2.09
C LEU A 592 -15.27 -0.83 2.23
N ALA A 593 -16.17 -0.95 3.21
CA ALA A 593 -17.24 0.03 3.37
C ALA A 593 -16.69 1.38 3.81
N VAL A 594 -15.72 1.35 4.71
CA VAL A 594 -15.08 2.56 5.21
C VAL A 594 -14.38 3.30 4.08
N PHE A 595 -13.64 2.55 3.26
CA PHE A 595 -12.93 3.15 2.17
C PHE A 595 -13.86 3.76 1.13
N GLU A 596 -14.82 2.97 0.68
CA GLU A 596 -15.83 3.34 -0.28
C GLU A 596 -16.69 4.54 0.15
N GLN A 597 -16.95 4.66 1.44
CA GLN A 597 -17.64 5.83 1.97
C GLN A 597 -16.77 7.09 1.97
N THR A 598 -15.47 6.92 2.22
CA THR A 598 -14.54 8.03 2.26
C THR A 598 -14.30 8.58 0.86
N GLU A 599 -14.15 7.67 -0.09
CA GLU A 599 -13.94 8.04 -1.46
C GLU A 599 -15.16 8.76 -2.04
N ALA A 600 -16.36 8.38 -1.62
CA ALA A 600 -17.60 9.08 -1.99
C ALA A 600 -17.73 10.48 -1.37
N ALA A 601 -17.22 10.65 -0.15
CA ALA A 601 -17.20 11.97 0.49
C ALA A 601 -16.19 12.88 -0.16
N ALA A 602 -15.04 12.33 -0.54
CA ALA A 602 -14.04 13.11 -1.26
C ALA A 602 -14.66 13.60 -2.55
N ARG A 603 -15.35 12.72 -3.28
CA ARG A 603 -16.07 13.07 -4.50
C ARG A 603 -17.12 14.18 -4.32
N GLU A 604 -17.86 14.15 -3.20
CA GLU A 604 -18.76 15.28 -2.87
C GLU A 604 -17.96 16.54 -2.59
N GLU A 605 -16.84 16.37 -1.88
CA GLU A 605 -15.98 17.50 -1.54
C GLU A 605 -15.41 18.12 -2.80
N ILE A 606 -15.09 17.28 -3.79
CA ILE A 606 -14.64 17.74 -5.10
C ILE A 606 -15.72 18.53 -5.84
N LEU A 607 -16.89 17.94 -6.04
CA LEU A 607 -17.95 18.66 -6.73
C LEU A 607 -18.28 19.98 -6.04
N ALA A 608 -18.25 20.00 -4.72
CA ALA A 608 -18.60 21.20 -3.97
C ALA A 608 -17.53 22.26 -4.09
N ASN A 609 -16.31 21.85 -4.47
CA ASN A 609 -15.26 22.84 -4.72
C ASN A 609 -15.05 23.25 -6.17
N GLY A 610 -16.03 22.95 -7.01
CA GLY A 610 -15.94 23.40 -8.40
C GLY A 610 -15.38 22.40 -9.37
N GLY A 611 -14.98 21.23 -8.90
CA GLY A 611 -14.37 20.23 -9.73
C GLY A 611 -15.36 19.34 -10.42
N SER A 612 -14.91 18.68 -11.48
CA SER A 612 -15.76 17.79 -12.28
C SER A 612 -15.84 16.36 -11.73
N LEU A 613 -16.84 15.65 -12.20
CA LEU A 613 -17.04 14.26 -11.88
C LEU A 613 -15.87 13.40 -12.30
N SER A 614 -15.27 13.71 -13.44
CA SER A 614 -14.02 13.03 -13.86
C SER A 614 -13.28 13.82 -14.90
N HIS A 615 -11.96 13.82 -14.81
CA HIS A 615 -11.22 14.41 -15.93
C HIS A 615 -10.97 13.33 -16.98
N HIS A 616 -10.59 12.13 -16.58
CA HIS A 616 -10.30 11.09 -17.55
C HIS A 616 -10.68 9.66 -17.20
N HIS A 617 -10.80 9.31 -15.91
CA HIS A 617 -11.14 7.92 -15.61
C HIS A 617 -12.55 7.59 -16.08
N GLY A 618 -13.44 8.57 -16.06
CA GLY A 618 -14.80 8.39 -16.50
C GLY A 618 -15.78 7.88 -15.47
N VAL A 619 -16.93 7.40 -15.94
CA VAL A 619 -18.05 7.24 -15.05
C VAL A 619 -18.30 5.77 -14.69
N GLY A 620 -18.31 4.90 -15.70
CA GLY A 620 -18.62 3.48 -15.51
C GLY A 620 -19.86 3.27 -14.69
N LYS A 621 -19.73 2.43 -13.66
CA LYS A 621 -20.82 2.21 -12.71
C LYS A 621 -20.51 2.85 -11.38
N LEU A 622 -19.30 3.39 -11.26
CA LEU A 622 -18.84 3.96 -10.00
C LEU A 622 -19.37 5.37 -9.71
N ARG A 623 -19.65 6.15 -10.75
CA ARG A 623 -20.04 7.53 -10.60
C ARG A 623 -21.39 7.83 -11.22
N LYS A 624 -22.13 6.77 -11.53
CA LYS A 624 -23.47 6.94 -12.08
C LYS A 624 -24.40 7.88 -11.29
N GLN A 625 -24.29 7.88 -9.97
CA GLN A 625 -25.28 8.62 -9.20
C GLN A 625 -25.19 10.14 -9.40
N TRP A 626 -24.06 10.62 -9.93
CA TRP A 626 -23.83 12.07 -10.04
C TRP A 626 -24.02 12.64 -11.44
N LEU A 627 -24.25 11.75 -12.40
CA LEU A 627 -24.22 12.10 -13.81
C LEU A 627 -25.32 13.09 -14.21
N LYS A 628 -26.56 12.80 -13.88
CA LYS A 628 -27.64 13.70 -14.25
C LYS A 628 -27.33 15.10 -13.85
N GLU A 629 -26.87 15.29 -12.63
CA GLU A 629 -26.63 16.63 -12.16
C GLU A 629 -25.43 17.28 -12.86
N SER A 630 -24.44 16.46 -13.20
CA SER A 630 -23.31 16.88 -14.01
C SER A 630 -23.69 17.38 -15.38
N ILE A 631 -24.59 16.64 -16.04
CA ILE A 631 -24.85 16.91 -17.47
C ILE A 631 -26.20 17.50 -17.75
N SER A 632 -26.98 17.70 -16.69
CA SER A 632 -28.40 18.11 -16.74
C SER A 632 -29.28 16.92 -17.12
N ASP A 633 -30.57 17.01 -16.79
CA ASP A 633 -31.54 15.95 -17.10
C ASP A 633 -31.71 15.72 -18.57
N VAL A 634 -31.76 16.83 -19.30
CA VAL A 634 -31.96 16.73 -20.73
C VAL A 634 -30.71 16.10 -21.38
N GLY A 635 -29.52 16.50 -20.90
CA GLY A 635 -28.23 15.91 -21.30
C GLY A 635 -28.26 14.39 -21.12
N PHE A 636 -28.62 13.96 -19.92
CA PHE A 636 -28.86 12.55 -19.64
C PHE A 636 -29.88 11.95 -20.62
N GLY A 637 -31.01 12.65 -20.77
CA GLY A 637 -32.03 12.31 -21.74
C GLY A 637 -31.53 12.07 -23.15
N MET A 638 -30.56 12.89 -23.58
CA MET A 638 -30.04 12.79 -24.95
C MET A 638 -29.19 11.51 -25.18
N LEU A 639 -28.30 11.22 -24.26
CA LEU A 639 -27.54 9.99 -24.26
C LEU A 639 -28.45 8.76 -24.28
N LYS A 640 -29.53 8.80 -23.49
CA LYS A 640 -30.47 7.71 -23.42
C LYS A 640 -31.11 7.47 -24.77
N SER A 641 -31.52 8.56 -25.42
CA SER A 641 -32.11 8.45 -26.73
C SER A 641 -31.16 7.84 -27.80
N VAL A 642 -29.86 8.05 -27.68
CA VAL A 642 -28.92 7.47 -28.67
C VAL A 642 -28.73 5.96 -28.42
N LYS A 643 -28.46 5.60 -27.16
CA LYS A 643 -28.52 4.23 -26.66
C LYS A 643 -29.79 3.48 -27.07
N ASP A 644 -30.95 4.09 -26.90
CA ASP A 644 -32.18 3.41 -27.25
C ASP A 644 -32.30 3.24 -28.77
N TYR A 645 -31.66 4.10 -29.55
CA TYR A 645 -31.78 3.98 -31.00
C TYR A 645 -30.75 3.00 -31.49
N VAL A 646 -29.55 3.17 -31.02
CA VAL A 646 -28.49 2.38 -31.53
C VAL A 646 -28.55 0.98 -30.89
N ASP A 647 -28.99 0.88 -29.64
CA ASP A 647 -29.01 -0.43 -28.99
C ASP A 647 -30.37 -0.72 -28.32
N PRO A 648 -31.45 -0.83 -29.15
CA PRO A 648 -32.85 -0.99 -28.72
C PRO A 648 -33.10 -2.06 -27.67
N THR A 649 -32.41 -3.20 -27.79
CA THR A 649 -32.58 -4.30 -26.84
C THR A 649 -31.45 -4.39 -25.82
N ASN A 650 -30.60 -3.37 -25.72
CA ASN A 650 -29.60 -3.33 -24.67
C ASN A 650 -28.70 -4.59 -24.63
N ILE A 651 -28.26 -4.97 -25.84
CA ILE A 651 -27.26 -6.00 -26.04
C ILE A 651 -25.95 -5.59 -25.33
N PHE A 652 -25.59 -4.34 -25.50
CA PHE A 652 -24.47 -3.76 -24.78
C PHE A 652 -24.86 -3.32 -23.38
N GLY A 653 -24.90 -4.32 -22.48
CA GLY A 653 -25.52 -4.19 -21.17
C GLY A 653 -24.67 -4.07 -19.93
N ASN A 654 -23.46 -3.54 -20.05
CA ASN A 654 -22.67 -3.22 -18.86
C ASN A 654 -23.28 -2.17 -17.94
N ARG A 655 -24.25 -1.37 -18.43
CA ARG A 655 -25.00 -0.39 -17.61
C ARG A 655 -24.12 0.68 -17.01
N ASN A 656 -23.10 1.08 -17.77
CA ASN A 656 -22.30 2.21 -17.43
C ASN A 656 -23.09 3.46 -17.80
N LEU A 657 -22.75 4.54 -17.12
CA LEU A 657 -23.34 5.85 -17.36
C LEU A 657 -24.79 6.00 -16.92
N LEU A 658 -25.68 5.37 -17.68
CA LEU A 658 -27.10 5.55 -17.48
C LEU A 658 -27.66 4.43 -16.61
N GLY B 81 -21.93 47.87 -33.05
CA GLY B 81 -22.02 46.39 -32.91
C GLY B 81 -23.38 45.74 -32.60
N ILE B 82 -24.19 46.41 -31.79
CA ILE B 82 -25.52 45.92 -31.50
C ILE B 82 -26.39 46.13 -32.74
N ILE B 83 -26.97 45.05 -33.22
CA ILE B 83 -27.91 45.11 -34.30
C ILE B 83 -29.20 45.74 -33.75
N PRO B 84 -29.70 46.83 -34.39
CA PRO B 84 -31.00 47.36 -34.02
C PRO B 84 -32.09 46.38 -34.48
N LYS B 85 -33.29 46.51 -33.93
CA LYS B 85 -34.38 45.62 -34.27
C LYS B 85 -34.75 45.77 -35.75
N LYS B 86 -34.79 47.01 -36.20
CA LYS B 86 -35.17 47.36 -37.56
C LYS B 86 -33.91 47.36 -38.41
N ARG B 87 -33.60 46.19 -38.92
CA ARG B 87 -32.31 45.98 -39.54
C ARG B 87 -32.09 46.79 -40.81
N GLN B 88 -33.12 46.87 -41.66
CA GLN B 88 -32.96 47.50 -42.96
C GLN B 88 -32.52 48.96 -42.88
N GLU B 89 -32.68 49.57 -41.69
CA GLU B 89 -32.27 50.95 -41.47
C GLU B 89 -30.78 51.14 -41.73
N LEU B 90 -29.96 50.21 -41.27
CA LEU B 90 -28.56 50.40 -41.51
C LEU B 90 -27.90 49.32 -42.40
N MET B 91 -28.61 48.21 -42.59
CA MET B 91 -28.13 47.12 -43.46
C MET B 91 -28.90 47.03 -44.76
N LYS B 92 -28.28 46.49 -45.79
CA LYS B 92 -28.95 46.33 -47.09
C LYS B 92 -30.04 45.28 -47.02
N TRP B 93 -31.20 45.58 -47.56
CA TRP B 93 -32.27 44.63 -47.48
C TRP B 93 -32.14 43.54 -48.54
N ASN B 94 -31.32 43.83 -49.56
CA ASN B 94 -31.17 42.94 -50.71
C ASN B 94 -29.72 42.59 -51.00
N GLY B 95 -28.88 42.65 -49.97
CA GLY B 95 -27.47 42.42 -50.21
C GLY B 95 -26.64 42.24 -48.96
N TRP B 96 -25.34 42.10 -49.15
CA TRP B 96 -24.41 42.04 -48.03
C TRP B 96 -24.18 43.38 -47.37
N GLY B 97 -24.18 43.39 -46.04
CA GLY B 97 -23.52 44.44 -45.29
C GLY B 97 -24.28 45.72 -45.07
N TYR B 98 -23.55 46.82 -44.88
CA TYR B 98 -24.18 48.11 -44.62
C TYR B 98 -24.62 48.80 -45.89
N ASN B 99 -25.67 49.60 -45.74
CA ASN B 99 -26.15 50.55 -46.75
C ASN B 99 -25.09 51.52 -47.21
N ASP B 100 -24.31 52.06 -46.27
CA ASP B 100 -23.29 53.03 -46.60
C ASP B 100 -22.02 52.46 -47.27
N SER B 101 -22.00 51.16 -47.58
CA SER B 101 -20.81 50.56 -48.20
C SER B 101 -21.12 49.68 -49.38
N LYS B 102 -20.82 50.20 -50.58
CA LYS B 102 -21.01 49.51 -51.87
C LYS B 102 -19.96 50.05 -52.81
N PHE B 103 -19.40 49.20 -53.67
CA PHE B 103 -18.50 49.63 -54.74
C PHE B 103 -19.21 50.51 -55.80
N PHE B 104 -18.66 51.70 -56.08
CA PHE B 104 -19.13 52.60 -57.13
C PHE B 104 -17.92 53.15 -57.93
N LEU B 105 -18.17 54.00 -58.92
CA LEU B 105 -17.07 54.57 -59.69
C LEU B 105 -16.72 55.96 -59.17
N ASN B 106 -15.49 56.18 -58.72
CA ASN B 106 -15.18 57.55 -58.31
C ASN B 106 -15.16 58.48 -59.53
N LYS B 107 -14.84 59.76 -59.32
CA LYS B 107 -14.78 60.77 -60.38
C LYS B 107 -13.53 60.63 -61.25
N LYS B 108 -12.88 59.48 -61.23
CA LYS B 108 -11.77 59.17 -62.12
C LYS B 108 -11.96 57.84 -62.85
N GLY B 109 -13.15 57.25 -62.75
CA GLY B 109 -13.45 56.00 -63.45
C GLY B 109 -12.86 54.78 -62.76
N GLN B 110 -12.53 54.93 -61.48
CA GLN B 110 -11.98 53.83 -60.74
C GLN B 110 -12.98 53.34 -59.71
N LEU B 111 -12.99 52.03 -59.53
CA LEU B 111 -13.79 51.42 -58.47
C LEU B 111 -13.28 51.75 -57.05
N GLU B 112 -14.23 51.98 -56.17
CA GLU B 112 -14.00 52.50 -54.84
C GLU B 112 -15.19 52.10 -53.97
N LEU B 113 -14.89 51.79 -52.70
CA LEU B 113 -15.90 51.51 -51.69
C LEU B 113 -16.42 52.78 -51.06
N THR B 114 -17.71 52.83 -50.81
CA THR B 114 -18.39 54.00 -50.28
C THR B 114 -18.16 54.11 -48.77
N GLY B 115 -18.39 55.28 -48.18
CA GLY B 115 -18.44 55.38 -46.72
C GLY B 115 -17.09 55.35 -46.01
N LYS B 116 -17.16 55.24 -44.68
CA LYS B 116 -16.01 55.42 -43.78
C LYS B 116 -15.69 54.23 -42.86
N ARG B 117 -16.40 53.11 -43.05
CA ARG B 117 -16.33 51.98 -42.14
C ARG B 117 -15.05 51.22 -42.18
N TYR B 118 -14.43 51.15 -43.34
CA TYR B 118 -13.30 50.25 -43.48
C TYR B 118 -12.02 50.98 -43.90
N PRO B 119 -10.88 50.27 -43.74
CA PRO B 119 -9.56 50.63 -44.23
C PRO B 119 -9.61 51.00 -45.71
N LEU B 120 -10.34 50.19 -46.47
CA LEU B 120 -10.43 50.30 -47.91
C LEU B 120 -11.54 51.26 -48.28
N SER B 121 -12.47 51.51 -47.36
CA SER B 121 -13.40 52.58 -47.61
C SER B 121 -12.66 53.86 -48.06
N GLY B 122 -13.23 54.52 -49.08
CA GLY B 122 -12.66 55.75 -49.62
C GLY B 122 -11.33 55.57 -50.34
N VAL B 123 -10.82 54.33 -50.38
CA VAL B 123 -9.57 54.02 -51.07
C VAL B 123 -9.82 53.59 -52.51
N ALA B 124 -9.32 54.39 -53.45
CA ALA B 124 -9.57 54.14 -54.88
C ALA B 124 -8.70 52.96 -55.36
N LEU B 125 -9.20 52.21 -56.33
CA LEU B 125 -8.50 51.01 -56.82
C LEU B 125 -8.33 51.05 -58.35
N PRO B 126 -7.29 51.72 -58.82
CA PRO B 126 -7.09 52.10 -60.22
C PRO B 126 -7.18 50.91 -61.19
N THR B 127 -6.86 49.74 -60.69
CA THR B 127 -6.60 48.57 -61.51
C THR B 127 -7.75 47.57 -61.59
N PHE B 128 -8.73 47.79 -60.73
CA PHE B 128 -9.77 46.80 -60.44
C PHE B 128 -10.78 46.67 -61.57
N LYS B 129 -11.21 47.80 -62.13
CA LYS B 129 -12.08 47.81 -63.33
C LYS B 129 -11.46 47.03 -64.51
N ASP B 130 -10.19 47.34 -64.79
CA ASP B 130 -9.41 46.64 -65.81
C ASP B 130 -9.34 45.14 -65.52
N TRP B 131 -9.30 44.77 -64.23
CA TRP B 131 -9.31 43.37 -63.88
C TRP B 131 -10.68 42.73 -64.13
N ILE B 132 -11.74 43.42 -63.79
CA ILE B 132 -13.05 42.79 -63.93
C ILE B 132 -13.27 42.56 -65.41
N GLN B 133 -13.08 43.65 -66.17
CA GLN B 133 -13.39 43.68 -67.60
C GLN B 133 -12.61 42.61 -68.30
N ASN B 134 -11.31 42.52 -68.02
CA ASN B 134 -10.52 41.53 -68.71
C ASN B 134 -10.87 40.12 -68.31
N THR B 135 -11.23 39.95 -67.04
CA THR B 135 -11.53 38.64 -66.52
C THR B 135 -12.90 38.12 -66.98
N PHE B 136 -13.92 38.97 -67.00
CA PHE B 136 -15.26 38.47 -67.30
C PHE B 136 -15.82 38.74 -68.70
N GLY B 137 -15.17 39.62 -69.47
CA GLY B 137 -15.63 39.95 -70.83
C GLY B 137 -16.87 40.83 -70.88
N ILE B 138 -16.80 41.96 -70.16
CA ILE B 138 -17.89 42.93 -70.01
C ILE B 138 -17.30 44.35 -70.09
N ASN B 139 -18.15 45.37 -69.98
CA ASN B 139 -17.66 46.73 -70.17
C ASN B 139 -17.75 47.72 -69.01
N LEU B 140 -18.91 47.87 -68.36
CA LEU B 140 -18.99 48.82 -67.22
C LEU B 140 -19.39 50.25 -67.63
N THR B 155 -46.30 39.95 -51.06
CA THR B 155 -45.85 39.55 -49.72
C THR B 155 -46.98 38.81 -48.97
N PRO B 156 -46.68 37.60 -48.42
CA PRO B 156 -47.63 36.74 -47.66
C PRO B 156 -48.20 37.40 -46.40
N PRO B 157 -49.46 37.10 -46.06
CA PRO B 157 -50.02 37.72 -44.88
C PRO B 157 -49.49 37.04 -43.62
N SER B 158 -49.49 37.80 -42.53
CA SER B 158 -49.07 37.32 -41.22
C SER B 158 -50.18 36.48 -40.57
N ILE B 159 -49.98 35.17 -40.48
CA ILE B 159 -50.94 34.26 -39.85
C ILE B 159 -50.47 33.92 -38.43
N VAL B 160 -51.20 34.44 -37.43
CA VAL B 160 -50.86 34.25 -36.01
C VAL B 160 -52.09 34.06 -35.14
N ASN B 161 -52.09 33.03 -34.28
CA ASN B 161 -53.14 32.80 -33.27
C ASN B 161 -53.33 33.97 -32.35
N GLU B 162 -54.60 34.34 -32.14
CA GLU B 162 -54.87 35.52 -31.37
C GLU B 162 -54.71 35.41 -29.86
N ASP B 163 -54.83 34.19 -29.33
CA ASP B 163 -54.67 34.00 -27.88
C ASP B 163 -53.23 33.72 -27.44
N PHE B 164 -52.43 33.16 -28.37
CA PHE B 164 -50.99 33.19 -28.22
C PHE B 164 -50.54 34.65 -28.17
N LEU B 165 -50.90 35.41 -29.20
CA LEU B 165 -50.56 36.81 -29.31
C LEU B 165 -50.93 37.58 -28.04
N HIS B 166 -52.05 37.20 -27.43
CA HIS B 166 -52.51 37.84 -26.21
C HIS B 166 -51.58 37.55 -25.04
N GLU B 167 -51.10 36.31 -24.95
CA GLU B 167 -50.20 35.95 -23.87
C GLU B 167 -48.83 36.56 -24.03
N LEU B 168 -48.43 36.73 -25.28
CA LEU B 168 -47.16 37.36 -25.64
C LEU B 168 -47.14 38.83 -25.27
N LYS B 169 -48.30 39.49 -25.37
CA LYS B 169 -48.42 40.88 -24.91
C LYS B 169 -48.11 41.01 -23.43
N LYS B 170 -48.38 39.95 -22.67
CA LYS B 170 -48.21 39.93 -21.23
C LYS B 170 -46.75 39.82 -20.82
N THR B 171 -45.94 39.18 -21.65
CA THR B 171 -44.53 38.97 -21.35
C THR B 171 -43.74 40.26 -21.48
N ASN B 172 -44.20 41.16 -22.37
CA ASN B 172 -43.51 42.40 -22.69
C ASN B 172 -42.28 42.24 -23.61
N ILE B 173 -42.13 41.06 -24.18
CA ILE B 173 -41.16 40.80 -25.22
C ILE B 173 -41.59 41.52 -26.48
N SER B 174 -40.70 42.31 -27.04
CA SER B 174 -40.92 43.01 -28.28
C SER B 174 -41.12 42.06 -29.46
N TYR B 175 -42.03 42.39 -30.37
CA TYR B 175 -42.33 41.56 -31.55
C TYR B 175 -42.79 42.39 -32.76
N SER B 176 -42.76 41.77 -33.95
CA SER B 176 -43.24 42.43 -35.16
C SER B 176 -43.91 41.49 -36.17
N GLN B 177 -44.99 41.97 -36.79
CA GLN B 177 -45.67 41.26 -37.90
C GLN B 177 -45.51 42.01 -39.20
N GLU B 178 -44.68 43.07 -39.16
CA GLU B 178 -44.34 43.89 -40.34
C GLU B 178 -43.68 43.05 -41.44
N ALA B 179 -44.01 43.37 -42.67
CA ALA B 179 -43.52 42.64 -43.82
C ALA B 179 -42.03 42.78 -43.99
N ASP B 180 -41.48 43.96 -43.75
CA ASP B 180 -40.06 44.13 -44.01
C ASP B 180 -39.24 43.41 -42.94
N ASP B 181 -39.68 43.45 -41.68
CA ASP B 181 -39.03 42.69 -40.60
C ASP B 181 -39.00 41.19 -40.90
N ARG B 182 -40.12 40.68 -41.41
CA ARG B 182 -40.29 39.26 -41.62
C ARG B 182 -39.52 38.84 -42.84
N VAL B 183 -39.59 39.63 -43.89
CA VAL B 183 -38.81 39.36 -45.10
C VAL B 183 -37.27 39.42 -44.88
N PHE B 184 -36.80 40.35 -44.05
CA PHE B 184 -35.39 40.48 -43.74
C PHE B 184 -34.81 39.19 -43.15
N ARG B 185 -35.64 38.50 -42.37
CA ARG B 185 -35.23 37.33 -41.61
C ARG B 185 -35.58 36.04 -42.35
N ALA B 186 -36.02 36.15 -43.59
CA ALA B 186 -36.42 34.97 -44.34
C ALA B 186 -35.30 34.27 -45.12
N HIS B 187 -34.07 34.78 -45.00
CA HIS B 187 -33.01 34.33 -45.88
C HIS B 187 -31.67 34.53 -45.20
N GLY B 188 -30.64 33.84 -45.72
CA GLY B 188 -29.23 34.16 -45.48
C GLY B 188 -28.56 34.81 -46.69
N HIS B 189 -27.36 34.34 -47.06
CA HIS B 189 -26.60 35.00 -48.13
C HIS B 189 -26.10 34.04 -49.18
N CYS B 190 -26.99 33.11 -49.55
CA CYS B 190 -26.85 32.33 -50.75
C CYS B 190 -27.21 33.19 -51.97
N LEU B 191 -26.45 32.98 -53.04
CA LEU B 191 -26.71 33.57 -54.34
C LEU B 191 -28.19 33.46 -54.73
N HIS B 192 -28.73 32.25 -54.57
CA HIS B 192 -30.14 31.95 -54.84
C HIS B 192 -31.07 32.87 -54.10
N GLU B 193 -30.83 33.02 -52.80
CA GLU B 193 -31.73 33.81 -51.96
C GLU B 193 -31.62 35.30 -52.28
N ILE B 194 -30.42 35.75 -52.63
CA ILE B 194 -30.19 37.15 -52.93
C ILE B 194 -30.84 37.49 -54.29
N PHE B 195 -30.73 36.55 -55.22
CA PHE B 195 -31.42 36.66 -56.46
C PHE B 195 -32.89 36.89 -56.21
N LEU B 196 -33.52 35.98 -55.48
CA LEU B 196 -34.96 36.11 -55.18
C LEU B 196 -35.37 37.47 -54.61
N LEU B 197 -34.62 37.99 -53.62
CA LEU B 197 -34.93 39.31 -53.01
C LEU B 197 -34.91 40.48 -54.00
N ARG B 198 -33.96 40.44 -54.94
CA ARG B 198 -33.85 41.45 -55.99
C ARG B 198 -34.94 41.33 -57.03
N GLU B 199 -35.38 40.09 -57.32
CA GLU B 199 -36.22 39.84 -58.48
C GLU B 199 -37.40 38.90 -58.29
N GLY B 200 -38.08 38.96 -57.14
CA GLY B 200 -39.19 38.02 -56.92
C GLY B 200 -39.58 38.06 -55.47
N MET B 201 -39.98 36.92 -54.92
CA MET B 201 -40.38 36.81 -53.52
C MET B 201 -40.25 35.36 -53.01
N PHE B 202 -40.05 35.22 -51.71
CA PHE B 202 -39.94 33.91 -51.08
C PHE B 202 -41.31 33.24 -50.99
N GLU B 203 -41.33 31.91 -51.12
CA GLU B 203 -42.55 31.14 -50.92
C GLU B 203 -43.12 31.27 -49.51
N ARG B 204 -42.24 31.33 -48.52
CA ARG B 204 -42.59 31.30 -47.11
C ARG B 204 -41.60 32.18 -46.38
N ILE B 205 -42.12 32.97 -45.44
CA ILE B 205 -41.33 33.89 -44.62
C ILE B 205 -41.91 33.79 -43.21
N PRO B 206 -41.11 34.12 -42.17
CA PRO B 206 -41.65 34.02 -40.83
C PRO B 206 -42.96 34.78 -40.71
N ASP B 207 -43.80 34.34 -39.79
CA ASP B 207 -45.07 34.99 -39.58
C ASP B 207 -44.97 36.14 -38.60
N ILE B 208 -44.14 35.98 -37.59
CA ILE B 208 -43.91 37.02 -36.60
C ILE B 208 -42.42 37.04 -36.20
N VAL B 209 -41.88 38.21 -35.83
CA VAL B 209 -40.53 38.31 -35.29
C VAL B 209 -40.57 38.59 -33.79
N LEU B 210 -39.79 37.84 -33.02
CA LEU B 210 -39.69 38.08 -31.58
C LEU B 210 -38.25 38.36 -31.20
N TRP B 211 -38.08 39.26 -30.22
CA TRP B 211 -36.76 39.71 -29.78
C TRP B 211 -36.57 39.51 -28.30
N PRO B 212 -36.24 38.30 -27.85
CA PRO B 212 -35.91 38.17 -26.43
C PRO B 212 -34.59 38.95 -26.07
N THR B 213 -34.44 39.33 -24.82
CA THR B 213 -33.25 40.04 -24.38
C THR B 213 -32.43 39.21 -23.39
N CYS B 214 -32.98 38.08 -23.01
CA CYS B 214 -32.37 37.18 -22.02
C CYS B 214 -32.90 35.75 -22.16
N HIS B 215 -32.38 34.88 -21.32
CA HIS B 215 -32.55 33.45 -21.34
C HIS B 215 -33.92 33.12 -20.89
N ASP B 216 -34.39 33.81 -19.85
CA ASP B 216 -35.78 33.66 -19.42
C ASP B 216 -36.81 34.02 -20.48
N ASP B 217 -36.59 35.05 -21.28
CA ASP B 217 -37.49 35.36 -22.37
C ASP B 217 -37.54 34.19 -23.35
N VAL B 218 -36.36 33.60 -23.61
CA VAL B 218 -36.31 32.47 -24.53
C VAL B 218 -37.15 31.32 -23.98
N VAL B 219 -36.97 31.01 -22.69
CA VAL B 219 -37.79 30.03 -22.01
C VAL B 219 -39.28 30.26 -22.18
N LYS B 220 -39.74 31.50 -22.02
CA LYS B 220 -41.16 31.77 -22.24
C LYS B 220 -41.57 31.46 -23.67
N ILE B 221 -40.73 31.86 -24.61
CA ILE B 221 -41.07 31.71 -26.00
C ILE B 221 -41.17 30.23 -26.37
N VAL B 222 -40.23 29.43 -25.89
CA VAL B 222 -40.27 28.03 -26.19
C VAL B 222 -41.49 27.38 -25.54
N ASN B 223 -41.81 27.78 -24.30
CA ASN B 223 -43.04 27.29 -23.66
C ASN B 223 -44.30 27.69 -24.39
N LEU B 224 -44.40 28.94 -24.83
CA LEU B 224 -45.56 29.38 -25.62
C LEU B 224 -45.71 28.55 -26.91
N ALA B 225 -44.59 28.22 -27.55
CA ALA B 225 -44.61 27.50 -28.80
C ALA B 225 -45.06 26.07 -28.61
N CYS B 226 -44.76 25.51 -27.45
CA CYS B 226 -45.27 24.19 -27.06
C CYS B 226 -46.79 24.21 -26.88
N LYS B 227 -47.23 25.11 -26.00
CA LYS B 227 -48.64 25.27 -25.69
C LYS B 227 -49.50 25.55 -26.92
N TYR B 228 -49.01 26.39 -27.83
CA TYR B 228 -49.78 26.79 -29.03
C TYR B 228 -49.42 26.14 -30.36
N ASN B 229 -48.53 25.15 -30.33
CA ASN B 229 -48.06 24.47 -31.55
C ASN B 229 -47.45 25.42 -32.63
N LEU B 230 -46.37 26.13 -32.28
CA LEU B 230 -45.72 27.05 -33.21
C LEU B 230 -44.40 26.50 -33.71
N CYS B 231 -43.95 26.98 -34.86
CA CYS B 231 -42.65 26.64 -35.34
C CYS B 231 -41.58 27.76 -35.09
N ILE B 232 -40.41 27.40 -34.54
CA ILE B 232 -39.40 28.42 -34.25
C ILE B 232 -38.18 28.29 -35.11
N ILE B 233 -37.87 29.30 -35.92
CA ILE B 233 -36.53 29.35 -36.55
C ILE B 233 -35.67 30.42 -35.91
N PRO B 234 -34.57 30.03 -35.28
CA PRO B 234 -33.70 31.05 -34.66
C PRO B 234 -32.90 31.80 -35.69
N ILE B 235 -32.70 33.09 -35.45
CA ILE B 235 -31.82 33.87 -36.27
C ILE B 235 -30.90 34.78 -35.41
N GLY B 236 -29.62 34.80 -35.74
CA GLY B 236 -28.66 35.77 -35.19
C GLY B 236 -28.19 36.74 -36.25
N GLY B 237 -27.05 36.48 -36.85
CA GLY B 237 -26.52 37.38 -37.83
C GLY B 237 -27.26 37.39 -39.14
N GLY B 238 -28.04 36.36 -39.42
CA GLY B 238 -28.62 36.22 -40.78
C GLY B 238 -27.56 35.95 -41.87
N THR B 239 -26.43 35.33 -41.49
CA THR B 239 -25.29 35.22 -42.42
C THR B 239 -25.10 33.83 -42.98
N SER B 240 -26.00 32.95 -42.61
CA SER B 240 -26.01 31.62 -43.13
C SER B 240 -25.85 31.60 -44.65
N VAL B 241 -24.95 30.77 -45.13
CA VAL B 241 -24.84 30.56 -46.55
C VAL B 241 -25.34 29.17 -46.96
N SER B 242 -26.14 28.53 -46.13
CA SER B 242 -26.57 27.15 -46.40
C SER B 242 -28.09 26.90 -46.49
N TYR B 243 -28.87 27.94 -46.78
CA TYR B 243 -30.32 27.88 -46.67
C TYR B 243 -30.75 27.52 -45.24
N GLY B 244 -29.91 27.82 -44.26
CA GLY B 244 -30.22 27.51 -42.87
C GLY B 244 -31.36 28.33 -42.25
N LEU B 245 -31.66 29.48 -42.83
CA LEU B 245 -32.78 30.28 -42.34
C LEU B 245 -34.04 30.22 -43.24
N MET B 246 -33.98 29.46 -44.31
CA MET B 246 -35.13 29.34 -45.20
C MET B 246 -36.31 28.63 -44.53
N CYS B 247 -37.49 29.22 -44.58
CA CYS B 247 -38.70 28.55 -44.10
C CYS B 247 -39.25 27.52 -45.10
N PRO B 248 -39.44 26.27 -44.64
CA PRO B 248 -39.97 25.25 -45.50
C PRO B 248 -41.30 25.68 -46.10
N ALA B 249 -41.41 25.48 -47.41
CA ALA B 249 -42.56 25.95 -48.17
C ALA B 249 -43.85 25.43 -47.62
N ASP B 250 -43.86 24.18 -47.16
CA ASP B 250 -45.11 23.55 -46.73
C ASP B 250 -45.32 23.58 -45.20
N GLU B 251 -44.52 24.37 -44.50
CA GLU B 251 -44.72 24.54 -43.05
C GLU B 251 -45.96 25.40 -42.85
N THR B 252 -47.01 24.79 -42.31
CA THR B 252 -48.31 25.45 -42.19
C THR B 252 -48.56 26.03 -40.83
N ARG B 253 -47.71 25.71 -39.85
CA ARG B 253 -47.86 26.35 -38.57
C ARG B 253 -47.35 27.77 -38.67
N THR B 254 -47.84 28.64 -37.78
CA THR B 254 -47.16 29.92 -37.48
C THR B 254 -45.65 29.73 -37.27
N ILE B 255 -44.86 30.40 -38.10
CA ILE B 255 -43.42 30.40 -37.94
C ILE B 255 -42.97 31.64 -37.18
N ILE B 256 -42.36 31.41 -36.02
CA ILE B 256 -41.73 32.45 -35.24
C ILE B 256 -40.29 32.54 -35.66
N SER B 257 -39.87 33.71 -36.13
CA SER B 257 -38.45 34.02 -36.22
C SER B 257 -37.99 34.54 -34.89
N LEU B 258 -37.21 33.72 -34.18
CA LEU B 258 -36.71 34.09 -32.88
C LEU B 258 -35.33 34.77 -33.07
N ASP B 259 -35.30 36.09 -32.86
CA ASP B 259 -34.16 36.90 -33.24
C ASP B 259 -33.37 37.18 -31.99
N THR B 260 -32.08 36.85 -31.99
CA THR B 260 -31.27 36.85 -30.76
C THR B 260 -30.46 38.12 -30.57
N SER B 261 -30.53 39.03 -31.55
CA SER B 261 -29.79 40.30 -31.56
C SER B 261 -29.88 41.22 -30.31
N GLN B 262 -30.97 41.19 -29.57
CA GLN B 262 -31.05 42.00 -28.36
C GLN B 262 -30.58 41.24 -27.12
N MET B 263 -30.09 40.03 -27.30
CA MET B 263 -29.59 39.21 -26.18
C MET B 263 -28.07 39.13 -26.39
N ASN B 264 -27.38 40.21 -26.03
CA ASN B 264 -26.04 40.43 -26.49
C ASN B 264 -25.10 41.00 -25.48
N ARG B 265 -25.26 40.60 -24.23
CA ARG B 265 -24.39 41.08 -23.15
C ARG B 265 -23.23 40.18 -22.86
N ILE B 266 -22.13 40.81 -22.45
CA ILE B 266 -21.08 40.12 -21.77
C ILE B 266 -21.57 40.13 -20.35
N LEU B 267 -21.70 38.93 -19.78
CA LEU B 267 -22.19 38.76 -18.43
C LEU B 267 -21.09 38.90 -17.37
N TRP B 268 -19.99 38.18 -17.55
CA TRP B 268 -18.85 38.30 -16.69
C TRP B 268 -17.62 37.88 -17.49
N VAL B 269 -16.54 38.61 -17.20
CA VAL B 269 -15.24 38.31 -17.69
C VAL B 269 -14.45 37.73 -16.50
N ASP B 270 -14.00 36.50 -16.61
CA ASP B 270 -13.28 35.90 -15.52
C ASP B 270 -11.81 36.03 -15.77
N GLU B 271 -11.14 36.94 -15.08
CA GLU B 271 -9.73 37.17 -15.38
C GLU B 271 -8.85 36.04 -14.89
N ASN B 272 -9.21 35.43 -13.78
CA ASN B 272 -8.43 34.30 -13.29
C ASN B 272 -8.41 33.09 -14.24
N ASN B 273 -9.57 32.71 -14.81
CA ASN B 273 -9.68 31.53 -15.65
C ASN B 273 -9.55 31.85 -17.14
N LEU B 274 -9.52 33.13 -17.49
CA LEU B 274 -9.45 33.53 -18.90
C LEU B 274 -10.62 32.96 -19.71
N THR B 275 -11.82 33.22 -19.19
CA THR B 275 -13.04 32.95 -19.91
C THR B 275 -14.02 34.15 -19.82
N ALA B 276 -14.89 34.27 -20.82
CA ALA B 276 -15.95 35.25 -20.81
C ALA B 276 -17.26 34.58 -21.12
N HIS B 277 -18.24 34.92 -20.29
CA HIS B 277 -19.54 34.30 -20.34
C HIS B 277 -20.48 35.31 -20.93
N VAL B 278 -21.05 34.96 -22.09
CA VAL B 278 -21.78 35.91 -22.90
C VAL B 278 -23.15 35.41 -23.33
N GLU B 279 -24.01 36.33 -23.72
CA GLU B 279 -25.30 35.95 -24.26
C GLU B 279 -25.14 35.68 -25.74
N ALA B 280 -25.94 34.78 -26.30
CA ALA B 280 -25.64 34.14 -27.57
C ALA B 280 -25.81 35.07 -28.76
N GLY B 281 -26.50 36.20 -28.58
CA GLY B 281 -26.77 37.06 -29.71
C GLY B 281 -25.72 38.12 -29.95
N ILE B 282 -24.69 38.13 -29.13
CA ILE B 282 -23.63 39.12 -29.30
C ILE B 282 -22.85 38.81 -30.62
N THR B 283 -22.51 39.84 -31.38
CA THR B 283 -21.72 39.62 -32.60
C THR B 283 -20.21 39.47 -32.32
N GLY B 284 -19.45 38.91 -33.25
CA GLY B 284 -18.00 38.92 -33.13
C GLY B 284 -17.36 40.29 -32.93
N GLN B 285 -17.80 41.25 -33.73
CA GLN B 285 -17.35 42.64 -33.62
C GLN B 285 -17.57 43.28 -32.25
N GLU B 286 -18.78 43.17 -31.75
CA GLU B 286 -19.15 43.78 -30.50
C GLU B 286 -18.48 43.02 -29.37
N LEU B 287 -18.27 41.72 -29.54
CA LEU B 287 -17.67 40.93 -28.48
C LEU B 287 -16.20 41.39 -28.29
N GLU B 288 -15.52 41.59 -29.41
CA GLU B 288 -14.12 41.93 -29.45
C GLU B 288 -13.93 43.34 -29.00
N ARG B 289 -14.83 44.23 -29.42
CA ARG B 289 -14.73 45.61 -28.96
C ARG B 289 -14.81 45.70 -27.45
N GLN B 290 -15.75 44.99 -26.87
CA GLN B 290 -15.90 45.05 -25.44
C GLN B 290 -14.77 44.39 -24.62
N LEU B 291 -14.31 43.22 -25.08
CA LEU B 291 -13.18 42.56 -24.43
C LEU B 291 -11.92 43.44 -24.52
N LYS B 292 -11.72 44.05 -25.68
CA LYS B 292 -10.52 44.79 -25.89
C LYS B 292 -10.37 45.87 -24.81
N GLU B 293 -11.49 46.46 -24.39
CA GLU B 293 -11.43 47.58 -23.44
C GLU B 293 -10.83 47.16 -22.10
N SER B 294 -10.86 45.85 -21.84
CA SER B 294 -10.32 45.24 -20.62
C SER B 294 -9.01 44.59 -20.87
N GLY B 295 -8.50 44.67 -22.09
CA GLY B 295 -7.22 44.07 -22.44
C GLY B 295 -7.26 42.63 -22.98
N TYR B 296 -8.42 42.16 -23.44
CA TYR B 296 -8.58 40.77 -23.94
C TYR B 296 -9.18 40.62 -25.32
N CYS B 297 -9.11 39.40 -25.83
CA CYS B 297 -9.77 39.13 -27.07
C CYS B 297 -10.24 37.69 -27.05
N THR B 298 -10.89 37.31 -28.13
CA THR B 298 -11.40 35.99 -28.37
C THR B 298 -10.55 35.42 -29.47
N GLY B 299 -10.11 36.27 -30.41
CA GLY B 299 -9.37 35.83 -31.60
C GLY B 299 -10.18 35.01 -32.61
N HIS B 300 -11.50 34.90 -32.41
CA HIS B 300 -12.39 34.21 -33.34
C HIS B 300 -12.83 35.17 -34.45
N GLU B 301 -12.34 34.97 -35.67
CA GLU B 301 -12.54 35.92 -36.78
C GLU B 301 -13.06 35.27 -38.05
N PRO B 302 -14.34 34.89 -38.08
CA PRO B 302 -14.86 34.41 -39.35
C PRO B 302 -15.02 35.63 -40.22
N ASP B 303 -14.96 35.49 -41.54
CA ASP B 303 -15.12 36.70 -42.35
C ASP B 303 -16.42 37.45 -42.07
N SER B 304 -17.40 36.82 -41.44
CA SER B 304 -18.69 37.48 -41.19
C SER B 304 -18.87 38.02 -39.77
N LEU B 305 -17.76 38.15 -39.02
CA LEU B 305 -17.73 38.51 -37.59
C LEU B 305 -18.50 39.81 -37.22
N GLU B 306 -18.74 40.64 -38.23
CA GLU B 306 -19.43 41.86 -38.03
C GLU B 306 -20.86 41.61 -37.61
N PHE B 307 -21.45 40.54 -38.11
CA PHE B 307 -22.89 40.32 -37.87
C PHE B 307 -23.10 38.99 -37.21
N SER B 308 -22.20 38.05 -37.54
CA SER B 308 -22.39 36.67 -37.12
C SER B 308 -22.19 36.51 -35.60
N THR B 309 -23.02 35.71 -34.96
CA THR B 309 -23.08 35.74 -33.50
C THR B 309 -22.56 34.47 -32.84
N VAL B 310 -22.35 34.54 -31.52
CA VAL B 310 -21.87 33.40 -30.70
C VAL B 310 -22.75 32.14 -30.84
N GLY B 311 -24.05 32.32 -30.69
CA GLY B 311 -25.01 31.26 -30.99
C GLY B 311 -24.98 30.73 -32.41
N GLY B 312 -24.81 31.62 -33.38
CA GLY B 312 -24.62 31.17 -34.77
C GLY B 312 -23.36 30.30 -34.95
N TRP B 313 -22.25 30.70 -34.34
CA TRP B 313 -20.97 29.92 -34.48
C TRP B 313 -21.08 28.52 -33.94
N ILE B 314 -21.81 28.39 -32.82
CA ILE B 314 -21.97 27.10 -32.16
C ILE B 314 -22.87 26.24 -33.04
N SER B 315 -23.96 26.85 -33.53
CA SER B 315 -24.91 26.15 -34.40
C SER B 315 -24.31 25.61 -35.64
N THR B 316 -23.32 26.27 -36.20
CA THR B 316 -22.87 25.94 -37.54
C THR B 316 -21.45 25.41 -37.55
N ARG B 317 -20.89 25.21 -36.36
CA ARG B 317 -19.48 24.85 -36.21
C ARG B 317 -18.60 25.85 -37.00
N ALA B 318 -18.65 27.11 -36.56
CA ALA B 318 -17.88 28.17 -37.23
C ALA B 318 -16.37 28.04 -37.03
N SER B 319 -15.63 28.44 -38.06
CA SER B 319 -14.17 28.43 -38.06
C SER B 319 -13.69 29.83 -38.37
N GLY B 320 -12.70 30.30 -37.62
CA GLY B 320 -12.20 31.66 -37.74
C GLY B 320 -10.84 31.73 -38.42
N MET B 321 -10.46 32.92 -38.82
CA MET B 321 -9.24 33.13 -39.57
C MET B 321 -7.95 32.76 -38.84
N LYS B 322 -7.92 32.93 -37.52
CA LYS B 322 -6.75 32.68 -36.67
C LYS B 322 -6.94 31.45 -35.76
N LYS B 323 -7.76 30.47 -36.22
CA LYS B 323 -7.93 29.25 -35.47
C LYS B 323 -6.61 28.61 -35.05
N ASN B 324 -5.54 28.77 -35.83
CA ASN B 324 -4.19 28.25 -35.46
C ASN B 324 -3.71 28.74 -34.08
N ILE B 325 -4.15 29.93 -33.69
CA ILE B 325 -3.85 30.35 -32.34
C ILE B 325 -5.00 30.13 -31.37
N TYR B 326 -6.22 30.43 -31.79
CA TYR B 326 -7.30 30.52 -30.82
C TYR B 326 -8.20 29.31 -30.74
N GLY B 327 -8.10 28.43 -31.73
CA GLY B 327 -9.06 27.34 -31.92
C GLY B 327 -10.24 27.74 -32.82
N ASN B 328 -10.88 26.72 -33.40
CA ASN B 328 -12.19 26.88 -34.02
C ASN B 328 -13.20 26.93 -32.89
N ILE B 329 -14.47 27.13 -33.17
CA ILE B 329 -15.46 27.26 -32.09
C ILE B 329 -15.50 26.10 -31.05
N GLU B 330 -15.22 24.86 -31.47
CA GLU B 330 -15.35 23.68 -30.61
C GLU B 330 -14.25 23.65 -29.58
N ASP B 331 -13.20 24.45 -29.80
CA ASP B 331 -12.04 24.57 -28.88
C ASP B 331 -12.22 25.77 -27.96
N LEU B 332 -12.84 26.84 -28.47
CA LEU B 332 -13.15 28.07 -27.72
C LEU B 332 -14.24 27.96 -26.65
N VAL B 333 -15.27 27.15 -26.88
CA VAL B 333 -16.42 27.02 -25.96
C VAL B 333 -16.14 26.06 -24.81
N VAL B 334 -16.42 26.51 -23.61
CA VAL B 334 -16.15 25.72 -22.44
C VAL B 334 -17.43 25.38 -21.74
N HIS B 335 -18.52 26.06 -22.12
CA HIS B 335 -19.81 25.92 -21.47
C HIS B 335 -20.87 26.57 -22.35
N MET B 336 -22.10 26.08 -22.29
CA MET B 336 -23.23 26.71 -23.00
C MET B 336 -24.52 26.37 -22.23
N LYS B 337 -25.58 27.11 -22.52
CA LYS B 337 -26.88 26.86 -21.95
C LYS B 337 -27.87 26.87 -23.08
N VAL B 338 -28.73 25.87 -23.12
CA VAL B 338 -29.60 25.71 -24.27
C VAL B 338 -31.00 25.40 -23.82
N VAL B 339 -31.94 26.13 -24.42
CA VAL B 339 -33.35 25.91 -24.20
C VAL B 339 -33.96 25.02 -25.30
N THR B 340 -34.36 23.83 -24.91
CA THR B 340 -35.08 22.90 -25.80
C THR B 340 -36.48 22.69 -25.27
N PRO B 341 -37.38 22.18 -26.12
CA PRO B 341 -38.75 21.90 -25.68
C PRO B 341 -38.80 21.01 -24.45
N ARG B 342 -37.77 20.19 -24.29
CA ARG B 342 -37.66 19.22 -23.21
C ARG B 342 -37.16 19.85 -21.95
N GLY B 343 -36.51 20.99 -22.08
CA GLY B 343 -35.96 21.67 -20.93
C GLY B 343 -34.61 22.27 -21.23
N VAL B 344 -33.86 22.60 -20.18
CA VAL B 344 -32.61 23.34 -20.32
C VAL B 344 -31.39 22.42 -20.21
N ILE B 345 -30.56 22.41 -21.26
CA ILE B 345 -29.27 21.68 -21.21
C ILE B 345 -28.16 22.57 -20.68
N GLU B 346 -27.44 22.05 -19.71
CA GLU B 346 -26.39 22.80 -19.05
C GLU B 346 -25.58 21.91 -18.13
N LYS B 347 -24.27 21.86 -18.34
CA LYS B 347 -23.38 21.14 -17.44
C LYS B 347 -23.26 21.87 -16.12
N SER B 348 -22.97 21.11 -15.06
CA SER B 348 -22.93 21.68 -13.71
C SER B 348 -21.62 22.38 -13.37
N CYS B 349 -20.55 22.15 -14.12
CA CYS B 349 -19.25 22.75 -13.77
C CYS B 349 -18.48 23.25 -14.98
N GLN B 350 -17.43 24.04 -14.71
CA GLN B 350 -16.66 24.71 -15.77
C GLN B 350 -15.24 24.12 -15.92
N GLY B 351 -15.12 22.82 -15.62
CA GLY B 351 -13.88 22.08 -15.82
C GLY B 351 -13.35 22.22 -17.23
N PRO B 352 -12.03 22.33 -17.39
CA PRO B 352 -11.54 22.52 -18.74
C PRO B 352 -11.79 21.28 -19.65
N ARG B 353 -11.77 20.07 -19.08
CA ARG B 353 -11.91 18.88 -19.90
C ARG B 353 -12.51 17.82 -19.04
N MET B 354 -13.48 17.09 -19.57
CA MET B 354 -14.17 16.07 -18.80
C MET B 354 -14.17 14.69 -19.44
N SER B 355 -14.27 13.66 -18.63
CA SER B 355 -14.70 12.40 -19.13
C SER B 355 -16.00 11.98 -18.40
N THR B 356 -17.16 12.41 -18.92
CA THR B 356 -18.42 12.09 -18.25
C THR B 356 -19.43 11.58 -19.27
N GLY B 357 -18.97 10.68 -20.12
CA GLY B 357 -19.77 10.20 -21.22
C GLY B 357 -19.59 11.01 -22.47
N PRO B 358 -20.39 10.70 -23.49
CA PRO B 358 -20.25 11.42 -24.72
C PRO B 358 -20.51 12.86 -24.40
N ASP B 359 -19.77 13.75 -25.04
CA ASP B 359 -19.79 15.19 -24.76
C ASP B 359 -21.02 15.88 -25.37
N ILE B 360 -22.00 16.19 -24.53
CA ILE B 360 -23.24 16.77 -25.04
C ILE B 360 -23.09 18.16 -25.68
N HIS B 361 -22.00 18.85 -25.42
CA HIS B 361 -21.66 20.05 -26.19
C HIS B 361 -21.52 19.72 -27.64
N HIS B 362 -21.03 18.55 -27.97
CA HIS B 362 -21.04 18.16 -29.36
C HIS B 362 -22.39 17.74 -29.98
N PHE B 363 -23.37 17.40 -29.17
CA PHE B 363 -24.70 17.22 -29.70
C PHE B 363 -25.31 18.54 -30.18
N ILE B 364 -24.89 19.63 -29.55
CA ILE B 364 -25.41 20.95 -29.86
C ILE B 364 -24.62 21.72 -30.91
N MET B 365 -23.29 21.65 -30.89
CA MET B 365 -22.51 22.28 -31.94
C MET B 365 -22.78 21.58 -33.24
N GLY B 366 -23.08 22.34 -34.30
CA GLY B 366 -23.47 21.77 -35.56
C GLY B 366 -24.96 21.43 -35.69
N SER B 367 -25.76 21.72 -34.66
CA SER B 367 -27.20 21.40 -34.70
C SER B 367 -28.00 22.45 -35.51
N GLU B 368 -27.35 23.52 -36.01
CA GLU B 368 -27.97 24.37 -37.03
C GLU B 368 -29.45 24.70 -36.77
N GLY B 369 -29.79 25.05 -35.54
CA GLY B 369 -31.12 25.54 -35.21
C GLY B 369 -32.23 24.52 -35.11
N THR B 370 -31.86 23.25 -35.16
CA THR B 370 -32.85 22.18 -35.22
C THR B 370 -33.23 21.63 -33.83
N LEU B 371 -32.55 22.08 -32.78
CA LEU B 371 -32.79 21.46 -31.45
C LEU B 371 -33.29 22.38 -30.34
N GLY B 372 -33.00 23.68 -30.44
CA GLY B 372 -33.38 24.60 -29.42
C GLY B 372 -32.61 25.88 -29.63
N VAL B 373 -32.57 26.72 -28.59
CA VAL B 373 -31.87 28.00 -28.70
C VAL B 373 -30.73 27.98 -27.71
N ILE B 374 -29.52 28.14 -28.21
CA ILE B 374 -28.40 28.45 -27.34
C ILE B 374 -28.61 29.88 -26.88
N THR B 375 -28.59 30.10 -25.56
CA THR B 375 -28.80 31.44 -25.05
C THR B 375 -27.58 32.00 -24.42
N GLU B 376 -26.75 31.18 -23.79
CA GLU B 376 -25.54 31.65 -23.10
C GLU B 376 -24.39 30.72 -23.43
N ALA B 377 -23.17 31.28 -23.50
CA ALA B 377 -22.00 30.47 -23.76
C ALA B 377 -20.85 31.06 -23.02
N THR B 378 -19.95 30.21 -22.54
CA THR B 378 -18.70 30.64 -21.97
C THR B 378 -17.54 30.37 -22.98
N ILE B 379 -16.73 31.37 -23.21
CA ILE B 379 -15.71 31.33 -24.26
C ILE B 379 -14.40 31.69 -23.68
N LYS B 380 -13.34 31.02 -24.14
CA LYS B 380 -11.98 31.32 -23.75
C LYS B 380 -11.60 32.68 -24.26
N ILE B 381 -10.82 33.40 -23.47
CA ILE B 381 -10.33 34.69 -23.95
C ILE B 381 -8.86 34.71 -23.76
N ARG B 382 -8.17 35.68 -24.39
CA ARG B 382 -6.73 35.78 -24.30
C ARG B 382 -6.30 37.23 -24.19
N PRO B 383 -5.08 37.48 -23.68
CA PRO B 383 -4.56 38.84 -23.69
C PRO B 383 -4.48 39.30 -25.10
N THR B 384 -4.79 40.54 -25.35
CA THR B 384 -4.59 41.10 -26.66
C THR B 384 -3.15 40.95 -27.16
N PRO B 385 -3.00 40.46 -28.41
CA PRO B 385 -1.62 40.35 -28.91
C PRO B 385 -0.93 41.72 -28.99
N GLU B 386 0.37 41.71 -28.71
CA GLU B 386 1.20 42.90 -28.67
C GLU B 386 1.40 43.51 -30.09
N TYR B 387 1.58 42.62 -31.06
CA TYR B 387 2.08 43.03 -32.31
C TYR B 387 1.58 42.12 -33.43
N GLN B 388 1.38 42.71 -34.59
CA GLN B 388 0.91 41.98 -35.72
C GLN B 388 1.79 42.31 -36.88
N LYS B 389 1.99 41.33 -37.76
CA LYS B 389 2.76 41.53 -38.96
C LYS B 389 2.15 40.69 -40.09
N TYR B 390 1.99 41.29 -41.26
CA TYR B 390 1.63 40.56 -42.46
C TYR B 390 2.87 40.19 -43.25
N GLY B 391 2.75 39.15 -44.08
CA GLY B 391 3.86 38.75 -44.93
C GLY B 391 3.25 38.12 -46.13
N SER B 392 4.07 37.69 -47.08
CA SER B 392 3.61 36.93 -48.22
C SER B 392 4.78 36.21 -48.85
N VAL B 393 4.50 35.24 -49.69
CA VAL B 393 5.54 34.43 -50.32
C VAL B 393 5.11 34.06 -51.73
N ALA B 394 5.99 34.22 -52.71
CA ALA B 394 5.74 33.74 -54.07
C ALA B 394 6.32 32.33 -54.34
N PHE B 395 5.57 31.51 -55.05
CA PHE B 395 6.04 30.19 -55.42
C PHE B 395 6.01 30.01 -56.93
N PRO B 396 6.92 29.17 -57.46
CA PRO B 396 6.89 28.85 -58.92
C PRO B 396 5.53 28.35 -59.44
N ASN B 397 4.85 27.52 -58.67
CA ASN B 397 3.47 27.10 -59.01
C ASN B 397 2.65 26.75 -57.75
N PHE B 398 1.39 26.38 -57.95
CA PHE B 398 0.51 26.01 -56.87
C PHE B 398 1.07 24.81 -56.08
N GLU B 399 1.52 23.80 -56.81
CA GLU B 399 1.98 22.55 -56.25
C GLU B 399 3.08 22.76 -55.23
N GLN B 400 4.08 23.58 -55.56
CA GLN B 400 5.15 23.91 -54.63
C GLN B 400 4.62 24.65 -53.43
N GLY B 401 3.66 25.56 -53.64
CA GLY B 401 3.07 26.27 -52.50
C GLY B 401 2.38 25.31 -51.54
N VAL B 402 1.63 24.37 -52.10
CA VAL B 402 0.94 23.37 -51.29
C VAL B 402 1.96 22.52 -50.52
N ALA B 403 3.01 22.05 -51.20
CA ALA B 403 4.02 21.28 -50.52
C ALA B 403 4.59 22.11 -49.37
N CYS B 404 4.74 23.40 -49.56
CA CYS B 404 5.33 24.25 -48.55
C CYS B 404 4.41 24.35 -47.33
N LEU B 405 3.13 24.67 -47.54
CA LEU B 405 2.17 24.68 -46.39
C LEU B 405 2.10 23.36 -45.63
N ARG B 406 2.20 22.26 -46.37
CA ARG B 406 2.20 20.99 -45.70
C ARG B 406 3.40 20.84 -44.72
N GLU B 407 4.56 21.31 -45.16
CA GLU B 407 5.80 21.19 -44.39
C GLU B 407 5.68 22.09 -43.15
N ILE B 408 5.00 23.21 -43.36
CA ILE B 408 4.75 24.16 -42.29
C ILE B 408 3.89 23.49 -41.25
N ALA B 409 2.86 22.79 -41.68
CA ALA B 409 1.97 22.10 -40.74
C ALA B 409 2.66 20.88 -40.08
N LYS B 410 3.50 20.21 -40.85
CA LYS B 410 4.29 19.11 -40.33
C LYS B 410 5.24 19.60 -39.22
N GLN B 411 5.86 20.76 -39.39
CA GLN B 411 6.68 21.29 -38.33
C GLN B 411 5.88 22.03 -37.25
N ARG B 412 4.57 22.11 -37.42
CA ARG B 412 3.69 22.71 -36.42
C ARG B 412 4.07 24.15 -36.10
N CYS B 413 4.51 24.90 -37.12
CA CYS B 413 4.77 26.32 -36.96
C CYS B 413 3.98 27.19 -37.98
N ALA B 414 2.68 26.87 -38.17
CA ALA B 414 1.82 27.79 -38.87
C ALA B 414 1.70 29.11 -38.09
N PRO B 415 1.86 30.23 -38.78
CA PRO B 415 1.59 31.51 -38.18
C PRO B 415 0.11 31.65 -37.89
N ALA B 416 -0.28 32.68 -37.16
CA ALA B 416 -1.69 32.95 -36.88
C ALA B 416 -2.63 32.61 -38.06
N SER B 417 -2.26 33.00 -39.26
CA SER B 417 -3.03 32.64 -40.44
C SER B 417 -2.08 32.56 -41.62
N ILE B 418 -2.28 31.53 -42.45
CA ILE B 418 -1.56 31.35 -43.69
C ILE B 418 -2.51 30.87 -44.76
N HIS B 419 -2.54 31.56 -45.89
CA HIS B 419 -3.42 31.18 -46.99
C HIS B 419 -2.51 30.89 -48.14
N LEU B 420 -2.93 30.02 -49.05
CA LEU B 420 -2.25 29.93 -50.34
C LEU B 420 -3.21 30.25 -51.50
N MET B 421 -2.87 31.23 -52.34
CA MET B 421 -3.72 31.58 -53.45
C MET B 421 -3.19 31.01 -54.74
N ASP B 422 -4.08 30.54 -55.60
CA ASP B 422 -3.62 30.15 -56.92
C ASP B 422 -3.43 31.40 -57.74
N ASN B 423 -2.84 31.25 -58.91
CA ASN B 423 -2.49 32.39 -59.75
C ASN B 423 -3.62 33.38 -59.93
N GLN B 424 -4.78 32.87 -60.36
CA GLN B 424 -5.94 33.72 -60.66
C GLN B 424 -6.29 34.59 -59.49
N GLN B 425 -6.36 33.97 -58.32
CA GLN B 425 -6.72 34.69 -57.13
C GLN B 425 -5.65 35.66 -56.73
N PHE B 426 -4.41 35.28 -57.00
CA PHE B 426 -3.35 36.20 -56.67
C PHE B 426 -3.57 37.47 -57.44
N GLN B 427 -3.95 37.35 -58.71
CA GLN B 427 -4.17 38.55 -59.51
C GLN B 427 -5.45 39.25 -59.16
N PHE B 428 -6.50 38.48 -58.90
CA PHE B 428 -7.71 39.03 -58.31
C PHE B 428 -7.26 39.96 -57.18
N GLY B 429 -6.36 39.47 -56.33
CA GLY B 429 -5.88 40.25 -55.21
C GLY B 429 -5.01 41.40 -55.65
N HIS B 430 -4.16 41.17 -56.65
CA HIS B 430 -3.16 42.13 -57.12
C HIS B 430 -3.79 43.40 -57.69
N ALA B 431 -5.00 43.24 -58.21
CA ALA B 431 -5.77 44.30 -58.79
C ALA B 431 -6.60 45.01 -57.72
N LEU B 432 -6.21 44.84 -56.47
CA LEU B 432 -6.82 45.52 -55.36
C LEU B 432 -5.84 46.58 -54.79
N LYS B 433 -4.65 46.66 -55.37
CA LYS B 433 -3.70 47.65 -54.92
C LYS B 433 -4.14 49.06 -55.35
N PRO B 434 -3.92 50.07 -54.48
CA PRO B 434 -3.93 51.49 -54.87
C PRO B 434 -2.59 51.87 -55.49
N GLN B 435 -2.61 52.73 -56.51
CA GLN B 435 -1.38 53.10 -57.26
C GLN B 435 -0.78 51.94 -58.04
N GLY B 457 12.87 34.98 -62.97
CA GLY B 457 11.43 35.08 -62.76
C GLY B 457 10.78 33.72 -62.53
N PHE B 458 9.43 33.73 -62.49
CA PHE B 458 8.58 32.50 -62.48
C PHE B 458 7.49 32.58 -63.58
N ASP B 459 7.00 31.43 -64.07
CA ASP B 459 5.94 31.39 -65.13
C ASP B 459 4.58 31.99 -64.68
N PRO B 460 4.28 33.24 -65.10
CA PRO B 460 3.15 33.99 -64.51
C PRO B 460 1.76 33.34 -64.69
N ASN B 461 1.75 32.18 -65.36
CA ASN B 461 0.52 31.41 -65.52
C ASN B 461 0.20 30.62 -64.26
N GLN B 462 1.23 30.08 -63.64
CA GLN B 462 1.04 29.13 -62.54
C GLN B 462 1.58 29.64 -61.19
N LEU B 463 2.28 30.77 -61.22
CA LEU B 463 2.87 31.39 -60.05
C LEU B 463 1.82 31.57 -58.97
N SER B 464 2.15 31.07 -57.77
CA SER B 464 1.24 31.09 -56.60
C SER B 464 1.84 31.89 -55.45
N VAL B 465 0.95 32.48 -54.64
CA VAL B 465 1.31 33.38 -53.53
C VAL B 465 0.58 32.98 -52.23
N ALA B 466 1.37 32.80 -51.18
CA ALA B 466 0.87 32.55 -49.84
C ALA B 466 0.82 33.89 -49.14
N THR B 467 -0.20 34.12 -48.34
CA THR B 467 -0.24 35.30 -47.50
C THR B 467 -0.05 34.84 -46.07
N LEU B 468 0.60 35.66 -45.26
CA LEU B 468 0.86 35.32 -43.84
C LEU B 468 0.40 36.40 -42.87
N LEU B 469 -0.08 35.96 -41.72
CA LEU B 469 -0.29 36.90 -40.64
C LEU B 469 0.25 36.34 -39.34
N PHE B 470 1.16 37.10 -38.73
CA PHE B 470 1.81 36.76 -37.50
C PHE B 470 1.25 37.66 -36.42
N GLU B 471 1.04 37.15 -35.21
CA GLU B 471 0.67 37.98 -34.07
C GLU B 471 1.20 37.38 -32.80
N GLY B 472 1.46 38.23 -31.79
CA GLY B 472 2.14 37.83 -30.54
C GLY B 472 3.18 38.90 -30.25
N ASP B 473 4.11 38.61 -29.36
CA ASP B 473 5.20 39.53 -28.98
C ASP B 473 6.15 39.77 -30.15
N ARG B 474 6.71 40.98 -30.22
CA ARG B 474 7.43 41.41 -31.43
C ARG B 474 8.67 40.59 -31.89
N GLU B 475 9.66 40.39 -30.99
CA GLU B 475 10.82 39.57 -31.35
C GLU B 475 10.46 38.09 -31.66
N LYS B 476 9.39 37.60 -31.02
CA LYS B 476 8.80 36.32 -31.32
C LYS B 476 8.33 36.27 -32.76
N VAL B 477 7.42 37.18 -33.12
CA VAL B 477 6.92 37.34 -34.50
C VAL B 477 8.08 37.40 -35.49
N LEU B 478 9.01 38.33 -35.25
CA LEU B 478 10.16 38.54 -36.12
C LEU B 478 11.01 37.29 -36.24
N GLN B 479 11.22 36.59 -35.15
CA GLN B 479 11.91 35.31 -35.15
C GLN B 479 11.11 34.18 -35.86
N HIS B 480 9.78 34.15 -35.66
CA HIS B 480 8.89 33.25 -36.39
C HIS B 480 8.91 33.48 -37.90
N GLU B 481 8.85 34.75 -38.30
CA GLU B 481 8.82 35.13 -39.70
C GLU B 481 10.03 34.59 -40.47
N LYS B 482 11.18 34.56 -39.82
CA LYS B 482 12.39 34.03 -40.42
C LYS B 482 12.33 32.50 -40.54
N GLN B 483 11.69 31.86 -39.56
CA GLN B 483 11.50 30.43 -39.64
C GLN B 483 10.58 30.04 -40.83
N VAL B 484 9.53 30.81 -41.08
CA VAL B 484 8.65 30.48 -42.21
C VAL B 484 9.40 30.64 -43.54
N TYR B 485 10.03 31.81 -43.76
CA TYR B 485 10.76 32.05 -45.01
C TYR B 485 11.78 30.99 -45.33
N ASP B 486 12.60 30.57 -44.36
CA ASP B 486 13.56 29.48 -44.60
C ASP B 486 12.85 28.23 -45.11
N ILE B 487 11.72 27.89 -44.48
CA ILE B 487 11.02 26.67 -44.80
C ILE B 487 10.55 26.83 -46.22
N ALA B 488 10.04 28.02 -46.53
CA ALA B 488 9.53 28.34 -47.86
C ALA B 488 10.65 28.37 -48.95
N ALA B 489 11.85 28.78 -48.53
CA ALA B 489 13.03 28.75 -49.37
C ALA B 489 13.22 27.37 -49.97
N LYS B 490 13.19 26.31 -49.14
CA LYS B 490 13.36 24.93 -49.64
C LYS B 490 12.48 24.65 -50.86
N PHE B 491 11.29 25.27 -50.92
CA PHE B 491 10.30 24.99 -51.99
C PHE B 491 10.25 26.02 -53.09
N GLY B 492 11.37 26.71 -53.34
CA GLY B 492 11.39 27.79 -54.34
C GLY B 492 10.56 29.04 -54.01
N GLY B 493 10.19 29.21 -52.74
CA GLY B 493 9.45 30.40 -52.31
C GLY B 493 10.34 31.59 -51.95
N LEU B 494 10.02 32.77 -52.46
CA LEU B 494 10.80 33.96 -52.14
C LEU B 494 9.90 34.96 -51.48
N ALA B 495 10.35 35.55 -50.38
CA ALA B 495 9.61 36.62 -49.70
C ALA B 495 9.01 37.57 -50.73
N ALA B 496 7.72 37.85 -50.62
CA ALA B 496 7.04 38.71 -51.59
C ALA B 496 6.52 40.00 -50.99
N GLY B 497 6.70 40.21 -49.67
CA GLY B 497 6.50 41.53 -49.08
C GLY B 497 5.18 41.72 -48.35
N GLU B 498 5.09 42.82 -47.59
CA GLU B 498 3.98 43.02 -46.68
C GLU B 498 2.65 43.25 -47.34
N ASP B 499 2.60 44.14 -48.30
CA ASP B 499 1.31 44.64 -48.77
C ASP B 499 0.54 43.67 -49.67
N ASN B 500 1.25 42.72 -50.30
CA ASN B 500 0.60 41.57 -50.91
C ASN B 500 0.02 40.69 -49.83
N GLY B 501 0.60 40.79 -48.64
CA GLY B 501 0.10 40.07 -47.50
C GLY B 501 -1.23 40.67 -47.16
N GLN B 502 -1.21 41.92 -46.71
CA GLN B 502 -2.42 42.67 -46.34
C GLN B 502 -3.56 42.47 -47.31
N ARG B 503 -3.30 42.69 -48.59
CA ARG B 503 -4.43 42.84 -49.48
C ARG B 503 -4.99 41.49 -49.94
N GLY B 504 -4.23 40.41 -49.75
CA GLY B 504 -4.73 39.04 -49.99
C GLY B 504 -5.82 38.62 -48.99
N TYR B 505 -5.69 39.19 -47.80
CA TYR B 505 -6.64 38.96 -46.72
C TYR B 505 -7.86 39.81 -46.88
N LEU B 506 -7.67 41.04 -47.33
CA LEU B 506 -8.80 41.95 -47.42
C LEU B 506 -9.69 41.50 -48.56
N LEU B 507 -9.09 40.65 -49.39
CA LEU B 507 -9.77 39.92 -50.44
C LEU B 507 -10.78 38.91 -49.92
N THR B 508 -10.54 38.26 -48.77
CA THR B 508 -11.58 37.44 -48.08
C THR B 508 -12.66 38.30 -47.40
N TYR B 509 -12.30 39.53 -47.02
CA TYR B 509 -13.18 40.37 -46.22
C TYR B 509 -14.19 41.27 -46.95
N VAL B 510 -13.84 41.78 -48.13
CA VAL B 510 -14.77 42.61 -48.90
C VAL B 510 -15.58 41.88 -49.95
N ILE B 511 -15.13 40.67 -50.31
CA ILE B 511 -15.66 39.86 -51.41
C ILE B 511 -17.13 39.88 -51.46
N ALA B 512 -17.76 39.79 -50.30
CA ALA B 512 -19.20 39.82 -50.26
C ALA B 512 -19.77 41.13 -50.79
N TYR B 513 -19.01 42.22 -50.75
CA TYR B 513 -19.40 43.47 -51.42
C TYR B 513 -19.26 43.37 -52.90
N MET B 514 -18.24 42.65 -53.34
CA MET B 514 -18.00 42.52 -54.75
C MET B 514 -19.08 41.72 -55.46
N ARG B 515 -19.58 40.69 -54.78
CA ARG B 515 -20.59 39.85 -55.34
C ARG B 515 -21.83 40.65 -55.77
N ASP B 516 -22.21 41.66 -54.98
CA ASP B 516 -23.34 42.55 -55.30
C ASP B 516 -23.02 43.38 -56.54
N LEU B 517 -21.81 43.90 -56.59
CA LEU B 517 -21.37 44.66 -57.72
C LEU B 517 -21.49 43.81 -58.99
N GLY B 518 -20.79 42.69 -59.02
CA GLY B 518 -21.01 41.64 -60.01
C GLY B 518 -22.44 41.47 -60.51
N LEU B 519 -23.40 41.37 -59.59
CA LEU B 519 -24.81 41.23 -59.94
C LEU B 519 -25.36 42.43 -60.72
N GLU B 520 -24.92 43.63 -60.40
CA GLU B 520 -25.38 44.78 -61.18
C GLU B 520 -24.87 44.73 -62.60
N TYR B 521 -23.89 43.90 -62.89
CA TYR B 521 -23.39 43.76 -64.24
C TYR B 521 -23.47 42.36 -64.84
N TYR B 522 -24.55 41.65 -64.54
CA TYR B 522 -24.77 40.30 -65.06
C TYR B 522 -23.66 39.30 -64.76
N ILE B 523 -23.10 39.38 -63.56
CA ILE B 523 -22.16 38.37 -63.11
C ILE B 523 -22.66 37.69 -61.85
N ILE B 524 -22.80 36.36 -61.92
CA ILE B 524 -23.14 35.60 -60.72
C ILE B 524 -21.90 34.90 -60.23
N GLY B 525 -21.68 35.00 -58.93
CA GLY B 525 -20.59 34.28 -58.27
C GLY B 525 -20.95 33.79 -56.88
N GLU B 526 -20.22 32.77 -56.44
CA GLU B 526 -20.40 32.25 -55.08
C GLU B 526 -19.11 31.59 -54.66
N SER B 527 -19.05 31.24 -53.38
CA SER B 527 -17.92 30.54 -52.82
C SER B 527 -18.44 29.27 -52.26
N PHE B 528 -17.58 28.28 -52.18
CA PHE B 528 -17.87 27.03 -51.46
C PHE B 528 -16.57 26.46 -50.96
N GLU B 529 -16.66 25.57 -49.99
CA GLU B 529 -15.43 25.12 -49.39
C GLU B 529 -15.49 23.66 -49.05
N THR B 530 -14.32 23.05 -48.90
CA THR B 530 -14.26 21.70 -48.41
C THR B 530 -13.03 21.56 -47.51
N SER B 531 -12.98 20.55 -46.67
CA SER B 531 -11.68 20.13 -46.12
C SER B 531 -11.29 18.82 -46.75
N ALA B 532 -9.98 18.55 -46.77
CA ALA B 532 -9.46 17.34 -47.44
C ALA B 532 -8.13 16.91 -46.85
N PRO B 533 -7.76 15.63 -47.01
CA PRO B 533 -6.46 15.21 -46.52
C PRO B 533 -5.36 15.81 -47.40
N TRP B 534 -4.16 15.97 -46.84
CA TRP B 534 -3.01 16.60 -47.51
C TRP B 534 -2.68 15.97 -48.83
N ASP B 535 -2.76 14.63 -48.93
CA ASP B 535 -2.40 13.97 -50.20
C ASP B 535 -3.46 14.05 -51.29
N ARG B 536 -4.61 14.65 -50.98
CA ARG B 536 -5.63 14.89 -51.97
C ARG B 536 -5.71 16.34 -52.46
N VAL B 537 -5.13 17.28 -51.72
CA VAL B 537 -5.31 18.72 -52.03
C VAL B 537 -5.00 19.12 -53.48
N VAL B 538 -3.91 18.62 -54.03
CA VAL B 538 -3.47 19.12 -55.35
C VAL B 538 -4.44 18.66 -56.41
N ASP B 539 -4.79 17.37 -56.40
CA ASP B 539 -5.68 16.82 -57.42
C ASP B 539 -7.10 17.38 -57.28
N LEU B 540 -7.55 17.47 -56.04
CA LEU B 540 -8.85 18.05 -55.75
C LEU B 540 -9.00 19.47 -56.31
N CYS B 541 -8.01 20.35 -56.09
CA CYS B 541 -8.11 21.71 -56.58
C CYS B 541 -8.18 21.75 -58.08
N ARG B 542 -7.24 21.07 -58.72
CA ARG B 542 -7.16 20.98 -60.18
C ARG B 542 -8.42 20.36 -60.78
N ASN B 543 -8.84 19.19 -60.28
CA ASN B 543 -10.03 18.56 -60.83
C ASN B 543 -11.31 19.35 -60.63
N VAL B 544 -11.43 20.05 -59.50
CA VAL B 544 -12.66 20.79 -59.18
C VAL B 544 -12.79 22.08 -60.01
N LYS B 545 -11.70 22.80 -60.17
CA LYS B 545 -11.64 23.97 -61.02
C LYS B 545 -11.94 23.61 -62.48
N GLU B 546 -11.40 22.49 -62.91
CA GLU B 546 -11.66 22.05 -64.26
C GLU B 546 -13.12 21.62 -64.47
N ARG B 547 -13.69 20.93 -63.47
CA ARG B 547 -15.07 20.45 -63.56
C ARG B 547 -16.01 21.63 -63.80
N ILE B 548 -15.71 22.73 -63.13
CA ILE B 548 -16.50 23.94 -63.21
C ILE B 548 -16.47 24.56 -64.61
N ARG B 549 -15.28 24.63 -65.20
CA ARG B 549 -15.10 25.10 -66.56
C ARG B 549 -15.83 24.22 -67.55
N ARG B 550 -15.67 22.92 -67.41
CA ARG B 550 -16.32 21.97 -68.30
C ARG B 550 -17.83 22.07 -68.21
N GLU B 551 -18.36 22.09 -66.99
CA GLU B 551 -19.80 22.22 -66.80
C GLU B 551 -20.39 23.50 -67.42
N CYS B 552 -19.68 24.60 -67.26
CA CYS B 552 -20.12 25.88 -67.79
C CYS B 552 -20.17 25.90 -69.32
N LYS B 553 -19.12 25.36 -69.93
CA LYS B 553 -19.06 25.19 -71.36
C LYS B 553 -20.29 24.43 -71.86
N GLU B 554 -20.50 23.25 -71.29
CA GLU B 554 -21.57 22.33 -71.66
C GLU B 554 -22.95 22.90 -71.42
N LYS B 555 -23.07 23.89 -70.53
CA LYS B 555 -24.38 24.51 -70.26
C LYS B 555 -24.61 25.78 -71.09
N GLY B 556 -23.63 26.14 -71.91
CA GLY B 556 -23.80 27.23 -72.84
C GLY B 556 -23.23 28.57 -72.40
N VAL B 557 -22.43 28.58 -71.33
CA VAL B 557 -21.75 29.80 -70.92
C VAL B 557 -20.69 30.19 -71.97
N GLN B 558 -20.82 31.43 -72.46
CA GLN B 558 -19.95 31.91 -73.51
C GLN B 558 -18.50 32.18 -73.11
N PHE B 559 -18.30 32.71 -71.90
CA PHE B 559 -16.93 32.88 -71.41
C PHE B 559 -16.58 31.98 -70.35
N PRO B 560 -15.36 31.45 -70.44
CA PRO B 560 -14.81 30.65 -69.37
C PRO B 560 -15.07 31.37 -68.05
N PRO B 561 -15.64 30.64 -67.04
CA PRO B 561 -15.95 31.26 -65.76
C PRO B 561 -14.68 31.52 -64.99
N LEU B 562 -14.75 32.41 -64.00
CA LEU B 562 -13.72 32.48 -62.97
C LEU B 562 -13.82 31.21 -62.14
N SER B 563 -12.73 30.47 -62.07
CA SER B 563 -12.70 29.25 -61.31
C SER B 563 -11.43 29.24 -60.47
N THR B 564 -11.53 29.72 -59.24
CA THR B 564 -10.30 29.95 -58.49
C THR B 564 -10.37 29.28 -57.13
N CYS B 565 -9.23 28.90 -56.58
CA CYS B 565 -9.22 28.32 -55.24
C CYS B 565 -8.12 28.89 -54.37
N ARG B 566 -8.29 28.85 -53.06
CA ARG B 566 -7.19 29.13 -52.16
C ARG B 566 -7.19 28.18 -51.00
N VAL B 567 -6.03 27.79 -50.51
CA VAL B 567 -5.97 27.02 -49.29
C VAL B 567 -6.07 27.92 -48.09
N THR B 568 -7.06 27.70 -47.24
CA THR B 568 -7.22 28.62 -46.13
C THR B 568 -6.93 28.14 -44.73
N GLN B 569 -6.94 26.85 -44.45
CA GLN B 569 -6.62 26.36 -43.13
C GLN B 569 -5.75 25.16 -43.22
N THR B 570 -4.74 25.09 -42.39
CA THR B 570 -3.94 23.87 -42.30
C THR B 570 -4.21 23.22 -40.96
N TYR B 571 -4.10 21.90 -40.97
CA TYR B 571 -4.26 21.08 -39.80
C TYR B 571 -3.25 20.02 -39.97
N ASP B 572 -3.05 19.22 -38.92
CA ASP B 572 -2.16 18.07 -38.99
C ASP B 572 -2.57 17.10 -40.08
N ALA B 573 -3.86 16.82 -40.18
CA ALA B 573 -4.33 15.83 -41.16
C ALA B 573 -4.80 16.34 -42.52
N GLY B 574 -4.68 17.63 -42.83
CA GLY B 574 -5.27 18.12 -44.07
C GLY B 574 -5.49 19.60 -44.08
N ALA B 575 -6.31 20.06 -45.01
CA ALA B 575 -6.44 21.51 -45.26
C ALA B 575 -7.88 21.83 -45.62
N CYS B 576 -8.23 23.09 -45.42
CA CYS B 576 -9.47 23.68 -45.87
C CYS B 576 -9.23 24.39 -47.20
N ILE B 577 -10.03 24.05 -48.18
CA ILE B 577 -9.90 24.65 -49.51
C ILE B 577 -11.11 25.51 -49.83
N TYR B 578 -10.83 26.72 -50.28
CA TYR B 578 -11.87 27.68 -50.68
C TYR B 578 -11.93 27.82 -52.19
N PHE B 579 -13.15 27.89 -52.73
CA PHE B 579 -13.34 28.07 -54.17
C PHE B 579 -14.23 29.25 -54.47
N TYR B 580 -13.82 29.99 -55.49
CA TYR B 580 -14.64 31.04 -56.05
C TYR B 580 -14.97 30.68 -57.48
N PHE B 581 -16.24 30.87 -57.77
CA PHE B 581 -16.81 30.51 -59.05
C PHE B 581 -17.73 31.64 -59.51
N ALA B 582 -17.54 32.10 -60.75
CA ALA B 582 -18.30 33.23 -61.28
C ALA B 582 -18.23 33.36 -62.80
N PHE B 583 -19.37 33.69 -63.39
CA PHE B 583 -19.40 33.93 -64.81
C PHE B 583 -20.36 35.04 -65.25
N ASN B 584 -20.00 35.68 -66.37
CA ASN B 584 -20.90 36.52 -67.14
C ASN B 584 -22.06 35.69 -67.67
N TYR B 585 -23.29 36.01 -67.27
CA TYR B 585 -24.41 35.26 -67.85
C TYR B 585 -25.01 35.90 -69.12
N ARG B 586 -24.14 36.28 -70.06
CA ARG B 586 -24.54 36.97 -71.31
C ARG B 586 -25.26 36.01 -72.24
N GLY B 587 -26.45 36.40 -72.69
CA GLY B 587 -27.23 35.59 -73.63
C GLY B 587 -27.36 34.16 -73.16
N ILE B 588 -27.47 34.00 -71.85
CA ILE B 588 -27.73 32.73 -71.22
C ILE B 588 -29.15 32.89 -70.73
N SER B 589 -30.04 32.01 -71.19
CA SER B 589 -31.44 32.13 -70.82
C SER B 589 -31.62 32.13 -69.30
N ASP B 590 -31.25 31.03 -68.63
CA ASP B 590 -31.55 30.83 -67.20
C ASP B 590 -30.29 30.77 -66.33
N PRO B 591 -29.88 31.92 -65.78
CA PRO B 591 -28.55 32.07 -65.17
C PRO B 591 -28.40 31.42 -63.79
N LEU B 592 -29.44 31.50 -62.97
CA LEU B 592 -29.40 30.91 -61.64
C LEU B 592 -29.23 29.40 -61.71
N ALA B 593 -30.15 28.75 -62.44
CA ALA B 593 -30.28 27.30 -62.43
C ALA B 593 -29.09 26.58 -63.10
N VAL B 594 -28.55 27.20 -64.12
CA VAL B 594 -27.27 26.77 -64.63
C VAL B 594 -26.24 26.79 -63.50
N PHE B 595 -26.25 27.88 -62.73
CA PHE B 595 -25.32 28.07 -61.65
C PHE B 595 -25.45 27.01 -60.59
N GLU B 596 -26.70 26.79 -60.16
CA GLU B 596 -27.02 25.83 -59.11
C GLU B 596 -26.57 24.42 -59.55
N GLN B 597 -26.74 24.09 -60.83
CA GLN B 597 -26.32 22.79 -61.33
C GLN B 597 -24.81 22.62 -61.34
N THR B 598 -24.13 23.70 -61.73
CA THR B 598 -22.68 23.72 -61.78
C THR B 598 -22.06 23.57 -60.38
N GLU B 599 -22.73 24.14 -59.39
CA GLU B 599 -22.27 24.07 -58.03
C GLU B 599 -22.55 22.70 -57.36
N ALA B 600 -23.63 22.04 -57.76
CA ALA B 600 -23.85 20.67 -57.34
C ALA B 600 -22.84 19.72 -58.00
N ALA B 601 -22.48 19.98 -59.24
CA ALA B 601 -21.48 19.17 -59.91
C ALA B 601 -20.14 19.33 -59.23
N ALA B 602 -19.81 20.57 -58.85
CA ALA B 602 -18.56 20.84 -58.14
C ALA B 602 -18.51 20.13 -56.80
N ARG B 603 -19.62 20.09 -56.06
CA ARG B 603 -19.68 19.22 -54.86
C ARG B 603 -19.38 17.75 -55.14
N GLU B 604 -19.97 17.20 -56.20
CA GLU B 604 -19.72 15.80 -56.58
C GLU B 604 -18.26 15.61 -56.81
N GLU B 605 -17.65 16.57 -57.51
CA GLU B 605 -16.22 16.50 -57.80
C GLU B 605 -15.40 16.57 -56.50
N ILE B 606 -15.83 17.40 -55.58
CA ILE B 606 -15.17 17.50 -54.32
C ILE B 606 -15.25 16.15 -53.59
N LEU B 607 -16.44 15.60 -53.44
CA LEU B 607 -16.57 14.36 -52.69
C LEU B 607 -15.86 13.20 -53.37
N ALA B 608 -15.79 13.24 -54.70
CA ALA B 608 -15.13 12.19 -55.49
C ALA B 608 -13.62 12.28 -55.36
N ASN B 609 -13.13 13.47 -54.99
CA ASN B 609 -11.70 13.65 -54.79
C ASN B 609 -11.28 13.51 -53.35
N GLY B 610 -12.21 13.04 -52.50
CA GLY B 610 -11.89 12.75 -51.10
C GLY B 610 -12.10 13.94 -50.15
N GLY B 611 -12.77 14.98 -50.64
CA GLY B 611 -13.08 16.14 -49.80
C GLY B 611 -14.37 15.96 -49.04
N SER B 612 -14.51 16.71 -47.96
CA SER B 612 -15.69 16.70 -47.09
C SER B 612 -16.85 17.51 -47.60
N LEU B 613 -18.04 17.24 -47.06
CA LEU B 613 -19.28 17.90 -47.50
C LEU B 613 -19.17 19.36 -47.26
N SER B 614 -18.61 19.71 -46.08
CA SER B 614 -18.22 21.08 -45.75
C SER B 614 -17.16 21.14 -44.62
N HIS B 615 -16.33 22.16 -44.67
CA HIS B 615 -15.38 22.38 -43.63
C HIS B 615 -15.97 23.21 -42.50
N HIS B 616 -16.71 24.29 -42.81
CA HIS B 616 -17.29 25.15 -41.78
C HIS B 616 -18.64 25.79 -42.09
N HIS B 617 -19.00 25.92 -43.38
CA HIS B 617 -20.27 26.56 -43.75
C HIS B 617 -21.46 25.84 -43.21
N GLY B 618 -21.36 24.51 -43.25
CA GLY B 618 -22.43 23.68 -42.80
C GLY B 618 -23.29 23.12 -43.92
N VAL B 619 -24.41 22.51 -43.51
CA VAL B 619 -25.20 21.72 -44.38
C VAL B 619 -26.53 22.45 -44.67
N GLY B 620 -27.21 22.90 -43.61
CA GLY B 620 -28.50 23.59 -43.75
C GLY B 620 -29.51 22.74 -44.50
N LYS B 621 -30.08 23.31 -45.57
CA LYS B 621 -30.94 22.58 -46.55
C LYS B 621 -30.19 22.45 -47.89
N LEU B 622 -29.09 23.16 -48.02
CA LEU B 622 -28.37 23.15 -49.28
C LEU B 622 -27.60 21.87 -49.58
N ARG B 623 -27.11 21.17 -48.55
CA ARG B 623 -26.25 20.01 -48.73
C ARG B 623 -26.84 18.78 -48.05
N LYS B 624 -28.12 18.87 -47.70
CA LYS B 624 -28.85 17.78 -47.09
C LYS B 624 -28.76 16.47 -47.85
N GLN B 625 -28.84 16.49 -49.17
CA GLN B 625 -28.98 15.23 -49.86
C GLN B 625 -27.76 14.32 -49.68
N TRP B 626 -26.65 14.91 -49.21
CA TRP B 626 -25.37 14.19 -49.11
C TRP B 626 -25.04 13.72 -47.70
N LEU B 627 -25.83 14.13 -46.72
CA LEU B 627 -25.45 13.95 -45.34
C LEU B 627 -25.36 12.49 -44.97
N LYS B 628 -26.39 11.74 -45.34
CA LYS B 628 -26.43 10.33 -45.02
C LYS B 628 -25.20 9.53 -45.39
N GLU B 629 -24.70 9.68 -46.63
CA GLU B 629 -23.48 8.95 -46.98
C GLU B 629 -22.24 9.46 -46.30
N SER B 630 -22.24 10.76 -45.97
CA SER B 630 -21.12 11.40 -45.29
C SER B 630 -20.98 10.92 -43.89
N ILE B 631 -22.09 10.80 -43.16
CA ILE B 631 -22.02 10.40 -41.78
C ILE B 631 -22.50 8.96 -41.52
N SER B 632 -22.93 8.26 -42.57
CA SER B 632 -23.51 6.91 -42.53
C SER B 632 -24.96 6.94 -42.08
N ASP B 633 -25.71 5.88 -42.39
CA ASP B 633 -27.12 5.74 -42.05
C ASP B 633 -27.39 5.80 -40.54
N VAL B 634 -26.62 5.02 -39.80
CA VAL B 634 -26.69 4.97 -38.34
C VAL B 634 -26.34 6.31 -37.68
N GLY B 635 -25.24 6.93 -38.11
CA GLY B 635 -24.91 8.33 -37.78
C GLY B 635 -26.12 9.24 -37.89
N PHE B 636 -26.74 9.22 -39.06
CA PHE B 636 -27.94 9.99 -39.33
C PHE B 636 -29.05 9.59 -38.34
N GLY B 637 -29.25 8.28 -38.19
CA GLY B 637 -30.21 7.76 -37.25
C GLY B 637 -29.96 8.30 -35.87
N MET B 638 -28.71 8.40 -35.45
CA MET B 638 -28.39 8.95 -34.11
C MET B 638 -28.81 10.39 -33.90
N LEU B 639 -28.57 11.19 -34.92
CA LEU B 639 -28.99 12.57 -34.95
C LEU B 639 -30.49 12.69 -34.89
N LYS B 640 -31.17 11.85 -35.67
CA LYS B 640 -32.63 11.85 -35.69
C LYS B 640 -33.17 11.53 -34.30
N SER B 641 -32.57 10.54 -33.65
CA SER B 641 -33.07 10.10 -32.38
C SER B 641 -32.90 11.16 -31.29
N VAL B 642 -31.92 12.07 -31.44
CA VAL B 642 -31.75 13.18 -30.46
C VAL B 642 -32.81 14.28 -30.67
N LYS B 643 -33.02 14.59 -31.95
CA LYS B 643 -34.06 15.49 -32.40
C LYS B 643 -35.39 15.02 -31.89
N ASP B 644 -35.72 13.75 -32.14
CA ASP B 644 -37.01 13.27 -31.66
C ASP B 644 -37.19 13.31 -30.12
N TYR B 645 -36.11 13.12 -29.36
CA TYR B 645 -36.18 13.16 -27.90
C TYR B 645 -36.33 14.60 -27.34
N VAL B 646 -35.52 15.51 -27.89
CA VAL B 646 -35.45 16.88 -27.41
C VAL B 646 -36.59 17.73 -27.95
N ASP B 647 -37.01 17.43 -29.16
CA ASP B 647 -37.97 18.25 -29.86
C ASP B 647 -38.97 17.32 -30.54
N PRO B 648 -39.72 16.55 -29.74
CA PRO B 648 -40.67 15.58 -30.31
C PRO B 648 -41.72 16.17 -31.23
N THR B 649 -42.12 17.43 -31.05
CA THR B 649 -43.16 17.98 -31.95
C THR B 649 -42.58 18.83 -33.07
N ASN B 650 -41.26 18.86 -33.15
CA ASN B 650 -40.55 19.56 -34.23
C ASN B 650 -40.92 21.04 -34.29
N ILE B 651 -40.82 21.68 -33.14
CA ILE B 651 -40.97 23.14 -33.00
C ILE B 651 -39.83 23.83 -33.72
N PHE B 652 -38.67 23.22 -33.65
CA PHE B 652 -37.52 23.75 -34.35
C PHE B 652 -37.44 23.11 -35.70
N GLY B 653 -38.34 23.62 -36.55
CA GLY B 653 -38.67 23.04 -37.84
C GLY B 653 -38.08 23.73 -39.04
N ASN B 654 -36.92 24.38 -38.93
CA ASN B 654 -36.23 24.85 -40.13
C ASN B 654 -35.84 23.71 -41.06
N ARG B 655 -35.91 22.47 -40.59
CA ARG B 655 -35.60 21.25 -41.38
C ARG B 655 -34.21 21.19 -41.96
N ASN B 656 -33.25 21.85 -41.30
CA ASN B 656 -31.83 21.73 -41.63
C ASN B 656 -31.32 20.33 -41.31
N LEU B 657 -30.27 19.92 -42.00
CA LEU B 657 -29.57 18.63 -41.76
C LEU B 657 -30.34 17.40 -42.18
N LEU B 658 -31.47 17.15 -41.49
CA LEU B 658 -32.26 15.93 -41.72
C LEU B 658 -33.57 16.26 -42.42
N GLY C 81 23.56 -28.89 2.74
CA GLY C 81 22.55 -28.39 3.73
C GLY C 81 21.11 -28.73 3.37
N ILE C 82 20.66 -28.25 2.21
CA ILE C 82 19.30 -28.56 1.71
C ILE C 82 19.18 -30.09 1.55
N ILE C 83 18.23 -30.65 2.31
CA ILE C 83 17.88 -32.07 2.19
C ILE C 83 17.08 -32.15 0.90
N PRO C 84 17.54 -32.98 -0.08
CA PRO C 84 16.79 -33.23 -1.31
C PRO C 84 15.53 -34.03 -0.95
N LYS C 85 14.61 -34.16 -1.88
CA LYS C 85 13.34 -34.82 -1.55
C LYS C 85 13.50 -36.30 -1.25
N LYS C 86 14.27 -36.99 -2.09
CA LYS C 86 14.54 -38.39 -1.90
C LYS C 86 15.75 -38.60 -1.00
N ARG C 87 15.49 -38.66 0.30
CA ARG C 87 16.55 -38.66 1.29
C ARG C 87 17.52 -39.82 1.17
N GLN C 88 16.99 -41.02 0.90
CA GLN C 88 17.79 -42.22 0.83
C GLN C 88 18.93 -42.21 -0.18
N GLU C 89 18.87 -41.30 -1.16
CA GLU C 89 19.94 -41.14 -2.15
C GLU C 89 21.27 -40.70 -1.53
N LEU C 90 21.18 -39.89 -0.48
CA LEU C 90 22.35 -39.38 0.20
C LEU C 90 22.51 -39.90 1.62
N MET C 91 21.38 -40.21 2.25
CA MET C 91 21.34 -40.58 3.65
C MET C 91 20.92 -42.03 3.86
N LYS C 92 21.31 -42.60 4.99
CA LYS C 92 21.09 -44.00 5.20
C LYS C 92 19.65 -44.26 5.52
N TRP C 93 19.10 -45.31 4.94
CA TRP C 93 17.69 -45.59 5.16
C TRP C 93 17.48 -46.33 6.50
N ASN C 94 18.56 -46.94 7.02
CA ASN C 94 18.51 -47.78 8.20
C ASN C 94 19.53 -47.38 9.29
N GLY C 95 19.96 -46.13 9.29
CA GLY C 95 20.87 -45.71 10.33
C GLY C 95 21.14 -44.26 10.26
N TRP C 96 22.07 -43.79 11.08
CA TRP C 96 22.41 -42.37 11.17
C TRP C 96 23.16 -41.82 9.97
N GLY C 97 22.80 -40.64 9.53
CA GLY C 97 23.70 -39.86 8.68
C GLY C 97 23.88 -40.28 7.25
N TYR C 98 25.05 -39.97 6.69
CA TYR C 98 25.26 -40.15 5.23
C TYR C 98 25.70 -41.54 4.80
N ASN C 99 25.30 -41.90 3.58
CA ASN C 99 25.62 -43.18 3.04
C ASN C 99 27.10 -43.36 2.95
N ASP C 100 27.81 -42.28 2.63
CA ASP C 100 29.26 -42.37 2.44
C ASP C 100 30.09 -42.40 3.72
N SER C 101 29.47 -42.30 4.90
CA SER C 101 30.19 -42.33 6.17
C SER C 101 29.70 -43.44 7.06
N LYS C 102 30.50 -44.49 7.16
CA LYS C 102 30.26 -45.58 8.09
C LYS C 102 31.56 -46.15 8.59
N PHE C 103 31.55 -46.69 9.80
CA PHE C 103 32.73 -47.44 10.26
C PHE C 103 32.95 -48.78 9.53
N PHE C 104 34.15 -48.96 9.02
CA PHE C 104 34.47 -50.24 8.43
C PHE C 104 35.87 -50.70 8.87
N LEU C 105 36.19 -51.93 8.50
CA LEU C 105 37.49 -52.51 8.81
C LEU C 105 38.36 -52.32 7.61
N ASN C 106 39.41 -51.49 7.75
CA ASN C 106 40.38 -51.31 6.68
C ASN C 106 41.30 -52.52 6.45
N LYS C 107 42.13 -52.41 5.43
CA LYS C 107 43.09 -53.43 5.03
C LYS C 107 44.14 -53.76 6.09
N LYS C 108 44.18 -53.00 7.18
CA LYS C 108 45.19 -53.23 8.20
C LYS C 108 44.65 -53.93 9.44
N GLY C 109 43.37 -54.28 9.38
CA GLY C 109 42.64 -54.82 10.54
C GLY C 109 42.08 -53.71 11.40
N GLN C 110 42.18 -52.46 10.95
CA GLN C 110 41.75 -51.29 11.76
C GLN C 110 40.38 -50.71 11.40
N LEU C 111 39.75 -50.16 12.42
CA LEU C 111 38.47 -49.52 12.29
C LEU C 111 38.68 -48.13 11.68
N GLU C 112 37.92 -47.84 10.64
CA GLU C 112 38.06 -46.55 9.98
C GLU C 112 36.72 -46.04 9.51
N LEU C 113 36.54 -44.72 9.57
CA LEU C 113 35.40 -44.05 8.94
C LEU C 113 35.65 -43.72 7.47
N THR C 114 34.71 -44.19 6.68
CA THR C 114 34.64 -44.10 5.24
C THR C 114 34.42 -42.66 4.67
N GLY C 115 34.88 -42.45 3.43
CA GLY C 115 34.58 -41.21 2.71
C GLY C 115 35.47 -40.03 3.07
N LYS C 116 34.99 -38.82 2.82
CA LYS C 116 35.78 -37.63 3.17
C LYS C 116 35.02 -36.44 3.80
N ARG C 117 33.98 -36.80 4.53
CA ARG C 117 33.00 -35.84 4.99
C ARG C 117 33.51 -35.11 6.21
N TYR C 118 34.29 -35.81 7.01
CA TYR C 118 34.66 -35.33 8.31
C TYR C 118 36.16 -35.37 8.44
N PRO C 119 36.73 -34.50 9.30
CA PRO C 119 38.15 -34.65 9.69
C PRO C 119 38.55 -36.10 10.04
N LEU C 120 37.71 -36.78 10.82
CA LEU C 120 38.03 -38.17 11.20
C LEU C 120 37.91 -39.15 10.03
N SER C 121 37.37 -38.67 8.92
CA SER C 121 37.12 -39.51 7.74
C SER C 121 38.43 -39.96 7.05
N GLY C 122 38.55 -41.27 6.86
CA GLY C 122 39.73 -41.87 6.28
C GLY C 122 40.87 -42.01 7.27
N VAL C 123 40.61 -41.74 8.54
CA VAL C 123 41.64 -41.71 9.57
C VAL C 123 41.64 -43.01 10.36
N ALA C 124 42.71 -43.81 10.26
CA ALA C 124 42.69 -45.11 10.93
C ALA C 124 42.77 -44.98 12.45
N LEU C 125 41.94 -45.76 13.14
CA LEU C 125 41.96 -45.79 14.60
C LEU C 125 42.49 -47.14 15.11
N PRO C 126 43.79 -47.22 15.39
CA PRO C 126 44.42 -48.52 15.75
C PRO C 126 43.81 -49.17 17.00
N THR C 127 43.42 -48.35 17.95
CA THR C 127 43.08 -48.85 19.28
C THR C 127 41.60 -49.06 19.49
N PHE C 128 40.78 -48.74 18.47
CA PHE C 128 39.31 -48.75 18.63
C PHE C 128 38.75 -50.17 18.78
N LYS C 129 39.16 -51.05 17.87
CA LYS C 129 38.79 -52.46 17.88
C LYS C 129 39.06 -53.19 19.18
N ASP C 130 40.19 -52.88 19.82
CA ASP C 130 40.55 -53.51 21.08
C ASP C 130 39.86 -52.87 22.26
N TRP C 131 39.34 -51.66 22.07
CA TRP C 131 38.50 -51.07 23.09
C TRP C 131 37.18 -51.80 23.07
N ILE C 132 36.68 -52.06 21.87
CA ILE C 132 35.44 -52.82 21.65
C ILE C 132 35.51 -54.19 22.29
N GLN C 133 36.49 -54.99 21.88
CA GLN C 133 36.63 -56.34 22.41
C GLN C 133 36.68 -56.33 23.91
N ASN C 134 37.44 -55.39 24.47
CA ASN C 134 37.55 -55.35 25.93
C ASN C 134 36.33 -54.78 26.68
N THR C 135 35.55 -53.93 26.02
CA THR C 135 34.36 -53.33 26.64
C THR C 135 33.15 -54.25 26.53
N PHE C 136 33.04 -54.95 25.42
CA PHE C 136 31.88 -55.80 25.17
C PHE C 136 32.18 -57.30 25.15
N GLY C 137 33.44 -57.69 25.30
CA GLY C 137 33.83 -59.09 25.25
C GLY C 137 33.56 -59.76 23.91
N ILE C 138 33.80 -59.06 22.81
CA ILE C 138 33.52 -59.68 21.51
C ILE C 138 34.69 -59.76 20.52
N ASN C 139 34.70 -60.82 19.71
CA ASN C 139 35.75 -61.06 18.73
C ASN C 139 35.76 -59.97 17.67
N LEU C 140 34.57 -59.74 17.09
CA LEU C 140 34.38 -58.86 15.92
C LEU C 140 34.28 -59.69 14.63
N ASP C 141 34.12 -61.02 14.74
CA ASP C 141 34.04 -61.88 13.53
C ASP C 141 32.61 -62.05 13.06
N HIS C 142 31.73 -62.42 13.99
CA HIS C 142 30.31 -62.49 13.72
C HIS C 142 29.79 -61.08 13.39
N LYS C 143 29.60 -60.79 12.11
CA LYS C 143 28.82 -59.65 11.70
C LYS C 143 27.37 -60.07 11.74
N THR C 144 26.50 -59.18 12.19
CA THR C 144 25.09 -59.39 12.18
C THR C 144 24.67 -59.29 10.72
N THR C 145 23.66 -60.06 10.32
CA THR C 145 23.13 -60.00 8.97
C THR C 145 21.75 -59.38 9.02
N SER C 146 21.65 -58.15 8.52
CA SER C 146 20.43 -57.34 8.51
C SER C 146 19.80 -57.19 7.13
N LYS C 147 18.58 -56.68 7.10
CA LYS C 147 17.85 -56.44 5.85
C LYS C 147 18.61 -55.52 4.90
N ALA C 148 18.73 -55.93 3.66
CA ALA C 148 19.63 -55.25 2.73
C ALA C 148 19.05 -53.95 2.19
N SER C 149 17.75 -53.80 2.35
CA SER C 149 17.05 -52.72 1.69
C SER C 149 15.61 -52.66 2.17
N LEU C 150 15.11 -51.44 2.11
CA LEU C 150 13.71 -51.20 2.12
C LEU C 150 13.08 -52.20 1.13
N ASN C 151 12.27 -53.10 1.67
CA ASN C 151 11.35 -53.94 0.89
C ASN C 151 9.93 -53.34 0.95
N PRO C 152 9.46 -52.72 -0.17
CA PRO C 152 8.10 -52.11 -0.30
C PRO C 152 6.96 -53.06 0.09
N SER C 153 7.14 -54.35 -0.17
CA SER C 153 6.15 -55.40 0.08
C SER C 153 5.78 -55.54 1.57
N ASP C 154 6.80 -55.41 2.41
CA ASP C 154 6.64 -55.33 3.86
C ASP C 154 5.83 -54.10 4.29
N THR C 155 5.44 -53.23 3.35
CA THR C 155 4.82 -51.97 3.79
C THR C 155 3.31 -51.88 3.60
N PRO C 156 2.64 -51.19 4.55
CA PRO C 156 1.20 -50.95 4.45
C PRO C 156 0.94 -50.10 3.21
N PRO C 157 -0.16 -50.38 2.48
CA PRO C 157 -0.38 -49.65 1.23
C PRO C 157 -0.80 -48.20 1.50
N SER C 158 -0.60 -47.35 0.51
CA SER C 158 -0.97 -45.92 0.60
C SER C 158 -2.50 -45.74 0.47
N ILE C 159 -3.13 -45.30 1.57
CA ILE C 159 -4.58 -45.04 1.59
C ILE C 159 -4.78 -43.52 1.54
N VAL C 160 -5.27 -43.02 0.40
CA VAL C 160 -5.56 -41.58 0.23
C VAL C 160 -6.88 -41.36 -0.52
N ASN C 161 -7.69 -40.40 -0.05
CA ASN C 161 -8.90 -39.93 -0.72
C ASN C 161 -8.65 -39.30 -2.09
N GLU C 162 -9.45 -39.73 -3.07
CA GLU C 162 -9.31 -39.30 -4.46
C GLU C 162 -9.54 -37.81 -4.70
N ASP C 163 -10.45 -37.21 -3.96
CA ASP C 163 -10.75 -35.80 -4.19
C ASP C 163 -9.83 -34.83 -3.47
N PHE C 164 -9.32 -35.25 -2.32
CA PHE C 164 -8.23 -34.55 -1.69
C PHE C 164 -7.04 -34.54 -2.65
N LEU C 165 -6.71 -35.71 -3.17
CA LEU C 165 -5.61 -35.85 -4.09
C LEU C 165 -5.74 -34.96 -5.33
N HIS C 166 -6.96 -34.81 -5.83
CA HIS C 166 -7.24 -34.00 -6.99
C HIS C 166 -7.01 -32.52 -6.69
N GLU C 167 -7.45 -32.06 -5.52
CA GLU C 167 -7.19 -30.69 -5.10
C GLU C 167 -5.71 -30.43 -4.90
N LEU C 168 -5.01 -31.40 -4.31
CA LEU C 168 -3.57 -31.31 -4.07
C LEU C 168 -2.78 -31.18 -5.35
N LYS C 169 -3.25 -31.80 -6.40
CA LYS C 169 -2.64 -31.63 -7.70
C LYS C 169 -2.71 -30.18 -8.17
N LYS C 170 -3.82 -29.50 -7.88
CA LYS C 170 -4.01 -28.10 -8.31
C LYS C 170 -3.08 -27.11 -7.63
N THR C 171 -2.60 -27.46 -6.43
CA THR C 171 -1.71 -26.61 -5.66
C THR C 171 -0.28 -26.65 -6.23
N ASN C 172 0.07 -27.75 -6.88
CA ASN C 172 1.44 -27.97 -7.38
C ASN C 172 2.50 -28.21 -6.28
N ILE C 173 2.03 -28.56 -5.09
CA ILE C 173 2.87 -28.95 -4.01
C ILE C 173 3.34 -30.38 -4.28
N SER C 174 4.65 -30.58 -4.30
CA SER C 174 5.23 -31.88 -4.55
C SER C 174 4.79 -32.87 -3.51
N TYR C 175 4.52 -34.10 -3.94
CA TYR C 175 4.09 -35.15 -3.02
C TYR C 175 4.59 -36.52 -3.43
N SER C 176 4.47 -37.48 -2.53
CA SER C 176 4.87 -38.82 -2.85
C SER C 176 4.11 -39.82 -2.01
N GLN C 177 3.74 -40.93 -2.65
CA GLN C 177 3.11 -42.07 -2.00
C GLN C 177 4.04 -43.27 -2.13
N GLU C 178 5.29 -43.01 -2.55
CA GLU C 178 6.28 -44.06 -2.71
C GLU C 178 6.64 -44.60 -1.35
N ALA C 179 6.78 -45.91 -1.24
CA ALA C 179 6.99 -46.53 0.05
C ALA C 179 8.33 -46.14 0.68
N ASP C 180 9.37 -45.94 -0.13
CA ASP C 180 10.66 -45.56 0.47
C ASP C 180 10.63 -44.17 1.11
N ASP C 181 10.00 -43.20 0.44
CA ASP C 181 9.77 -41.89 1.00
C ASP C 181 8.93 -41.93 2.25
N ARG C 182 7.95 -42.81 2.30
CA ARG C 182 7.02 -42.89 3.43
C ARG C 182 7.66 -43.60 4.60
N VAL C 183 8.41 -44.65 4.34
CA VAL C 183 9.12 -45.34 5.40
C VAL C 183 10.23 -44.48 6.00
N PHE C 184 10.79 -43.56 5.22
CA PHE C 184 11.91 -42.74 5.70
C PHE C 184 11.46 -41.81 6.78
N ARG C 185 10.25 -41.31 6.65
CA ARG C 185 9.74 -40.30 7.52
C ARG C 185 8.86 -40.91 8.58
N ALA C 186 8.99 -42.21 8.79
CA ALA C 186 8.14 -42.91 9.76
C ALA C 186 8.79 -43.13 11.11
N HIS C 187 10.01 -42.60 11.31
CA HIS C 187 10.78 -42.85 12.51
C HIS C 187 11.75 -41.72 12.77
N GLY C 188 12.28 -41.70 14.00
CA GLY C 188 13.45 -40.88 14.36
C GLY C 188 14.64 -41.79 14.64
N HIS C 189 15.39 -41.55 15.71
CA HIS C 189 16.64 -42.28 15.93
C HIS C 189 16.84 -42.90 17.30
N CYS C 190 15.74 -43.34 17.89
CA CYS C 190 15.74 -44.25 19.01
C CYS C 190 16.21 -45.60 18.56
N LEU C 191 16.89 -46.32 19.46
CA LEU C 191 17.44 -47.62 19.16
C LEU C 191 16.37 -48.56 18.60
N HIS C 192 15.23 -48.55 19.26
CA HIS C 192 14.10 -49.37 18.87
C HIS C 192 13.73 -49.19 17.41
N GLU C 193 13.66 -47.94 16.95
CA GLU C 193 13.21 -47.67 15.59
C GLU C 193 14.19 -48.19 14.59
N ILE C 194 15.45 -47.99 14.89
CA ILE C 194 16.53 -48.43 14.02
C ILE C 194 16.57 -49.94 13.93
N PHE C 195 16.35 -50.60 15.07
CA PHE C 195 16.30 -52.05 15.12
C PHE C 195 15.22 -52.61 14.19
N LEU C 196 14.02 -52.05 14.29
CA LEU C 196 12.91 -52.36 13.42
C LEU C 196 13.21 -52.19 11.95
N LEU C 197 13.95 -51.15 11.60
CA LEU C 197 14.29 -50.90 10.20
C LEU C 197 15.19 -52.00 9.60
N ARG C 198 16.13 -52.47 10.41
CA ARG C 198 17.07 -53.51 10.04
C ARG C 198 16.47 -54.92 10.08
N GLU C 199 15.48 -55.14 10.95
CA GLU C 199 15.03 -56.47 11.30
C GLU C 199 13.53 -56.76 11.00
N GLY C 200 12.68 -55.73 10.98
CA GLY C 200 11.22 -55.94 10.82
C GLY C 200 10.56 -54.89 9.97
N MET C 201 9.41 -54.40 10.44
CA MET C 201 8.70 -53.27 9.81
C MET C 201 7.85 -52.53 10.84
N PHE C 202 7.57 -51.27 10.54
CA PHE C 202 6.72 -50.43 11.35
C PHE C 202 5.28 -50.84 11.19
N GLU C 203 4.54 -50.78 12.28
CA GLU C 203 3.10 -51.05 12.26
C GLU C 203 2.34 -50.12 11.34
N ARG C 204 2.78 -48.85 11.27
CA ARG C 204 2.09 -47.74 10.64
C ARG C 204 3.09 -46.70 10.14
N ILE C 205 2.93 -46.21 8.91
CA ILE C 205 3.84 -45.22 8.30
C ILE C 205 2.98 -44.19 7.56
N PRO C 206 3.51 -42.96 7.35
CA PRO C 206 2.70 -41.96 6.66
C PRO C 206 2.12 -42.47 5.36
N ASP C 207 0.92 -42.03 5.03
CA ASP C 207 0.28 -42.43 3.77
C ASP C 207 0.80 -41.64 2.59
N ILE C 208 1.05 -40.35 2.82
CA ILE C 208 1.59 -39.53 1.77
C ILE C 208 2.55 -38.50 2.39
N VAL C 209 3.57 -38.15 1.63
CA VAL C 209 4.56 -37.15 1.98
C VAL C 209 4.30 -35.92 1.11
N LEU C 210 4.26 -34.75 1.74
CA LEU C 210 4.11 -33.49 1.06
C LEU C 210 5.28 -32.56 1.41
N TRP C 211 5.66 -31.69 0.47
CA TRP C 211 6.84 -30.81 0.56
C TRP C 211 6.49 -29.34 0.30
N PRO C 212 5.80 -28.67 1.25
CA PRO C 212 5.59 -27.24 1.05
C PRO C 212 6.93 -26.51 0.91
N THR C 213 6.95 -25.46 0.09
CA THR C 213 8.15 -24.61 -0.05
C THR C 213 8.06 -23.27 0.72
N CYS C 214 6.89 -22.98 1.26
CA CYS C 214 6.68 -21.73 1.94
C CYS C 214 5.54 -21.80 2.93
N HIS C 215 5.40 -20.73 3.71
CA HIS C 215 4.30 -20.57 4.64
C HIS C 215 2.89 -20.79 4.02
N ASP C 216 2.60 -20.17 2.87
CA ASP C 216 1.29 -20.25 2.28
C ASP C 216 0.92 -21.68 1.90
N ASP C 217 1.91 -22.45 1.43
CA ASP C 217 1.70 -23.86 1.12
C ASP C 217 1.22 -24.59 2.35
N VAL C 218 1.77 -24.26 3.51
CA VAL C 218 1.42 -24.95 4.76
C VAL C 218 0.00 -24.57 5.14
N VAL C 219 -0.39 -23.33 4.90
CA VAL C 219 -1.78 -22.94 5.10
C VAL C 219 -2.75 -23.77 4.26
N LYS C 220 -2.50 -23.93 2.95
CA LYS C 220 -3.35 -24.75 2.06
C LYS C 220 -3.45 -26.19 2.53
N ILE C 221 -2.33 -26.72 3.01
CA ILE C 221 -2.26 -28.10 3.46
C ILE C 221 -3.11 -28.27 4.70
N VAL C 222 -2.95 -27.39 5.67
CA VAL C 222 -3.75 -27.47 6.85
C VAL C 222 -5.26 -27.36 6.57
N ASN C 223 -5.65 -26.43 5.69
CA ASN C 223 -7.02 -26.31 5.29
C ASN C 223 -7.51 -27.60 4.64
N LEU C 224 -6.72 -28.17 3.74
CA LEU C 224 -7.08 -29.45 3.09
C LEU C 224 -7.31 -30.56 4.13
N ALA C 225 -6.52 -30.56 5.20
CA ALA C 225 -6.66 -31.56 6.25
C ALA C 225 -7.90 -31.34 7.10
N CYS C 226 -8.31 -30.08 7.26
CA CYS C 226 -9.56 -29.78 7.96
C CYS C 226 -10.70 -30.31 7.14
N LYS C 227 -10.72 -29.91 5.88
CA LYS C 227 -11.76 -30.23 4.96
C LYS C 227 -11.91 -31.73 4.75
N TYR C 228 -10.79 -32.45 4.57
CA TYR C 228 -10.82 -33.90 4.32
C TYR C 228 -10.59 -34.80 5.53
N ASN C 229 -10.50 -34.22 6.72
CA ASN C 229 -10.21 -34.99 7.93
C ASN C 229 -8.91 -35.83 7.84
N LEU C 230 -7.77 -35.17 7.66
CA LEU C 230 -6.47 -35.82 7.50
C LEU C 230 -5.62 -35.57 8.73
N CYS C 231 -4.76 -36.50 9.05
CA CYS C 231 -3.88 -36.33 10.16
C CYS C 231 -2.48 -35.90 9.65
N ILE C 232 -1.89 -34.91 10.30
CA ILE C 232 -0.60 -34.35 9.85
C ILE C 232 0.51 -34.56 10.89
N ILE C 233 1.57 -35.26 10.53
CA ILE C 233 2.74 -35.28 11.39
C ILE C 233 3.87 -34.51 10.73
N PRO C 234 4.24 -33.33 11.31
CA PRO C 234 5.34 -32.56 10.71
C PRO C 234 6.64 -33.29 10.84
N ILE C 235 7.49 -33.19 9.84
CA ILE C 235 8.85 -33.73 9.93
C ILE C 235 9.88 -32.73 9.39
N GLY C 236 10.97 -32.58 10.11
CA GLY C 236 12.08 -31.75 9.63
C GLY C 236 13.28 -32.64 9.37
N GLY C 237 14.21 -32.60 10.29
CA GLY C 237 15.40 -33.46 10.25
C GLY C 237 15.18 -34.94 10.43
N GLY C 238 14.06 -35.32 11.03
CA GLY C 238 13.85 -36.74 11.32
C GLY C 238 14.84 -37.26 12.34
N THR C 239 15.30 -36.37 13.24
CA THR C 239 16.35 -36.76 14.20
C THR C 239 15.87 -36.93 15.61
N SER C 240 14.56 -37.00 15.77
CA SER C 240 13.94 -37.22 17.05
C SER C 240 14.50 -38.40 17.78
N VAL C 241 14.62 -38.28 19.09
CA VAL C 241 14.95 -39.46 19.90
C VAL C 241 13.90 -39.69 20.99
N SER C 242 12.64 -39.35 20.71
CA SER C 242 11.59 -39.60 21.68
C SER C 242 10.35 -40.33 21.20
N TYR C 243 10.45 -41.02 20.08
CA TYR C 243 9.29 -41.52 19.31
C TYR C 243 8.42 -40.35 18.89
N GLY C 244 9.01 -39.17 18.73
CA GLY C 244 8.25 -38.02 18.32
C GLY C 244 7.61 -38.13 16.93
N LEU C 245 8.19 -38.95 16.04
CA LEU C 245 7.71 -39.08 14.66
C LEU C 245 6.90 -40.35 14.39
N MET C 246 6.87 -41.24 15.38
CA MET C 246 6.22 -42.53 15.22
C MET C 246 4.70 -42.37 14.97
N CYS C 247 4.17 -43.00 13.93
CA CYS C 247 2.74 -42.91 13.65
C CYS C 247 1.97 -43.86 14.60
N PRO C 248 0.96 -43.34 15.34
CA PRO C 248 0.19 -44.20 16.23
C PRO C 248 -0.43 -45.31 15.43
N ALA C 249 -0.27 -46.54 15.89
CA ALA C 249 -0.69 -47.74 15.13
C ALA C 249 -2.18 -47.74 14.75
N ASP C 250 -3.03 -47.27 15.65
CA ASP C 250 -4.45 -47.28 15.31
C ASP C 250 -5.00 -45.97 14.79
N GLU C 251 -4.15 -45.11 14.23
CA GLU C 251 -4.64 -43.96 13.47
C GLU C 251 -5.04 -44.43 12.07
N THR C 252 -6.34 -44.29 11.77
CA THR C 252 -6.92 -44.77 10.51
C THR C 252 -7.24 -43.65 9.53
N ARG C 253 -7.07 -42.42 9.94
CA ARG C 253 -7.11 -41.37 8.95
C ARG C 253 -5.87 -41.46 8.00
N THR C 254 -6.00 -40.87 6.82
CA THR C 254 -4.85 -40.58 6.00
C THR C 254 -3.88 -39.75 6.83
N ILE C 255 -2.64 -40.21 6.89
CA ILE C 255 -1.57 -39.49 7.58
C ILE C 255 -0.67 -38.79 6.54
N ILE C 256 -0.54 -37.48 6.65
CA ILE C 256 0.36 -36.73 5.80
C ILE C 256 1.64 -36.57 6.60
N SER C 257 2.78 -36.90 5.99
CA SER C 257 4.05 -36.51 6.58
C SER C 257 4.38 -35.14 5.98
N LEU C 258 4.26 -34.10 6.78
CA LEU C 258 4.47 -32.76 6.24
C LEU C 258 5.95 -32.43 6.36
N ASP C 259 6.70 -32.68 5.30
CA ASP C 259 8.15 -32.54 5.27
C ASP C 259 8.53 -31.07 5.02
N THR C 260 9.30 -30.49 5.92
CA THR C 260 9.61 -29.05 5.81
C THR C 260 10.91 -28.73 5.13
N SER C 261 11.66 -29.77 4.73
CA SER C 261 12.99 -29.56 4.19
C SER C 261 13.09 -28.62 2.98
N GLN C 262 12.04 -28.49 2.20
CA GLN C 262 12.09 -27.60 1.05
C GLN C 262 11.70 -26.16 1.39
N MET C 263 11.41 -25.91 2.65
CA MET C 263 11.00 -24.59 3.09
C MET C 263 12.13 -24.08 3.97
N ASN C 264 13.24 -23.71 3.35
CA ASN C 264 14.47 -23.53 4.09
C ASN C 264 15.23 -22.25 3.85
N ARG C 265 14.58 -21.19 3.44
CA ARG C 265 15.35 -20.01 3.12
C ARG C 265 15.63 -19.13 4.28
N ILE C 266 16.70 -18.37 4.20
CA ILE C 266 16.90 -17.28 5.11
C ILE C 266 16.20 -16.20 4.39
N LEU C 267 15.01 -15.85 4.83
CA LEU C 267 14.28 -14.81 4.17
C LEU C 267 15.01 -13.46 4.27
N TRP C 268 15.61 -13.17 5.43
CA TRP C 268 16.48 -12.00 5.48
C TRP C 268 17.36 -11.87 6.73
N VAL C 269 18.40 -11.04 6.63
CA VAL C 269 19.28 -10.78 7.75
C VAL C 269 19.10 -9.30 8.14
N ASP C 270 18.75 -9.13 9.40
CA ASP C 270 18.56 -7.84 9.95
C ASP C 270 19.87 -7.54 10.63
N GLU C 271 20.75 -6.80 9.98
CA GLU C 271 22.03 -6.53 10.62
C GLU C 271 21.94 -5.40 11.66
N ASN C 272 20.91 -4.59 11.60
CA ASN C 272 20.73 -3.61 12.65
C ASN C 272 20.32 -4.16 14.00
N ASN C 273 19.41 -5.15 14.01
CA ASN C 273 18.91 -5.77 15.26
C ASN C 273 19.53 -7.11 15.58
N LEU C 274 20.44 -7.54 14.71
CA LEU C 274 21.10 -8.84 14.82
C LEU C 274 20.10 -9.97 14.87
N THR C 275 19.33 -10.11 13.82
CA THR C 275 18.43 -11.28 13.76
C THR C 275 18.34 -11.78 12.35
N ALA C 276 18.04 -13.04 12.24
CA ALA C 276 17.73 -13.65 10.96
C ALA C 276 16.27 -14.13 10.95
N HIS C 277 15.50 -13.66 9.97
CA HIS C 277 14.16 -14.20 9.75
C HIS C 277 14.30 -15.39 8.80
N VAL C 278 14.01 -16.61 9.28
CA VAL C 278 14.27 -17.80 8.46
C VAL C 278 13.06 -18.71 8.35
N GLU C 279 13.03 -19.62 7.38
CA GLU C 279 11.93 -20.60 7.28
C GLU C 279 12.27 -21.80 8.13
N ALA C 280 11.25 -22.54 8.52
CA ALA C 280 11.43 -23.50 9.57
C ALA C 280 12.19 -24.75 9.19
N GLY C 281 12.31 -25.02 7.91
CA GLY C 281 12.98 -26.26 7.49
C GLY C 281 14.48 -26.16 7.28
N ILE C 282 15.07 -25.01 7.56
CA ILE C 282 16.48 -24.86 7.35
C ILE C 282 17.18 -25.60 8.46
N THR C 283 18.21 -26.39 8.11
CA THR C 283 19.05 -27.12 9.05
C THR C 283 20.07 -26.18 9.69
N GLY C 284 20.62 -26.59 10.85
CA GLY C 284 21.72 -25.90 11.51
C GLY C 284 22.94 -25.69 10.63
N GLN C 285 23.28 -26.70 9.82
CA GLN C 285 24.47 -26.62 8.98
C GLN C 285 24.28 -25.56 7.89
N GLU C 286 23.15 -25.63 7.22
CA GLU C 286 22.83 -24.66 6.21
C GLU C 286 22.58 -23.26 6.77
N LEU C 287 22.03 -23.12 7.98
CA LEU C 287 21.80 -21.81 8.55
C LEU C 287 23.13 -21.09 8.84
N GLU C 288 24.09 -21.82 9.41
CA GLU C 288 25.37 -21.28 9.77
C GLU C 288 26.25 -21.05 8.55
N ARG C 289 26.07 -21.84 7.50
CA ARG C 289 26.89 -21.64 6.34
C ARG C 289 26.49 -20.35 5.64
N GLN C 290 25.21 -20.18 5.40
CA GLN C 290 24.78 -18.97 4.75
C GLN C 290 25.08 -17.76 5.57
N LEU C 291 24.88 -17.82 6.89
CA LEU C 291 25.10 -16.65 7.76
C LEU C 291 26.56 -16.22 7.82
N LYS C 292 27.44 -17.21 7.82
CA LYS C 292 28.86 -16.98 7.86
C LYS C 292 29.30 -16.14 6.68
N GLU C 293 28.67 -16.32 5.54
CA GLU C 293 29.02 -15.55 4.37
C GLU C 293 28.75 -14.06 4.55
N SER C 294 27.91 -13.71 5.52
CA SER C 294 27.68 -12.29 5.81
C SER C 294 28.41 -11.81 7.05
N GLY C 295 29.17 -12.70 7.69
CA GLY C 295 29.89 -12.36 8.93
C GLY C 295 29.24 -12.86 10.22
N TYR C 296 28.22 -13.73 10.13
CA TYR C 296 27.36 -14.01 11.29
C TYR C 296 27.19 -15.46 11.65
N CYS C 297 26.77 -15.72 12.89
CA CYS C 297 26.40 -17.05 13.29
C CYS C 297 25.18 -16.98 14.22
N THR C 298 24.52 -18.12 14.43
CA THR C 298 23.65 -18.28 15.60
C THR C 298 24.43 -18.83 16.81
N GLY C 299 25.41 -19.67 16.56
CA GLY C 299 26.08 -20.36 17.66
C GLY C 299 25.26 -21.46 18.31
N HIS C 300 24.15 -21.82 17.67
CA HIS C 300 23.31 -22.92 18.14
C HIS C 300 23.77 -24.25 17.53
N GLU C 301 24.29 -25.14 18.37
CA GLU C 301 25.01 -26.35 17.91
C GLU C 301 24.60 -27.65 18.61
N PRO C 302 23.39 -28.13 18.30
CA PRO C 302 23.01 -29.43 18.78
C PRO C 302 23.86 -30.46 18.00
N ASP C 303 24.13 -31.63 18.55
CA ASP C 303 24.99 -32.55 17.79
C ASP C 303 24.39 -32.96 16.47
N SER C 304 23.13 -32.61 16.26
CA SER C 304 22.38 -33.16 15.15
C SER C 304 22.22 -32.14 14.12
N LEU C 305 22.98 -31.06 14.25
CA LEU C 305 22.81 -29.83 13.46
C LEU C 305 22.92 -30.00 11.99
N GLU C 306 23.54 -31.10 11.54
CA GLU C 306 23.68 -31.36 10.10
C GLU C 306 22.28 -31.57 9.45
N PHE C 307 21.37 -32.18 10.24
CA PHE C 307 20.02 -32.48 9.78
C PHE C 307 18.90 -31.76 10.56
N SER C 308 19.09 -31.49 11.83
CA SER C 308 17.98 -30.95 12.59
C SER C 308 17.66 -29.51 12.14
N THR C 309 16.41 -29.08 12.24
CA THR C 309 15.96 -27.83 11.67
C THR C 309 15.48 -26.91 12.75
N VAL C 310 15.27 -25.64 12.38
CA VAL C 310 14.80 -24.56 13.25
C VAL C 310 13.45 -24.87 13.84
N GLY C 311 12.56 -25.38 13.01
CA GLY C 311 11.28 -25.91 13.48
C GLY C 311 11.40 -27.06 14.45
N GLY C 312 12.33 -27.97 14.20
CA GLY C 312 12.58 -29.05 15.11
C GLY C 312 13.01 -28.52 16.46
N TRP C 313 13.92 -27.53 16.48
CA TRP C 313 14.49 -27.05 17.74
C TRP C 313 13.47 -26.42 18.60
N ILE C 314 12.60 -25.62 17.99
CA ILE C 314 11.53 -24.98 18.67
C ILE C 314 10.51 -25.99 19.18
N SER C 315 10.06 -26.94 18.34
CA SER C 315 9.16 -28.04 18.81
C SER C 315 9.71 -28.89 19.97
N THR C 316 11.03 -29.09 20.04
CA THR C 316 11.57 -30.00 21.06
C THR C 316 12.30 -29.35 22.22
N ARG C 317 12.22 -28.04 22.31
CA ARG C 317 13.08 -27.26 23.19
C ARG C 317 14.55 -27.70 23.15
N ALA C 318 15.17 -27.57 21.98
CA ALA C 318 16.55 -28.03 21.76
C ALA C 318 17.61 -27.17 22.42
N SER C 319 18.73 -27.82 22.75
CA SER C 319 19.83 -27.19 23.46
C SER C 319 21.14 -27.51 22.68
N GLY C 320 21.94 -26.45 22.48
CA GLY C 320 23.11 -26.56 21.68
C GLY C 320 24.30 -26.55 22.60
N MET C 321 25.42 -26.98 22.05
CA MET C 321 26.65 -27.15 22.79
C MET C 321 27.31 -25.86 23.38
N LYS C 322 27.04 -24.71 22.75
CA LYS C 322 27.61 -23.46 23.16
C LYS C 322 26.57 -22.54 23.69
N LYS C 323 25.54 -23.07 24.37
CA LYS C 323 24.48 -22.25 24.89
C LYS C 323 24.92 -21.25 25.95
N ASN C 324 26.06 -21.54 26.59
CA ASN C 324 26.58 -20.65 27.59
C ASN C 324 26.76 -19.26 27.01
N ILE C 325 27.05 -19.19 25.70
CA ILE C 325 27.26 -17.92 25.02
C ILE C 325 26.03 -17.49 24.25
N TYR C 326 25.40 -18.45 23.54
CA TYR C 326 24.34 -18.09 22.61
C TYR C 326 22.89 -18.31 23.13
N GLY C 327 22.76 -19.03 24.24
CA GLY C 327 21.45 -19.38 24.76
C GLY C 327 21.00 -20.69 24.16
N ASN C 328 20.03 -21.29 24.82
CA ASN C 328 19.27 -22.41 24.26
C ASN C 328 18.13 -21.86 23.41
N ILE C 329 17.33 -22.75 22.82
CA ILE C 329 16.37 -22.31 21.81
C ILE C 329 15.40 -21.21 22.30
N GLU C 330 14.99 -21.27 23.57
CA GLU C 330 14.03 -20.31 24.14
C GLU C 330 14.65 -18.93 24.33
N ASP C 331 15.98 -18.87 24.35
CA ASP C 331 16.70 -17.60 24.43
C ASP C 331 17.00 -17.04 23.03
N LEU C 332 17.07 -17.90 22.01
CA LEU C 332 17.46 -17.51 20.65
C LEU C 332 16.26 -16.92 19.89
N VAL C 333 15.05 -17.41 20.20
CA VAL C 333 13.87 -17.07 19.42
C VAL C 333 13.24 -15.80 19.89
N VAL C 334 13.09 -14.87 18.94
CA VAL C 334 12.57 -13.54 19.16
C VAL C 334 11.16 -13.43 18.66
N HIS C 335 10.80 -14.35 17.75
CA HIS C 335 9.53 -14.32 17.08
C HIS C 335 9.30 -15.60 16.29
N MET C 336 8.04 -15.95 16.03
CA MET C 336 7.74 -17.15 15.23
C MET C 336 6.33 -17.01 14.68
N LYS C 337 6.09 -17.75 13.61
CA LYS C 337 4.78 -17.79 12.96
C LYS C 337 4.41 -19.25 12.96
N VAL C 338 3.17 -19.53 13.38
CA VAL C 338 2.69 -20.92 13.44
C VAL C 338 1.36 -21.13 12.75
N VAL C 339 1.24 -22.19 11.97
CA VAL C 339 -0.01 -22.51 11.32
C VAL C 339 -0.79 -23.57 12.12
N THR C 340 -1.92 -23.17 12.71
CA THR C 340 -2.76 -24.17 13.40
C THR C 340 -4.06 -24.33 12.63
N PRO C 341 -4.82 -25.40 12.92
CA PRO C 341 -6.19 -25.51 12.38
C PRO C 341 -7.07 -24.29 12.76
N ARG C 342 -6.78 -23.62 13.86
CA ARG C 342 -7.63 -22.48 14.23
C ARG C 342 -7.22 -21.22 13.54
N GLY C 343 -6.08 -21.28 12.86
CA GLY C 343 -5.47 -20.11 12.25
C GLY C 343 -4.01 -19.97 12.67
N VAL C 344 -3.46 -18.80 12.35
CA VAL C 344 -2.06 -18.48 12.43
C VAL C 344 -1.74 -17.69 13.67
N ILE C 345 -0.85 -18.25 14.47
CA ILE C 345 -0.28 -17.59 15.64
C ILE C 345 0.95 -16.80 15.26
N GLU C 346 0.98 -15.55 15.73
CA GLU C 346 2.02 -14.60 15.45
C GLU C 346 1.86 -13.37 16.36
N LYS C 347 2.92 -12.99 17.07
CA LYS C 347 2.90 -11.71 17.78
C LYS C 347 3.04 -10.62 16.77
N SER C 348 2.49 -9.47 17.07
CA SER C 348 2.49 -8.34 16.15
C SER C 348 3.77 -7.54 16.22
N CYS C 349 4.58 -7.72 17.26
CA CYS C 349 5.82 -6.93 17.33
C CYS C 349 7.08 -7.74 17.69
N GLN C 350 8.24 -7.14 17.48
CA GLN C 350 9.49 -7.87 17.58
C GLN C 350 10.38 -7.31 18.68
N GLY C 351 9.77 -6.67 19.66
CA GLY C 351 10.48 -6.23 20.82
C GLY C 351 11.21 -7.38 21.49
N PRO C 352 12.31 -7.07 22.19
CA PRO C 352 13.17 -8.04 22.79
C PRO C 352 12.53 -8.70 23.96
N ARG C 353 11.68 -7.98 24.71
CA ARG C 353 11.05 -8.58 25.88
C ARG C 353 9.74 -7.87 26.21
N MET C 354 8.71 -8.65 26.44
CA MET C 354 7.42 -8.07 26.82
C MET C 354 6.67 -8.59 27.99
N SER C 355 5.73 -7.76 28.47
CA SER C 355 4.77 -8.15 29.49
C SER C 355 3.33 -8.04 28.99
N THR C 356 2.94 -9.03 28.20
CA THR C 356 1.67 -9.01 27.55
C THR C 356 0.94 -10.31 27.83
N GLY C 357 1.04 -10.74 29.09
CA GLY C 357 0.40 -11.96 29.56
C GLY C 357 1.40 -13.12 29.54
N PRO C 358 0.90 -14.37 29.73
CA PRO C 358 1.68 -15.54 29.57
C PRO C 358 2.18 -15.54 28.16
N ASP C 359 3.45 -15.83 28.01
CA ASP C 359 4.13 -15.78 26.73
C ASP C 359 3.80 -16.99 25.90
N ILE C 360 3.05 -16.76 24.82
CA ILE C 360 2.52 -17.81 23.96
C ILE C 360 3.61 -18.55 23.17
N HIS C 361 4.79 -17.94 23.03
CA HIS C 361 5.86 -18.62 22.36
C HIS C 361 6.13 -19.85 23.21
N HIS C 362 5.98 -19.68 24.52
CA HIS C 362 6.26 -20.78 25.40
C HIS C 362 5.18 -21.85 25.34
N PHE C 363 4.01 -21.54 24.76
CA PHE C 363 2.97 -22.55 24.52
C PHE C 363 3.36 -23.38 23.29
N ILE C 364 4.16 -22.82 22.37
CA ILE C 364 4.57 -23.54 21.15
C ILE C 364 5.90 -24.32 21.28
N MET C 365 6.83 -23.77 22.03
CA MET C 365 8.12 -24.40 22.22
C MET C 365 7.88 -25.57 23.13
N GLY C 366 8.29 -26.75 22.68
CA GLY C 366 8.06 -27.99 23.42
C GLY C 366 6.73 -28.64 22.99
N SER C 367 6.07 -28.08 21.99
CA SER C 367 4.77 -28.63 21.66
C SER C 367 4.87 -29.84 20.75
N GLU C 368 6.08 -30.19 20.33
CA GLU C 368 6.37 -31.51 19.74
C GLU C 368 5.41 -32.00 18.67
N GLY C 369 4.91 -31.09 17.87
CA GLY C 369 4.18 -31.44 16.67
C GLY C 369 2.70 -31.57 16.87
N THR C 370 2.21 -31.22 18.05
CA THR C 370 0.84 -31.54 18.49
C THR C 370 -0.15 -30.40 18.27
N LEU C 371 0.32 -29.21 17.93
CA LEU C 371 -0.57 -28.03 17.78
C LEU C 371 -0.62 -27.38 16.41
N GLY C 372 0.38 -27.58 15.56
CA GLY C 372 0.45 -26.90 14.26
C GLY C 372 1.83 -27.01 13.62
N VAL C 373 2.05 -26.29 12.52
CA VAL C 373 3.36 -26.30 11.86
C VAL C 373 4.06 -24.97 12.07
N ILE C 374 5.22 -24.96 12.71
CA ILE C 374 6.03 -23.76 12.73
C ILE C 374 6.61 -23.57 11.34
N THR C 375 6.34 -22.39 10.77
CA THR C 375 6.76 -22.06 9.40
C THR C 375 7.90 -21.02 9.37
N GLU C 376 7.84 -20.01 10.23
CA GLU C 376 8.90 -18.98 10.18
C GLU C 376 9.37 -18.68 11.55
N ALA C 377 10.62 -18.27 11.70
CA ALA C 377 11.13 -17.92 13.02
C ALA C 377 12.10 -16.82 12.83
N THR C 378 12.21 -15.96 13.85
CA THR C 378 13.26 -14.96 13.88
C THR C 378 14.25 -15.33 14.96
N ILE C 379 15.52 -15.48 14.58
CA ILE C 379 16.56 -15.91 15.49
C ILE C 379 17.66 -14.89 15.68
N LYS C 380 18.15 -14.78 16.90
CA LYS C 380 19.28 -13.91 17.19
C LYS C 380 20.48 -14.40 16.43
N ILE C 381 21.29 -13.44 15.96
CA ILE C 381 22.56 -13.75 15.35
C ILE C 381 23.64 -12.92 16.01
N ARG C 382 24.87 -13.37 15.82
CA ARG C 382 26.07 -12.76 16.38
C ARG C 382 27.20 -12.69 15.31
N PRO C 383 28.08 -11.67 15.43
CA PRO C 383 29.31 -11.71 14.66
C PRO C 383 30.08 -13.00 14.94
N THR C 384 30.56 -13.65 13.89
CA THR C 384 31.42 -14.82 14.06
C THR C 384 32.52 -14.55 15.08
N PRO C 385 32.74 -15.49 16.02
CA PRO C 385 33.83 -15.30 16.96
C PRO C 385 35.17 -15.24 16.22
N GLU C 386 36.07 -14.42 16.73
CA GLU C 386 37.44 -14.28 16.20
C GLU C 386 38.26 -15.61 16.26
N TYR C 387 38.15 -16.29 17.40
CA TYR C 387 39.13 -17.27 17.79
C TYR C 387 38.46 -18.31 18.67
N GLN C 388 38.88 -19.57 18.51
CA GLN C 388 38.43 -20.72 19.32
C GLN C 388 39.62 -21.43 19.91
N LYS C 389 39.45 -21.98 21.09
CA LYS C 389 40.51 -22.74 21.68
C LYS C 389 39.92 -23.89 22.43
N TYR C 390 40.55 -25.06 22.30
CA TYR C 390 40.19 -26.23 23.07
C TYR C 390 41.10 -26.43 24.29
N GLY C 391 40.53 -27.06 25.30
CA GLY C 391 41.31 -27.31 26.49
C GLY C 391 40.79 -28.56 27.13
N SER C 392 41.50 -29.03 28.15
CA SER C 392 41.05 -30.14 28.97
C SER C 392 41.69 -30.04 30.32
N VAL C 393 41.10 -30.70 31.31
CA VAL C 393 41.64 -30.70 32.66
C VAL C 393 41.43 -32.11 33.20
N ALA C 394 42.42 -32.65 33.92
CA ALA C 394 42.28 -33.96 34.51
C ALA C 394 42.16 -33.82 36.02
N PHE C 395 41.27 -34.61 36.61
CA PHE C 395 40.92 -34.55 38.03
C PHE C 395 41.18 -35.93 38.67
N PRO C 396 41.49 -35.95 39.95
CA PRO C 396 41.74 -37.24 40.62
C PRO C 396 40.56 -38.22 40.55
N ASN C 397 39.35 -37.71 40.66
CA ASN C 397 38.12 -38.52 40.48
C ASN C 397 37.01 -37.68 39.86
N PHE C 398 35.82 -38.26 39.74
CA PHE C 398 34.69 -37.58 39.17
C PHE C 398 34.14 -36.53 40.13
N GLU C 399 34.13 -36.85 41.40
CA GLU C 399 33.55 -35.98 42.43
C GLU C 399 34.22 -34.60 42.45
N GLN C 400 35.52 -34.59 42.19
CA GLN C 400 36.29 -33.37 42.28
C GLN C 400 35.98 -32.57 41.07
N GLY C 401 35.85 -33.26 39.94
CA GLY C 401 35.46 -32.63 38.68
C GLY C 401 34.10 -31.94 38.77
N VAL C 402 33.15 -32.60 39.40
CA VAL C 402 31.84 -32.04 39.58
C VAL C 402 31.94 -30.75 40.40
N ALA C 403 32.77 -30.78 41.46
CA ALA C 403 32.92 -29.65 42.38
C ALA C 403 33.52 -28.48 41.63
N CYS C 404 34.50 -28.76 40.79
CA CYS C 404 35.16 -27.71 40.02
C CYS C 404 34.13 -27.04 39.08
N LEU C 405 33.32 -27.86 38.43
CA LEU C 405 32.29 -27.38 37.52
C LEU C 405 31.27 -26.52 38.25
N ARG C 406 30.86 -26.96 39.42
CA ARG C 406 29.99 -26.17 40.27
C ARG C 406 30.64 -24.83 40.62
N GLU C 407 31.96 -24.82 40.92
CA GLU C 407 32.59 -23.56 41.25
C GLU C 407 32.64 -22.66 40.02
N ILE C 408 32.94 -23.24 38.88
CA ILE C 408 33.01 -22.46 37.67
C ILE C 408 31.66 -21.81 37.46
N ALA C 409 30.59 -22.58 37.68
CA ALA C 409 29.24 -22.08 37.53
C ALA C 409 28.90 -21.01 38.58
N LYS C 410 29.44 -21.18 39.78
CA LYS C 410 29.17 -20.26 40.86
C LYS C 410 29.83 -18.90 40.59
N GLN C 411 31.01 -18.92 39.98
CA GLN C 411 31.67 -17.67 39.62
C GLN C 411 31.21 -17.17 38.29
N ARG C 412 30.28 -17.89 37.68
CA ARG C 412 29.73 -17.55 36.38
C ARG C 412 30.78 -17.31 35.30
N CYS C 413 31.80 -18.18 35.28
CA CYS C 413 32.81 -18.06 34.25
C CYS C 413 32.97 -19.30 33.37
N ALA C 414 31.85 -19.93 33.09
CA ALA C 414 31.88 -21.07 32.23
C ALA C 414 32.34 -20.65 30.83
N PRO C 415 33.31 -21.42 30.28
CA PRO C 415 33.74 -21.31 28.90
C PRO C 415 32.58 -21.68 27.96
N ALA C 416 32.73 -21.37 26.69
CA ALA C 416 31.68 -21.55 25.73
C ALA C 416 31.13 -22.96 25.82
N SER C 417 31.97 -23.91 26.15
CA SER C 417 31.52 -25.24 26.42
C SER C 417 32.47 -25.88 27.43
N ILE C 418 31.88 -26.74 28.27
CA ILE C 418 32.61 -27.51 29.29
C ILE C 418 31.84 -28.77 29.56
N HIS C 419 32.50 -29.90 29.34
CA HIS C 419 31.91 -31.17 29.65
C HIS C 419 32.83 -31.73 30.72
N LEU C 420 32.30 -32.64 31.55
CA LEU C 420 33.12 -33.43 32.41
C LEU C 420 32.86 -34.89 32.12
N MET C 421 33.86 -35.61 31.64
CA MET C 421 33.71 -37.03 31.31
C MET C 421 34.15 -37.90 32.45
N ASP C 422 33.35 -38.92 32.80
CA ASP C 422 33.81 -39.90 33.78
C ASP C 422 34.96 -40.72 33.15
N ASN C 423 35.56 -41.58 33.96
CA ASN C 423 36.73 -42.34 33.57
C ASN C 423 36.56 -43.23 32.36
N GLN C 424 35.43 -43.94 32.28
CA GLN C 424 35.17 -44.84 31.14
C GLN C 424 35.09 -44.06 29.86
N GLN C 425 34.44 -42.91 29.93
CA GLN C 425 34.22 -42.10 28.76
C GLN C 425 35.50 -41.45 28.26
N PHE C 426 36.38 -41.12 29.18
CA PHE C 426 37.65 -40.65 28.77
C PHE C 426 38.46 -41.77 28.12
N GLN C 427 38.43 -42.96 28.69
CA GLN C 427 39.05 -44.11 28.01
C GLN C 427 38.37 -44.42 26.67
N PHE C 428 37.07 -44.10 26.56
CA PHE C 428 36.35 -44.20 25.31
C PHE C 428 37.03 -43.27 24.29
N GLY C 429 37.05 -41.96 24.58
CA GLY C 429 37.78 -41.00 23.75
C GLY C 429 39.23 -41.35 23.46
N HIS C 430 39.97 -41.88 24.43
CA HIS C 430 41.38 -42.26 24.21
C HIS C 430 41.52 -43.24 23.05
N ALA C 431 40.52 -44.09 22.84
CA ALA C 431 40.66 -45.15 21.85
C ALA C 431 40.24 -44.67 20.46
N LEU C 432 39.83 -43.41 20.38
CA LEU C 432 39.60 -42.72 19.10
C LEU C 432 40.84 -41.95 18.58
N LYS C 433 41.97 -42.14 19.26
CA LYS C 433 43.21 -41.45 18.95
C LYS C 433 43.90 -42.04 17.69
N PRO C 434 44.35 -41.16 16.76
CA PRO C 434 45.02 -41.62 15.54
C PRO C 434 46.42 -42.21 15.79
N GLN C 435 47.02 -42.86 14.77
CA GLN C 435 48.41 -43.34 14.85
C GLN C 435 48.87 -44.17 13.63
N GLY C 457 50.44 -39.71 40.24
CA GLY C 457 49.65 -39.52 41.46
C GLY C 457 48.16 -39.62 41.18
N PHE C 458 47.79 -39.48 39.91
CA PHE C 458 46.40 -39.62 39.41
C PHE C 458 46.10 -41.08 39.08
N ASP C 459 45.05 -41.64 39.66
CA ASP C 459 44.73 -43.06 39.49
C ASP C 459 44.01 -43.30 38.16
N PRO C 460 44.72 -43.87 37.16
CA PRO C 460 44.26 -43.91 35.78
C PRO C 460 42.91 -44.61 35.50
N ASN C 461 42.21 -45.12 36.53
CA ASN C 461 40.81 -45.51 36.31
C ASN C 461 39.73 -45.14 37.34
N GLN C 462 39.99 -44.09 38.10
CA GLN C 462 38.93 -43.38 38.79
C GLN C 462 38.96 -41.91 38.37
N LEU C 463 40.00 -41.55 37.61
CA LEU C 463 40.26 -40.19 37.07
C LEU C 463 39.24 -39.70 36.03
N SER C 464 38.94 -38.41 36.08
CA SER C 464 37.95 -37.81 35.20
C SER C 464 38.51 -36.60 34.48
N VAL C 465 38.01 -36.35 33.26
CA VAL C 465 38.53 -35.31 32.39
C VAL C 465 37.43 -34.35 31.94
N ALA C 466 37.70 -33.07 32.18
CA ALA C 466 36.89 -32.03 31.60
C ALA C 466 37.49 -31.66 30.24
N THR C 467 36.61 -31.42 29.28
CA THR C 467 37.00 -30.87 28.01
C THR C 467 36.46 -29.44 27.96
N LEU C 468 37.17 -28.55 27.30
CA LEU C 468 36.76 -27.15 27.33
C LEU C 468 36.78 -26.57 25.95
N LEU C 469 35.90 -25.64 25.69
CA LEU C 469 36.00 -24.90 24.44
C LEU C 469 35.76 -23.40 24.66
N PHE C 470 36.74 -22.58 24.25
CA PHE C 470 36.67 -21.16 24.42
C PHE C 470 36.49 -20.55 23.04
N GLU C 471 35.81 -19.41 23.00
CA GLU C 471 35.42 -18.75 21.77
C GLU C 471 35.24 -17.27 22.06
N GLY C 472 35.77 -16.43 21.17
CA GLY C 472 35.69 -14.97 21.34
C GLY C 472 36.97 -14.34 20.85
N ASP C 473 37.39 -13.20 21.46
CA ASP C 473 38.67 -12.52 21.17
C ASP C 473 39.84 -13.19 21.87
N ARG C 474 40.91 -13.45 21.12
CA ARG C 474 42.11 -14.12 21.59
C ARG C 474 42.65 -13.69 22.98
N GLU C 475 42.86 -12.39 23.21
CA GLU C 475 43.39 -12.01 24.52
C GLU C 475 42.41 -12.27 25.65
N LYS C 476 41.11 -12.17 25.35
CA LYS C 476 40.09 -12.48 26.34
C LYS C 476 39.97 -14.02 26.54
N VAL C 477 40.11 -14.76 25.46
CA VAL C 477 40.14 -16.20 25.53
C VAL C 477 41.30 -16.70 26.35
N LEU C 478 42.50 -16.13 26.17
CA LEU C 478 43.66 -16.61 26.92
C LEU C 478 43.65 -16.18 28.40
N GLN C 479 43.01 -15.05 28.68
CA GLN C 479 42.82 -14.54 30.05
C GLN C 479 41.76 -15.35 30.79
N HIS C 480 40.77 -15.82 30.04
CA HIS C 480 39.69 -16.67 30.55
C HIS C 480 40.15 -18.09 30.83
N GLU C 481 41.01 -18.59 29.94
CA GLU C 481 41.56 -19.92 30.03
C GLU C 481 42.39 -20.09 31.26
N LYS C 482 43.12 -19.06 31.67
CA LYS C 482 43.90 -19.15 32.90
C LYS C 482 43.06 -18.97 34.15
N GLN C 483 41.96 -18.22 34.06
CA GLN C 483 41.03 -18.13 35.15
C GLN C 483 40.47 -19.51 35.42
N VAL C 484 40.12 -20.24 34.35
CA VAL C 484 39.54 -21.58 34.48
C VAL C 484 40.56 -22.57 35.08
N TYR C 485 41.81 -22.50 34.64
CA TYR C 485 42.83 -23.42 35.18
C TYR C 485 43.19 -23.23 36.66
N ASP C 486 43.07 -22.00 37.16
CA ASP C 486 43.22 -21.72 38.61
C ASP C 486 42.10 -22.31 39.47
N ILE C 487 40.84 -22.05 39.09
CA ILE C 487 39.72 -22.77 39.73
C ILE C 487 39.97 -24.30 39.73
N ALA C 488 40.27 -24.90 38.59
CA ALA C 488 40.56 -26.35 38.54
C ALA C 488 41.67 -26.78 39.54
N ALA C 489 42.75 -25.99 39.64
CA ALA C 489 43.85 -26.40 40.49
C ALA C 489 43.43 -26.52 41.95
N LYS C 490 42.50 -25.67 42.40
CA LYS C 490 41.85 -25.83 43.71
C LYS C 490 41.28 -27.24 44.04
N PHE C 491 40.83 -27.94 43.01
CA PHE C 491 40.16 -29.23 43.16
C PHE C 491 41.06 -30.37 42.69
N GLY C 492 42.33 -30.08 42.50
CA GLY C 492 43.30 -31.12 42.11
C GLY C 492 43.49 -31.27 40.62
N GLY C 493 42.86 -30.35 39.86
CA GLY C 493 42.76 -30.38 38.41
C GLY C 493 44.07 -29.95 37.76
N LEU C 494 44.48 -30.70 36.74
CA LEU C 494 45.71 -30.43 36.02
C LEU C 494 45.44 -30.40 34.55
N ALA C 495 45.76 -29.29 33.90
CA ALA C 495 45.58 -29.13 32.47
C ALA C 495 46.01 -30.42 31.77
N ALA C 496 45.29 -30.81 30.71
CA ALA C 496 45.61 -32.06 30.03
C ALA C 496 45.82 -31.85 28.54
N GLY C 497 45.88 -30.60 28.11
CA GLY C 497 46.25 -30.24 26.74
C GLY C 497 45.06 -30.02 25.82
N GLU C 498 45.30 -29.31 24.72
CA GLU C 498 44.23 -29.04 23.80
C GLU C 498 43.92 -30.18 22.83
N ASP C 499 44.82 -31.15 22.68
CA ASP C 499 44.57 -32.30 21.80
C ASP C 499 43.49 -33.21 22.44
N ASN C 500 43.59 -33.43 23.75
CA ASN C 500 42.60 -34.15 24.56
C ASN C 500 41.24 -33.46 24.52
N GLY C 501 41.26 -32.13 24.54
CA GLY C 501 40.05 -31.35 24.37
C GLY C 501 39.27 -31.76 23.13
N GLN C 502 39.89 -31.66 21.96
CA GLN C 502 39.19 -31.88 20.70
C GLN C 502 38.46 -33.21 20.64
N ARG C 503 39.12 -34.29 21.07
CA ARG C 503 38.53 -35.65 21.08
C ARG C 503 37.26 -35.83 21.92
N GLY C 504 37.22 -35.29 23.13
CA GLY C 504 35.99 -35.30 23.94
C GLY C 504 34.76 -34.92 23.16
N TYR C 505 34.89 -33.91 22.31
CA TYR C 505 33.74 -33.42 21.56
C TYR C 505 33.42 -34.25 20.30
N LEU C 506 34.45 -34.80 19.68
CA LEU C 506 34.25 -35.61 18.48
C LEU C 506 33.45 -36.86 18.78
N LEU C 507 33.72 -37.43 19.97
CA LEU C 507 33.04 -38.61 20.51
C LEU C 507 31.54 -38.52 20.52
N THR C 508 30.99 -37.45 21.11
CA THR C 508 29.55 -37.20 21.05
C THR C 508 29.01 -36.84 19.65
N TYR C 509 29.91 -36.36 18.76
CA TYR C 509 29.61 -36.06 17.35
C TYR C 509 29.71 -37.23 16.32
N VAL C 510 30.57 -38.22 16.54
CA VAL C 510 30.61 -39.35 15.61
C VAL C 510 29.85 -40.52 16.17
N ILE C 511 29.23 -40.29 17.33
CA ILE C 511 28.69 -41.37 18.16
C ILE C 511 27.44 -42.02 17.57
N ALA C 512 26.70 -41.27 16.77
CA ALA C 512 25.56 -41.86 16.11
C ALA C 512 26.03 -42.81 15.02
N TYR C 513 27.14 -42.45 14.38
CA TYR C 513 27.82 -43.40 13.49
C TYR C 513 28.35 -44.65 14.21
N MET C 514 28.83 -44.52 15.44
CA MET C 514 29.29 -45.70 16.19
C MET C 514 28.20 -46.69 16.60
N ARG C 515 27.01 -46.18 16.84
CA ARG C 515 25.92 -47.01 17.23
C ARG C 515 25.60 -47.95 16.09
N ASP C 516 25.71 -47.47 14.86
CA ASP C 516 25.48 -48.35 13.74
C ASP C 516 26.51 -49.45 13.70
N LEU C 517 27.75 -49.13 14.04
CA LEU C 517 28.82 -50.12 14.03
C LEU C 517 28.55 -51.20 15.06
N GLY C 518 28.19 -50.77 16.28
CA GLY C 518 27.82 -51.71 17.33
C GLY C 518 26.73 -52.64 16.83
N LEU C 519 25.74 -52.09 16.14
CA LEU C 519 24.68 -52.92 15.63
C LEU C 519 25.12 -53.96 14.58
N GLU C 520 26.25 -53.74 13.89
CA GLU C 520 26.76 -54.79 13.00
C GLU C 520 27.39 -55.93 13.77
N TYR C 521 27.70 -55.71 15.05
CA TYR C 521 28.40 -56.73 15.84
C TYR C 521 27.69 -57.07 17.14
N TYR C 522 26.37 -57.08 17.05
CA TYR C 522 25.54 -57.54 18.15
C TYR C 522 25.59 -56.64 19.38
N ILE C 523 25.87 -55.36 19.20
CA ILE C 523 25.90 -54.47 20.34
C ILE C 523 24.81 -53.46 20.23
N ILE C 524 23.98 -53.39 21.26
CA ILE C 524 22.97 -52.31 21.30
C ILE C 524 23.39 -51.23 22.26
N GLY C 525 23.22 -49.97 21.83
CA GLY C 525 23.52 -48.82 22.67
C GLY C 525 22.57 -47.68 22.47
N GLU C 526 22.53 -46.78 23.47
CA GLU C 526 21.68 -45.62 23.46
C GLU C 526 22.12 -44.59 24.48
N SER C 527 21.63 -43.37 24.37
CA SER C 527 21.88 -42.39 25.39
C SER C 527 20.61 -41.85 25.93
N PHE C 528 20.70 -41.20 27.07
CA PHE C 528 19.56 -40.51 27.62
C PHE C 528 20.09 -39.42 28.51
N GLU C 529 19.25 -38.47 28.86
CA GLU C 529 19.80 -37.32 29.55
C GLU C 529 18.83 -36.81 30.59
N THR C 530 19.33 -35.95 31.45
CA THR C 530 18.50 -35.40 32.45
C THR C 530 19.12 -34.11 32.91
N SER C 531 18.35 -33.25 33.57
CA SER C 531 18.97 -32.12 34.26
C SER C 531 18.67 -32.26 35.74
N ALA C 532 19.49 -31.68 36.60
CA ALA C 532 19.41 -31.96 38.05
C ALA C 532 20.03 -30.81 38.85
N PRO C 533 19.52 -30.53 40.07
CA PRO C 533 20.21 -29.55 40.92
C PRO C 533 21.64 -29.99 41.24
N TRP C 534 22.53 -29.03 41.45
CA TRP C 534 23.94 -29.27 41.74
C TRP C 534 24.12 -30.29 42.88
N ASP C 535 23.35 -30.14 43.96
CA ASP C 535 23.56 -31.07 45.09
C ASP C 535 23.10 -32.52 44.83
N ARG C 536 22.51 -32.79 43.66
CA ARG C 536 22.08 -34.16 43.31
C ARG C 536 22.97 -34.86 42.29
N VAL C 537 23.84 -34.11 41.64
CA VAL C 537 24.61 -34.61 40.51
C VAL C 537 25.48 -35.82 40.82
N VAL C 538 26.26 -35.75 41.89
CA VAL C 538 27.18 -36.84 42.24
C VAL C 538 26.41 -38.12 42.48
N ASP C 539 25.41 -38.08 43.37
CA ASP C 539 24.67 -39.29 43.71
C ASP C 539 23.89 -39.84 42.53
N LEU C 540 23.33 -38.93 41.73
CA LEU C 540 22.52 -39.33 40.57
C LEU C 540 23.37 -40.06 39.53
N CYS C 541 24.56 -39.55 39.24
CA CYS C 541 25.46 -40.27 38.33
C CYS C 541 25.82 -41.65 38.83
N ARG C 542 26.28 -41.70 40.07
CA ARG C 542 26.63 -42.93 40.71
C ARG C 542 25.46 -43.93 40.68
N ASN C 543 24.32 -43.54 41.22
CA ASN C 543 23.25 -44.49 41.37
C ASN C 543 22.71 -44.93 40.03
N VAL C 544 22.60 -43.99 39.07
CA VAL C 544 21.97 -44.27 37.79
C VAL C 544 22.79 -45.23 37.02
N LYS C 545 24.11 -45.05 37.04
CA LYS C 545 25.05 -46.00 36.40
C LYS C 545 25.04 -47.41 37.04
N GLU C 546 24.94 -47.47 38.36
CA GLU C 546 24.89 -48.74 39.06
C GLU C 546 23.58 -49.47 38.75
N ARG C 547 22.48 -48.73 38.67
CA ARG C 547 21.18 -49.28 38.40
C ARG C 547 21.22 -50.02 37.09
N ILE C 548 21.92 -49.43 36.14
CA ILE C 548 22.04 -49.99 34.80
C ILE C 548 22.78 -51.32 34.83
N ARG C 549 23.82 -51.40 35.65
CA ARG C 549 24.59 -52.63 35.81
C ARG C 549 23.76 -53.67 36.52
N ARG C 550 23.01 -53.26 37.53
CA ARG C 550 22.22 -54.19 38.29
C ARG C 550 21.13 -54.84 37.44
N GLU C 551 20.39 -54.02 36.71
CA GLU C 551 19.31 -54.48 35.85
C GLU C 551 19.78 -55.43 34.75
N CYS C 552 20.95 -55.11 34.18
CA CYS C 552 21.55 -55.93 33.15
C CYS C 552 21.93 -57.33 33.66
N LYS C 553 22.58 -57.40 34.82
CA LYS C 553 22.92 -58.66 35.48
C LYS C 553 21.69 -59.52 35.74
N GLU C 554 20.69 -58.91 36.36
CA GLU C 554 19.41 -59.54 36.67
C GLU C 554 18.63 -60.00 35.46
N LYS C 555 18.88 -59.41 34.30
CA LYS C 555 18.17 -59.80 33.07
C LYS C 555 19.00 -60.76 32.22
N GLY C 556 20.15 -61.15 32.75
CA GLY C 556 20.92 -62.22 32.15
C GLY C 556 21.85 -61.80 31.05
N VAL C 557 22.33 -60.57 31.11
CA VAL C 557 23.44 -60.12 30.26
C VAL C 557 24.73 -60.67 30.86
N GLN C 558 25.51 -61.38 30.04
CA GLN C 558 26.75 -62.04 30.49
C GLN C 558 27.78 -61.02 30.95
N PHE C 559 28.00 -60.01 30.12
CA PHE C 559 29.04 -59.02 30.36
C PHE C 559 28.53 -57.73 30.96
N PRO C 560 29.25 -57.17 31.95
CA PRO C 560 28.84 -55.86 32.46
C PRO C 560 28.71 -54.90 31.29
N PRO C 561 27.59 -54.14 31.24
CA PRO C 561 27.33 -53.21 30.15
C PRO C 561 28.25 -52.02 30.21
N LEU C 562 28.41 -51.34 29.10
CA LEU C 562 28.99 -50.02 29.15
C LEU C 562 27.96 -49.10 29.84
N SER C 563 28.42 -48.37 30.85
CA SER C 563 27.55 -47.52 31.65
C SER C 563 28.33 -46.27 32.08
N THR C 564 28.33 -45.27 31.21
CA THR C 564 29.09 -44.03 31.44
C THR C 564 28.20 -42.80 31.47
N CYS C 565 28.72 -41.73 32.01
CA CYS C 565 28.03 -40.49 32.02
C CYS C 565 29.00 -39.35 31.81
N ARG C 566 28.53 -38.27 31.17
CA ARG C 566 29.26 -37.03 31.22
C ARG C 566 28.35 -35.89 31.61
N VAL C 567 28.90 -34.94 32.35
CA VAL C 567 28.19 -33.71 32.55
C VAL C 567 28.38 -32.86 31.26
N THR C 568 27.37 -32.14 30.85
CA THR C 568 27.38 -31.62 29.52
C THR C 568 26.97 -30.17 29.49
N GLN C 569 26.36 -29.68 30.58
CA GLN C 569 25.92 -28.27 30.63
C GLN C 569 25.94 -27.87 32.06
N THR C 570 26.30 -26.61 32.30
CA THR C 570 26.18 -26.08 33.63
C THR C 570 25.19 -24.95 33.53
N TYR C 571 24.52 -24.71 34.65
CA TYR C 571 23.55 -23.62 34.79
C TYR C 571 23.77 -23.09 36.20
N ASP C 572 23.15 -21.95 36.50
CA ASP C 572 23.14 -21.46 37.88
C ASP C 572 22.60 -22.46 38.85
N ALA C 573 21.51 -23.14 38.48
CA ALA C 573 20.79 -24.00 39.40
C ALA C 573 21.05 -25.49 39.26
N GLY C 574 21.92 -25.90 38.34
CA GLY C 574 22.28 -27.30 38.29
C GLY C 574 22.90 -27.63 36.97
N ALA C 575 22.84 -28.90 36.58
CA ALA C 575 23.56 -29.38 35.42
C ALA C 575 22.72 -30.30 34.56
N CYS C 576 23.16 -30.47 33.32
CA CYS C 576 22.67 -31.52 32.44
C CYS C 576 23.63 -32.68 32.47
N ILE C 577 23.10 -33.91 32.58
CA ILE C 577 23.92 -35.11 32.58
C ILE C 577 23.48 -36.01 31.44
N TYR C 578 24.49 -36.56 30.75
CA TYR C 578 24.29 -37.46 29.63
C TYR C 578 24.76 -38.85 30.03
N PHE C 579 23.99 -39.89 29.67
CA PHE C 579 24.36 -41.29 29.90
C PHE C 579 24.50 -42.08 28.60
N TYR C 580 25.42 -43.00 28.56
CA TYR C 580 25.45 -43.96 27.46
C TYR C 580 25.33 -45.35 28.02
N PHE C 581 24.58 -46.17 27.31
CA PHE C 581 24.27 -47.48 27.76
C PHE C 581 24.26 -48.45 26.55
N ALA C 582 25.05 -49.51 26.64
CA ALA C 582 25.19 -50.42 25.53
C ALA C 582 25.63 -51.77 26.05
N PHE C 583 25.12 -52.80 25.43
CA PHE C 583 25.55 -54.12 25.78
C PHE C 583 25.54 -55.02 24.54
N ASN C 584 26.32 -56.10 24.62
CA ASN C 584 26.33 -57.10 23.59
C ASN C 584 25.19 -58.03 23.89
N TYR C 585 24.33 -58.23 22.90
CA TYR C 585 23.05 -58.94 23.06
C TYR C 585 22.95 -60.36 22.46
N ARG C 586 24.07 -60.90 21.94
CA ARG C 586 24.14 -62.28 21.45
C ARG C 586 23.62 -63.29 22.46
N GLY C 587 22.75 -64.18 22.01
CA GLY C 587 22.19 -65.22 22.85
C GLY C 587 21.36 -64.76 24.04
N ILE C 588 20.79 -63.55 23.94
CA ILE C 588 19.85 -63.04 24.94
C ILE C 588 18.52 -63.13 24.22
N SER C 589 17.51 -63.65 24.91
CA SER C 589 16.29 -64.13 24.26
C SER C 589 15.49 -63.04 23.52
N ASP C 590 15.13 -61.98 24.25
CA ASP C 590 14.40 -60.85 23.67
C ASP C 590 15.23 -59.56 23.82
N PRO C 591 16.29 -59.38 23.02
CA PRO C 591 17.24 -58.30 23.28
C PRO C 591 16.60 -56.93 23.52
N LEU C 592 15.60 -56.57 22.72
CA LEU C 592 14.93 -55.26 22.73
C LEU C 592 14.17 -54.97 24.00
N ALA C 593 13.46 -55.99 24.50
CA ALA C 593 12.66 -55.88 25.68
C ALA C 593 13.59 -55.64 26.83
N VAL C 594 14.73 -56.34 26.82
CA VAL C 594 15.70 -56.23 27.91
C VAL C 594 16.22 -54.78 27.94
N PHE C 595 16.59 -54.29 26.76
CA PHE C 595 17.06 -52.94 26.62
C PHE C 595 16.05 -51.91 27.09
N GLU C 596 14.83 -52.05 26.61
CA GLU C 596 13.83 -51.05 26.91
C GLU C 596 13.46 -51.09 28.40
N GLN C 597 13.52 -52.27 29.02
CA GLN C 597 13.24 -52.39 30.44
C GLN C 597 14.29 -51.67 31.26
N THR C 598 15.56 -51.88 30.89
CA THR C 598 16.69 -51.26 31.57
C THR C 598 16.64 -49.73 31.44
N GLU C 599 16.25 -49.25 30.25
CA GLU C 599 16.14 -47.82 30.00
C GLU C 599 15.04 -47.15 30.83
N ALA C 600 13.90 -47.81 30.94
CA ALA C 600 12.86 -47.42 31.89
C ALA C 600 13.33 -47.45 33.33
N ALA C 601 14.03 -48.49 33.73
CA ALA C 601 14.56 -48.56 35.09
C ALA C 601 15.53 -47.41 35.44
N ALA C 602 16.42 -47.08 34.52
CA ALA C 602 17.36 -45.96 34.69
C ALA C 602 16.63 -44.62 34.74
N ARG C 603 15.54 -44.47 33.98
CA ARG C 603 14.73 -43.27 34.06
C ARG C 603 14.17 -43.15 35.48
N GLU C 604 13.68 -44.26 36.02
CA GLU C 604 13.16 -44.28 37.37
C GLU C 604 14.20 -43.87 38.40
N GLU C 605 15.40 -44.39 38.23
CA GLU C 605 16.51 -44.04 39.10
C GLU C 605 16.90 -42.54 39.01
N ILE C 606 16.83 -41.98 37.81
CA ILE C 606 17.07 -40.57 37.55
C ILE C 606 16.08 -39.73 38.34
N LEU C 607 14.82 -40.11 38.22
CA LEU C 607 13.75 -39.38 38.88
C LEU C 607 13.87 -39.51 40.38
N ALA C 608 14.36 -40.66 40.83
CA ALA C 608 14.46 -40.92 42.25
C ALA C 608 15.67 -40.22 42.86
N ASN C 609 16.56 -39.72 42.03
CA ASN C 609 17.72 -39.02 42.49
C ASN C 609 17.68 -37.54 42.19
N GLY C 610 16.46 -37.03 41.94
CA GLY C 610 16.20 -35.59 41.78
C GLY C 610 16.38 -34.99 40.38
N GLY C 611 16.52 -35.87 39.38
CA GLY C 611 16.72 -35.47 37.98
C GLY C 611 15.40 -35.31 37.26
N SER C 612 15.37 -34.49 36.21
CA SER C 612 14.15 -34.23 35.45
C SER C 612 13.86 -35.30 34.41
N LEU C 613 12.64 -35.31 33.90
CA LEU C 613 12.23 -36.25 32.84
C LEU C 613 13.13 -36.13 31.59
N SER C 614 13.56 -34.90 31.32
CA SER C 614 14.37 -34.60 30.15
C SER C 614 14.94 -33.16 30.26
N HIS C 615 16.20 -33.00 29.88
CA HIS C 615 16.81 -31.69 29.75
C HIS C 615 16.57 -31.13 28.35
N HIS C 616 16.77 -31.92 27.28
CA HIS C 616 16.50 -31.40 25.96
C HIS C 616 15.90 -32.33 24.96
N HIS C 617 16.02 -33.62 25.15
CA HIS C 617 15.54 -34.56 24.14
C HIS C 617 14.04 -34.49 24.01
N GLY C 618 13.36 -34.21 25.11
CA GLY C 618 11.93 -34.11 25.10
C GLY C 618 11.21 -35.36 25.48
N VAL C 619 9.92 -35.40 25.18
CA VAL C 619 9.03 -36.42 25.71
C VAL C 619 8.43 -37.34 24.63
N GLY C 620 7.95 -36.75 23.54
CA GLY C 620 7.41 -37.53 22.45
C GLY C 620 6.43 -38.49 23.00
N LYS C 621 6.60 -39.76 22.64
CA LYS C 621 5.82 -40.88 23.17
C LYS C 621 6.69 -41.76 24.04
N LEU C 622 7.99 -41.51 24.09
CA LEU C 622 8.82 -42.36 24.88
C LEU C 622 8.66 -42.14 26.37
N ARG C 623 8.42 -40.89 26.78
CA ARG C 623 8.42 -40.54 28.20
C ARG C 623 7.06 -40.09 28.70
N LYS C 624 6.04 -40.27 27.91
CA LYS C 624 4.68 -39.88 28.28
C LYS C 624 4.15 -40.42 29.64
N GLN C 625 4.43 -41.67 29.97
CA GLN C 625 3.89 -42.22 31.18
C GLN C 625 4.25 -41.38 32.39
N TRP C 626 5.34 -40.61 32.31
CA TRP C 626 5.81 -39.85 33.47
C TRP C 626 5.42 -38.40 33.48
N LEU C 627 4.81 -37.94 32.39
CA LEU C 627 4.56 -36.51 32.24
C LEU C 627 3.66 -35.90 33.34
N LYS C 628 2.55 -36.56 33.67
CA LYS C 628 1.63 -36.03 34.66
C LYS C 628 2.27 -35.76 35.99
N GLU C 629 3.12 -36.68 36.43
CA GLU C 629 3.82 -36.51 37.66
C GLU C 629 4.87 -35.35 37.60
N SER C 630 5.54 -35.18 36.45
CA SER C 630 6.56 -34.13 36.29
C SER C 630 6.00 -32.73 36.35
N ILE C 631 4.87 -32.54 35.66
CA ILE C 631 4.28 -31.22 35.54
C ILE C 631 3.02 -31.01 36.37
N SER C 632 2.67 -32.01 37.19
CA SER C 632 1.40 -32.07 37.95
C SER C 632 0.16 -32.44 37.08
N ASP C 633 -0.96 -32.79 37.71
CA ASP C 633 -2.19 -33.10 36.99
C ASP C 633 -2.78 -31.90 36.27
N VAL C 634 -2.91 -30.80 37.03
CA VAL C 634 -3.46 -29.55 36.47
C VAL C 634 -2.55 -29.03 35.34
N GLY C 635 -1.23 -29.12 35.54
CA GLY C 635 -0.26 -28.78 34.50
C GLY C 635 -0.61 -29.54 33.24
N PHE C 636 -0.76 -30.85 33.38
CA PHE C 636 -1.16 -31.69 32.27
C PHE C 636 -2.46 -31.21 31.70
N GLY C 637 -3.46 -31.02 32.55
CA GLY C 637 -4.71 -30.43 32.13
C GLY C 637 -4.67 -29.12 31.38
N MET C 638 -3.78 -28.21 31.74
CA MET C 638 -3.63 -26.98 30.94
C MET C 638 -3.12 -27.21 29.52
N LEU C 639 -2.17 -28.13 29.35
CA LEU C 639 -1.68 -28.49 28.00
C LEU C 639 -2.78 -29.11 27.15
N LYS C 640 -3.59 -29.97 27.78
CA LYS C 640 -4.71 -30.63 27.13
C LYS C 640 -5.72 -29.60 26.60
N SER C 641 -5.94 -28.55 27.39
CA SER C 641 -6.87 -27.49 27.00
C SER C 641 -6.44 -26.68 25.83
N VAL C 642 -5.14 -26.44 25.71
CA VAL C 642 -4.64 -25.68 24.58
C VAL C 642 -4.77 -26.56 23.33
N LYS C 643 -4.30 -27.79 23.46
CA LYS C 643 -4.45 -28.80 22.41
C LYS C 643 -5.88 -28.85 21.86
N ASP C 644 -6.87 -28.97 22.76
CA ASP C 644 -8.26 -29.02 22.33
C ASP C 644 -8.77 -27.72 21.75
N TYR C 645 -8.28 -26.57 22.23
CA TYR C 645 -8.73 -25.33 21.66
C TYR C 645 -8.18 -25.17 20.26
N VAL C 646 -6.87 -25.34 20.10
CA VAL C 646 -6.20 -25.05 18.85
C VAL C 646 -6.43 -26.17 17.82
N ASP C 647 -6.69 -27.40 18.30
CA ASP C 647 -6.74 -28.59 17.42
C ASP C 647 -7.86 -29.56 17.87
N PRO C 648 -9.13 -29.05 17.85
CA PRO C 648 -10.29 -29.80 18.31
C PRO C 648 -10.47 -31.18 17.64
N THR C 649 -10.13 -31.31 16.35
CA THR C 649 -10.32 -32.58 15.63
C THR C 649 -9.04 -33.37 15.56
N ASN C 650 -7.98 -32.87 16.22
CA ASN C 650 -6.71 -33.58 16.35
C ASN C 650 -6.09 -34.01 15.02
N ILE C 651 -6.02 -33.08 14.09
CA ILE C 651 -5.28 -33.22 12.84
C ILE C 651 -3.77 -33.41 13.09
N PHE C 652 -3.23 -32.76 14.11
CA PHE C 652 -1.85 -32.94 14.48
C PHE C 652 -1.76 -34.05 15.45
N GLY C 653 -1.89 -35.25 14.88
CA GLY C 653 -2.12 -36.45 15.65
C GLY C 653 -0.98 -37.38 15.96
N ASN C 654 0.22 -36.85 16.17
CA ASN C 654 1.33 -37.71 16.52
C ASN C 654 1.20 -38.28 17.93
N ARG C 655 0.35 -37.65 18.76
CA ARG C 655 0.02 -38.12 20.09
C ARG C 655 1.22 -38.06 21.00
N ASN C 656 2.15 -37.16 20.69
CA ASN C 656 3.23 -36.83 21.63
C ASN C 656 2.70 -36.21 22.93
N LEU C 657 3.44 -36.42 24.02
CA LEU C 657 3.21 -35.75 25.31
C LEU C 657 2.01 -36.28 26.09
N LEU C 658 0.83 -36.05 25.52
CA LEU C 658 -0.42 -36.32 26.16
C LEU C 658 -1.02 -37.56 25.53
N GLY D 81 10.14 -4.05 56.35
CA GLY D 81 9.86 -5.10 55.31
C GLY D 81 8.50 -5.78 55.39
N ILE D 82 8.23 -6.46 56.51
CA ILE D 82 6.96 -7.17 56.73
C ILE D 82 5.81 -6.16 56.85
N ILE D 83 4.94 -6.17 55.84
CA ILE D 83 3.76 -5.31 55.81
C ILE D 83 2.85 -5.80 56.93
N PRO D 84 2.44 -4.88 57.86
CA PRO D 84 1.45 -5.19 58.88
C PRO D 84 0.06 -5.27 58.23
N LYS D 85 -0.92 -5.78 58.96
CA LYS D 85 -2.25 -5.98 58.39
C LYS D 85 -2.96 -4.66 58.08
N LYS D 86 -2.98 -3.76 59.05
CA LYS D 86 -3.53 -2.43 58.83
C LYS D 86 -2.48 -1.51 58.21
N ARG D 87 -2.51 -1.40 56.89
CA ARG D 87 -1.46 -0.76 56.12
C ARG D 87 -1.44 0.75 56.26
N GLN D 88 -2.61 1.36 56.40
CA GLN D 88 -2.73 2.83 56.47
C GLN D 88 -2.02 3.45 57.68
N GLU D 89 -1.69 2.65 58.68
CA GLU D 89 -0.97 3.12 59.84
C GLU D 89 0.44 3.60 59.50
N LEU D 90 1.03 2.99 58.50
CA LEU D 90 2.39 3.25 58.13
C LEU D 90 2.50 3.75 56.67
N MET D 91 1.55 3.36 55.84
CA MET D 91 1.51 3.79 54.44
C MET D 91 0.39 4.76 54.10
N LYS D 92 0.57 5.50 53.01
CA LYS D 92 -0.40 6.49 52.57
C LYS D 92 -1.59 5.81 51.95
N TRP D 93 -2.79 6.17 52.39
CA TRP D 93 -4.02 5.53 51.87
C TRP D 93 -4.43 6.18 50.53
N ASN D 94 -3.84 7.33 50.22
CA ASN D 94 -4.24 8.09 49.04
C ASN D 94 -3.10 8.45 48.12
N GLY D 95 -1.99 7.73 48.22
CA GLY D 95 -0.86 7.95 47.32
C GLY D 95 0.31 7.05 47.57
N TRP D 96 1.46 7.42 47.04
CA TRP D 96 2.54 6.47 47.04
C TRP D 96 3.23 6.45 48.38
N GLY D 97 3.65 5.27 48.80
CA GLY D 97 4.74 5.12 49.76
C GLY D 97 4.41 5.27 51.21
N TYR D 98 5.37 5.70 52.01
CA TYR D 98 5.17 5.85 53.45
C TYR D 98 4.56 7.19 53.87
N ASN D 99 3.79 7.16 54.96
CA ASN D 99 3.24 8.34 55.65
C ASN D 99 4.27 9.36 56.06
N ASP D 100 5.43 8.87 56.51
CA ASP D 100 6.48 9.76 56.97
C ASP D 100 7.28 10.45 55.83
N SER D 101 6.93 10.17 54.58
CA SER D 101 7.67 10.70 53.42
C SER D 101 6.82 11.44 52.37
N LYS D 102 6.95 12.76 52.34
CA LYS D 102 6.28 13.58 51.34
C LYS D 102 7.04 14.88 51.12
N PHE D 103 7.04 15.38 49.88
CA PHE D 103 7.57 16.71 49.57
C PHE D 103 6.62 17.79 50.02
N PHE D 104 7.14 18.75 50.78
CA PHE D 104 6.43 19.94 51.22
C PHE D 104 7.24 21.20 50.90
N LEU D 105 6.60 22.35 51.07
CA LEU D 105 7.29 23.64 50.91
C LEU D 105 7.68 24.16 52.29
N ASN D 106 8.98 24.21 52.55
CA ASN D 106 9.52 24.56 53.88
C ASN D 106 9.26 26.02 54.35
N LYS D 107 10.03 26.45 55.35
CA LYS D 107 10.01 27.85 55.82
C LYS D 107 10.69 28.85 54.83
N LYS D 108 11.75 28.39 54.17
CA LYS D 108 12.56 29.16 53.21
C LYS D 108 12.02 29.18 51.77
N GLY D 109 10.75 28.82 51.61
CA GLY D 109 10.10 28.73 50.29
C GLY D 109 10.72 27.70 49.34
N GLN D 110 11.46 26.75 49.91
CA GLN D 110 12.11 25.66 49.17
C GLN D 110 11.31 24.34 49.25
N LEU D 111 11.50 23.45 48.29
CA LEU D 111 10.87 22.12 48.37
C LEU D 111 11.73 21.16 49.18
N GLU D 112 11.06 20.24 49.87
CA GLU D 112 11.69 19.38 50.85
C GLU D 112 10.88 18.12 51.11
N LEU D 113 11.56 17.00 51.34
CA LEU D 113 10.92 15.75 51.67
C LEU D 113 10.98 15.61 53.15
N THR D 114 9.84 15.25 53.74
CA THR D 114 9.72 15.01 55.17
C THR D 114 10.45 13.74 55.58
N GLY D 115 10.68 13.55 56.88
CA GLY D 115 11.20 12.29 57.40
C GLY D 115 12.69 12.05 57.19
N LYS D 116 13.10 10.80 57.30
CA LYS D 116 14.54 10.40 57.23
C LYS D 116 14.81 9.10 56.43
N ARG D 117 13.76 8.57 55.81
CA ARG D 117 13.87 7.35 55.04
C ARG D 117 14.89 7.37 53.89
N TYR D 118 14.91 8.47 53.15
CA TYR D 118 15.68 8.53 51.91
C TYR D 118 16.82 9.55 52.06
N PRO D 119 17.87 9.43 51.22
CA PRO D 119 18.99 10.35 51.40
C PRO D 119 18.58 11.81 51.17
N LEU D 120 17.56 12.06 50.35
CA LEU D 120 17.14 13.44 50.03
C LEU D 120 16.04 14.00 50.97
N SER D 121 15.80 13.28 52.07
CA SER D 121 14.84 13.68 53.07
C SER D 121 15.52 14.69 53.95
N GLY D 122 14.85 15.79 54.24
CA GLY D 122 15.42 16.81 55.08
C GLY D 122 16.56 17.54 54.38
N VAL D 123 16.81 17.16 53.14
CA VAL D 123 17.76 17.87 52.30
C VAL D 123 16.95 18.91 51.52
N ALA D 124 17.25 20.18 51.69
CA ALA D 124 16.55 21.22 50.96
C ALA D 124 16.99 21.28 49.48
N LEU D 125 15.99 21.36 48.59
CA LEU D 125 16.18 21.42 47.13
C LEU D 125 15.91 22.83 46.52
N PRO D 126 16.99 23.62 46.33
CA PRO D 126 16.91 25.08 46.09
C PRO D 126 16.39 25.48 44.73
N THR D 127 16.75 24.73 43.68
CA THR D 127 16.39 25.07 42.31
C THR D 127 15.12 24.33 41.88
N PHE D 128 14.61 23.47 42.75
CA PHE D 128 13.47 22.65 42.41
C PHE D 128 12.26 23.53 42.10
N LYS D 129 11.96 24.49 42.98
CA LYS D 129 10.79 25.34 42.78
C LYS D 129 10.85 25.97 41.38
N ASP D 130 12.02 26.52 41.06
CA ASP D 130 12.34 27.14 39.77
C ASP D 130 12.06 26.29 38.54
N TRP D 131 12.51 25.05 38.57
CA TRP D 131 12.28 24.14 37.45
C TRP D 131 10.79 23.93 37.18
N ILE D 132 9.98 23.92 38.25
CA ILE D 132 8.53 23.74 38.10
C ILE D 132 7.86 24.94 37.41
N GLN D 133 8.36 26.16 37.68
CA GLN D 133 7.89 27.32 36.94
C GLN D 133 8.15 27.12 35.45
N ASN D 134 9.41 27.16 35.03
CA ASN D 134 9.72 27.17 33.60
C ASN D 134 9.14 25.97 32.86
N THR D 135 8.90 24.88 33.57
CA THR D 135 8.35 23.68 32.95
C THR D 135 6.84 23.72 32.82
N PHE D 136 6.17 23.93 33.96
CA PHE D 136 4.72 23.83 34.03
C PHE D 136 4.01 25.18 34.00
N GLY D 137 4.78 26.25 33.84
CA GLY D 137 4.24 27.61 33.82
C GLY D 137 3.44 27.99 35.05
N ILE D 138 4.01 27.79 36.24
CA ILE D 138 3.29 28.10 37.50
C ILE D 138 4.17 28.43 38.72
N ASN D 139 3.52 29.06 39.70
CA ASN D 139 4.14 29.77 40.81
C ASN D 139 4.01 29.07 42.19
N LEU D 140 3.21 28.01 42.25
CA LEU D 140 2.90 27.29 43.50
C LEU D 140 2.08 28.09 44.52
N ASP D 141 1.38 29.11 44.03
CA ASP D 141 0.38 29.79 44.87
C ASP D 141 -1.02 29.15 44.73
N HIS D 142 -1.14 28.14 43.85
CA HIS D 142 -2.42 27.45 43.65
C HIS D 142 -2.40 26.03 44.12
N LYS D 143 -2.96 25.84 45.32
CA LYS D 143 -2.89 24.59 46.03
C LYS D 143 -4.24 23.89 45.93
N THR D 144 -4.21 22.58 45.88
CA THR D 144 -5.43 21.81 45.79
C THR D 144 -5.78 21.22 47.15
N THR D 145 -7.06 20.99 47.40
CA THR D 145 -7.47 20.34 48.64
C THR D 145 -7.98 18.95 48.37
N SER D 146 -7.34 17.98 49.00
CA SER D 146 -7.83 16.61 48.94
C SER D 146 -8.18 16.02 50.29
N LYS D 147 -8.80 14.85 50.21
CA LYS D 147 -9.18 14.04 51.35
C LYS D 147 -7.93 13.51 52.07
N ALA D 148 -7.86 13.71 53.37
CA ALA D 148 -6.75 13.21 54.18
C ALA D 148 -7.02 11.81 54.75
N SER D 149 -8.29 11.50 55.01
CA SER D 149 -8.69 10.16 55.46
C SER D 149 -9.77 9.60 54.60
N LEU D 150 -9.97 8.30 54.74
CA LEU D 150 -11.07 7.62 54.10
C LEU D 150 -12.39 7.99 54.80
N ASN D 151 -13.39 8.40 54.02
CA ASN D 151 -14.75 8.51 54.55
C ASN D 151 -15.55 7.19 54.41
N PRO D 152 -15.77 6.47 55.55
CA PRO D 152 -16.60 5.25 55.56
C PRO D 152 -18.11 5.48 55.28
N SER D 153 -18.50 6.73 55.08
CA SER D 153 -19.85 7.08 54.65
C SER D 153 -19.91 7.20 53.13
N ASP D 154 -18.80 6.84 52.49
CA ASP D 154 -18.68 6.89 51.04
C ASP D 154 -18.32 5.52 50.52
N THR D 155 -18.36 4.54 51.41
CA THR D 155 -18.00 3.20 50.98
C THR D 155 -19.21 2.25 50.99
N PRO D 156 -19.41 1.52 49.87
CA PRO D 156 -20.37 0.44 49.72
C PRO D 156 -20.24 -0.61 50.82
N PRO D 157 -21.35 -1.24 51.18
CA PRO D 157 -21.37 -2.14 52.34
C PRO D 157 -20.80 -3.54 52.07
N SER D 158 -20.36 -4.16 53.16
CA SER D 158 -19.74 -5.46 53.11
C SER D 158 -20.78 -6.57 53.00
N ILE D 159 -20.89 -7.15 51.80
CA ILE D 159 -21.83 -8.25 51.57
C ILE D 159 -21.12 -9.60 51.65
N VAL D 160 -21.42 -10.37 52.69
CA VAL D 160 -20.78 -11.67 52.91
C VAL D 160 -21.76 -12.68 53.52
N ASN D 161 -21.83 -13.85 52.91
CA ASN D 161 -22.62 -14.99 53.40
C ASN D 161 -22.22 -15.41 54.80
N GLU D 162 -23.24 -15.61 55.62
CA GLU D 162 -23.12 -15.91 57.04
C GLU D 162 -22.50 -17.29 57.34
N ASP D 163 -22.80 -18.30 56.53
CA ASP D 163 -22.24 -19.66 56.70
C ASP D 163 -20.80 -19.81 56.19
N PHE D 164 -20.48 -19.13 55.10
CA PHE D 164 -19.10 -18.98 54.69
C PHE D 164 -18.35 -18.39 55.87
N LEU D 165 -18.86 -17.30 56.40
CA LEU D 165 -18.18 -16.57 57.46
C LEU D 165 -17.94 -17.42 58.72
N HIS D 166 -18.92 -18.27 59.03
CA HIS D 166 -18.83 -19.23 60.13
C HIS D 166 -17.72 -20.26 59.93
N GLU D 167 -17.55 -20.74 58.70
CA GLU D 167 -16.49 -21.71 58.43
C GLU D 167 -15.11 -21.09 58.53
N LEU D 168 -15.04 -19.83 58.08
CA LEU D 168 -13.81 -19.04 58.09
C LEU D 168 -13.33 -18.83 59.51
N LYS D 169 -14.28 -18.68 60.43
CA LYS D 169 -13.95 -18.47 61.81
C LYS D 169 -13.24 -19.70 62.36
N LYS D 170 -13.63 -20.87 61.87
CA LYS D 170 -13.04 -22.15 62.28
C LYS D 170 -11.60 -22.34 61.84
N THR D 171 -11.26 -21.79 60.67
CA THR D 171 -9.91 -21.88 60.12
C THR D 171 -8.88 -21.06 60.91
N ASN D 172 -9.31 -19.93 61.46
CA ASN D 172 -8.48 -19.11 62.31
C ASN D 172 -7.63 -18.15 61.51
N ILE D 173 -8.00 -18.01 60.24
CA ILE D 173 -7.43 -17.05 59.34
C ILE D 173 -7.99 -15.66 59.60
N SER D 174 -7.10 -14.73 59.90
CA SER D 174 -7.44 -13.35 60.14
C SER D 174 -8.21 -12.74 58.96
N TYR D 175 -9.22 -11.92 59.23
CA TYR D 175 -10.01 -11.31 58.17
C TYR D 175 -10.49 -9.95 58.60
N SER D 176 -11.00 -9.16 57.67
CA SER D 176 -11.55 -7.87 58.00
C SER D 176 -12.62 -7.46 57.00
N GLN D 177 -13.65 -6.78 57.48
CA GLN D 177 -14.66 -6.18 56.64
C GLN D 177 -14.64 -4.66 56.84
N GLU D 178 -13.65 -4.18 57.58
CA GLU D 178 -13.47 -2.74 57.80
C GLU D 178 -13.32 -2.00 56.47
N ALA D 179 -13.93 -0.84 56.37
CA ALA D 179 -13.84 -0.03 55.18
C ALA D 179 -12.39 0.36 54.81
N ASP D 180 -11.56 0.72 55.78
CA ASP D 180 -10.17 1.07 55.44
C ASP D 180 -9.45 -0.09 54.80
N ASP D 181 -9.36 -1.18 55.52
CA ASP D 181 -8.72 -2.35 54.96
C ASP D 181 -9.19 -2.69 53.56
N ARG D 182 -10.49 -2.52 53.31
CA ARG D 182 -11.08 -2.92 52.03
C ARG D 182 -10.78 -1.93 50.94
N VAL D 183 -10.89 -0.66 51.25
CA VAL D 183 -10.61 0.40 50.29
C VAL D 183 -9.11 0.41 49.93
N PHE D 184 -8.26 0.11 50.91
CA PHE D 184 -6.82 0.14 50.67
C PHE D 184 -6.44 -0.83 49.56
N ARG D 185 -7.22 -1.90 49.45
CA ARG D 185 -6.90 -3.00 48.57
C ARG D 185 -7.76 -2.97 47.30
N ALA D 186 -8.49 -1.89 47.08
CA ALA D 186 -9.32 -1.80 45.87
C ALA D 186 -8.57 -1.22 44.69
N HIS D 187 -7.28 -0.93 44.83
CA HIS D 187 -6.64 -0.13 43.79
C HIS D 187 -5.14 -0.38 43.67
N GLY D 188 -4.56 0.02 42.54
CA GLY D 188 -3.11 0.11 42.37
C GLY D 188 -2.62 1.55 42.39
N HIS D 189 -1.63 1.88 41.57
CA HIS D 189 -1.10 3.23 41.59
C HIS D 189 -1.08 3.89 40.24
N CYS D 190 -2.18 3.71 39.49
CA CYS D 190 -2.46 4.50 38.30
C CYS D 190 -3.00 5.84 38.73
N LEU D 191 -2.77 6.85 37.90
CA LEU D 191 -3.20 8.22 38.16
C LEU D 191 -4.70 8.28 38.40
N HIS D 192 -5.44 7.58 37.57
CA HIS D 192 -6.87 7.48 37.72
C HIS D 192 -7.28 6.98 39.10
N GLU D 193 -6.65 5.90 39.55
CA GLU D 193 -7.03 5.35 40.83
C GLU D 193 -6.75 6.35 41.92
N ILE D 194 -5.57 6.97 41.84
CA ILE D 194 -5.12 7.91 42.86
C ILE D 194 -6.04 9.13 42.89
N PHE D 195 -6.36 9.63 41.71
CA PHE D 195 -7.30 10.73 41.61
C PHE D 195 -8.63 10.42 42.32
N LEU D 196 -9.16 9.23 42.07
CA LEU D 196 -10.38 8.80 42.71
C LEU D 196 -10.31 8.70 44.21
N LEU D 197 -9.22 8.18 44.76
CA LEU D 197 -9.07 8.13 46.22
C LEU D 197 -9.09 9.51 46.90
N ARG D 198 -8.57 10.52 46.19
CA ARG D 198 -8.50 11.87 46.67
C ARG D 198 -9.79 12.63 46.46
N GLU D 199 -10.59 12.23 45.46
CA GLU D 199 -11.65 13.10 44.99
C GLU D 199 -13.03 12.48 45.00
N GLY D 200 -13.12 11.15 44.90
CA GLY D 200 -14.42 10.49 44.83
C GLY D 200 -14.35 9.16 45.54
N MET D 201 -15.03 8.15 44.97
CA MET D 201 -14.97 6.79 45.51
C MET D 201 -15.07 5.75 44.41
N PHE D 202 -14.43 4.60 44.62
CA PHE D 202 -14.53 3.46 43.70
C PHE D 202 -15.93 2.90 43.63
N GLU D 203 -16.32 2.43 42.44
CA GLU D 203 -17.61 1.79 42.28
C GLU D 203 -17.74 0.47 43.02
N ARG D 204 -16.63 -0.25 43.18
CA ARG D 204 -16.62 -1.60 43.75
C ARG D 204 -15.26 -1.92 44.42
N ILE D 205 -15.31 -2.53 45.61
CA ILE D 205 -14.14 -2.75 46.45
C ILE D 205 -14.41 -4.08 47.11
N PRO D 206 -13.34 -4.80 47.52
CA PRO D 206 -13.52 -6.07 48.20
C PRO D 206 -14.54 -6.05 49.35
N ASP D 207 -15.22 -7.16 49.53
CA ASP D 207 -16.22 -7.23 50.55
C ASP D 207 -15.59 -7.67 51.84
N ILE D 208 -14.48 -8.37 51.72
CA ILE D 208 -13.78 -8.86 52.87
C ILE D 208 -12.30 -9.04 52.50
N VAL D 209 -11.43 -8.85 53.49
CA VAL D 209 -10.00 -9.06 53.34
C VAL D 209 -9.60 -10.31 54.14
N LEU D 210 -8.75 -11.16 53.54
CA LEU D 210 -8.17 -12.35 54.19
C LEU D 210 -6.65 -12.35 54.18
N TRP D 211 -6.06 -12.74 55.31
CA TRP D 211 -4.63 -12.82 55.44
C TRP D 211 -4.10 -14.23 55.74
N PRO D 212 -4.03 -15.11 54.73
CA PRO D 212 -3.38 -16.41 54.97
C PRO D 212 -1.91 -16.25 55.35
N THR D 213 -1.40 -17.18 56.14
CA THR D 213 0.02 -17.11 56.55
C THR D 213 0.84 -18.21 55.85
N CYS D 214 0.14 -19.11 55.14
CA CYS D 214 0.81 -20.23 54.52
C CYS D 214 0.02 -20.75 53.35
N HIS D 215 0.64 -21.59 52.56
CA HIS D 215 0.04 -22.22 51.41
C HIS D 215 -1.27 -22.97 51.74
N ASP D 216 -1.25 -23.80 52.79
CA ASP D 216 -2.46 -24.52 53.24
C ASP D 216 -3.62 -23.57 53.53
N ASP D 217 -3.33 -22.40 54.12
CA ASP D 217 -4.36 -21.38 54.30
C ASP D 217 -5.01 -20.99 53.00
N VAL D 218 -4.21 -20.93 51.94
CA VAL D 218 -4.72 -20.50 50.65
C VAL D 218 -5.59 -21.61 50.04
N VAL D 219 -5.23 -22.86 50.31
CA VAL D 219 -6.00 -24.00 49.84
C VAL D 219 -7.39 -23.90 50.42
N LYS D 220 -7.46 -23.62 51.72
CA LYS D 220 -8.75 -23.52 52.41
C LYS D 220 -9.61 -22.40 51.83
N ILE D 221 -8.97 -21.28 51.56
CA ILE D 221 -9.68 -20.14 51.02
C ILE D 221 -10.20 -20.46 49.64
N VAL D 222 -9.39 -21.09 48.81
CA VAL D 222 -9.81 -21.45 47.46
C VAL D 222 -10.96 -22.47 47.44
N ASN D 223 -10.85 -23.54 48.22
CA ASN D 223 -11.98 -24.45 48.36
C ASN D 223 -13.21 -23.73 48.90
N LEU D 224 -13.07 -22.96 49.98
CA LEU D 224 -14.19 -22.14 50.51
C LEU D 224 -14.90 -21.29 49.45
N ALA D 225 -14.14 -20.73 48.50
CA ALA D 225 -14.70 -19.90 47.43
C ALA D 225 -15.39 -20.72 46.37
N CYS D 226 -14.96 -21.96 46.21
CA CYS D 226 -15.64 -22.92 45.34
C CYS D 226 -17.00 -23.27 45.95
N LYS D 227 -16.95 -23.69 47.21
CA LYS D 227 -18.11 -24.09 47.96
C LYS D 227 -19.18 -23.01 48.03
N TYR D 228 -18.77 -21.75 48.22
CA TYR D 228 -19.72 -20.65 48.41
C TYR D 228 -19.89 -19.65 47.27
N ASN D 229 -19.44 -20.01 46.08
CA ASN D 229 -19.44 -19.10 44.92
C ASN D 229 -18.80 -17.69 45.15
N LEU D 230 -17.55 -17.66 45.58
CA LEU D 230 -16.90 -16.40 45.89
C LEU D 230 -15.92 -16.04 44.79
N CYS D 231 -15.60 -14.75 44.73
CA CYS D 231 -14.64 -14.25 43.78
C CYS D 231 -13.38 -13.75 44.51
N ILE D 232 -12.23 -14.07 43.95
CA ILE D 232 -10.98 -13.78 44.64
C ILE D 232 -10.06 -12.95 43.79
N ILE D 233 -9.53 -11.89 44.37
CA ILE D 233 -8.51 -11.08 43.73
C ILE D 233 -7.30 -11.05 44.69
N PRO D 234 -6.20 -11.62 44.25
CA PRO D 234 -5.04 -11.67 45.10
C PRO D 234 -4.41 -10.29 45.16
N ILE D 235 -3.74 -9.99 46.27
CA ILE D 235 -2.98 -8.75 46.38
C ILE D 235 -1.71 -8.93 47.24
N GLY D 236 -0.60 -8.41 46.76
CA GLY D 236 0.61 -8.40 47.54
C GLY D 236 0.90 -6.96 47.83
N GLY D 237 1.84 -6.40 47.05
CA GLY D 237 2.24 -5.03 47.25
C GLY D 237 1.21 -3.97 47.00
N GLY D 238 0.19 -4.28 46.20
CA GLY D 238 -0.72 -3.25 45.70
C GLY D 238 -0.05 -2.15 44.89
N THR D 239 1.02 -2.50 44.18
CA THR D 239 1.71 -1.49 43.38
C THR D 239 1.37 -1.62 41.94
N SER D 240 0.35 -2.38 41.62
CA SER D 240 -0.09 -2.45 40.24
C SER D 240 -0.24 -1.08 39.61
N VAL D 241 0.22 -0.99 38.36
CA VAL D 241 -0.01 0.17 37.52
C VAL D 241 -0.78 -0.16 36.24
N SER D 242 -1.70 -1.11 36.31
CA SER D 242 -2.46 -1.51 35.13
C SER D 242 -3.95 -1.74 35.36
N TYR D 243 -4.47 -1.32 36.52
CA TYR D 243 -5.85 -1.66 36.97
C TYR D 243 -5.94 -3.13 37.30
N GLY D 244 -4.80 -3.74 37.56
CA GLY D 244 -4.76 -5.15 37.83
C GLY D 244 -5.54 -5.58 39.07
N LEU D 245 -5.70 -4.64 40.01
CA LEU D 245 -6.36 -4.88 41.26
C LEU D 245 -7.82 -4.39 41.32
N MET D 246 -8.24 -3.69 40.28
CA MET D 246 -9.56 -3.06 40.30
C MET D 246 -10.69 -4.12 40.29
N CYS D 247 -11.68 -3.96 41.18
CA CYS D 247 -12.84 -4.85 41.20
C CYS D 247 -13.81 -4.47 40.09
N PRO D 248 -14.16 -5.45 39.22
CA PRO D 248 -15.13 -5.22 38.15
C PRO D 248 -16.43 -4.70 38.73
N ALA D 249 -16.95 -3.62 38.13
CA ALA D 249 -18.12 -2.91 38.64
C ALA D 249 -19.29 -3.83 38.92
N ASP D 250 -19.56 -4.70 37.96
CA ASP D 250 -20.78 -5.47 37.98
C ASP D 250 -20.59 -6.87 38.58
N GLU D 251 -19.43 -7.14 39.17
CA GLU D 251 -19.23 -8.40 39.87
C GLU D 251 -20.11 -8.46 41.12
N THR D 252 -21.15 -9.29 41.09
CA THR D 252 -22.12 -9.32 42.18
C THR D 252 -21.77 -10.32 43.29
N ARG D 253 -20.77 -11.16 43.07
CA ARG D 253 -20.33 -12.09 44.10
C ARG D 253 -19.53 -11.38 45.19
N THR D 254 -19.57 -11.91 46.42
CA THR D 254 -18.61 -11.56 47.48
C THR D 254 -17.19 -11.65 46.92
N ILE D 255 -16.50 -10.51 46.91
CA ILE D 255 -15.12 -10.41 46.48
C ILE D 255 -14.20 -10.49 47.69
N ILE D 256 -13.32 -11.47 47.66
CA ILE D 256 -12.29 -11.61 48.67
C ILE D 256 -11.08 -10.92 48.14
N SER D 257 -10.47 -10.07 48.95
CA SER D 257 -9.12 -9.62 48.70
C SER D 257 -8.19 -10.57 49.48
N LEU D 258 -7.51 -11.46 48.75
CA LEU D 258 -6.63 -12.43 49.36
C LEU D 258 -5.29 -11.79 49.45
N ASP D 259 -5.04 -11.16 50.59
CA ASP D 259 -3.81 -10.38 50.86
C ASP D 259 -2.69 -11.33 51.29
N THR D 260 -1.56 -11.30 50.59
CA THR D 260 -0.50 -12.26 50.85
C THR D 260 0.63 -11.73 51.75
N SER D 261 0.52 -10.47 52.20
CA SER D 261 1.58 -9.85 53.01
C SER D 261 2.06 -10.65 54.24
N GLN D 262 1.23 -11.55 54.75
CA GLN D 262 1.56 -12.32 55.98
C GLN D 262 2.15 -13.69 55.66
N MET D 263 2.34 -13.95 54.37
CA MET D 263 2.89 -15.20 53.85
C MET D 263 4.24 -14.79 53.27
N ASN D 264 5.23 -14.60 54.14
CA ASN D 264 6.41 -13.82 53.76
C ASN D 264 7.70 -14.35 54.22
N ARG D 265 7.71 -15.63 54.54
CA ARG D 265 8.92 -16.24 54.97
C ARG D 265 9.88 -16.66 53.89
N ILE D 266 11.14 -16.59 54.21
CA ILE D 266 12.06 -17.41 53.49
C ILE D 266 11.88 -18.74 54.20
N LEU D 267 11.28 -19.69 53.51
CA LEU D 267 11.21 -21.06 54.00
C LEU D 267 12.60 -21.63 54.12
N TRP D 268 13.42 -21.44 53.10
CA TRP D 268 14.81 -21.85 53.22
C TRP D 268 15.76 -21.35 52.14
N VAL D 269 16.99 -21.09 52.55
CA VAL D 269 18.08 -20.81 51.65
C VAL D 269 18.91 -22.06 51.32
N ASP D 270 19.01 -22.34 50.03
CA ASP D 270 19.73 -23.50 49.61
C ASP D 270 21.08 -22.97 49.11
N GLU D 271 22.10 -23.09 49.95
CA GLU D 271 23.42 -22.52 49.65
C GLU D 271 24.16 -23.35 48.60
N ASN D 272 23.83 -24.64 48.49
CA ASN D 272 24.49 -25.50 47.51
C ASN D 272 24.03 -25.27 46.09
N ASN D 273 22.74 -25.10 45.91
CA ASN D 273 22.23 -24.77 44.59
C ASN D 273 22.05 -23.28 44.32
N LEU D 274 22.38 -22.45 45.30
CA LEU D 274 22.24 -21.02 45.19
C LEU D 274 20.82 -20.63 44.82
N THR D 275 19.88 -21.02 45.68
CA THR D 275 18.46 -20.73 45.45
C THR D 275 17.81 -20.50 46.77
N ALA D 276 16.72 -19.77 46.76
CA ALA D 276 16.00 -19.45 48.01
C ALA D 276 14.58 -19.82 47.80
N HIS D 277 14.04 -20.64 48.70
CA HIS D 277 12.63 -21.07 48.66
C HIS D 277 11.80 -20.10 49.48
N VAL D 278 11.01 -19.28 48.81
CA VAL D 278 10.29 -18.23 49.53
C VAL D 278 8.78 -18.26 49.36
N GLU D 279 8.08 -17.68 50.34
CA GLU D 279 6.64 -17.48 50.23
C GLU D 279 6.36 -16.23 49.40
N ALA D 280 5.21 -16.24 48.75
CA ALA D 280 4.91 -15.27 47.71
C ALA D 280 4.67 -13.85 48.19
N GLY D 281 4.39 -13.69 49.47
CA GLY D 281 4.06 -12.35 50.01
C GLY D 281 5.26 -11.51 50.43
N ILE D 282 6.46 -12.09 50.36
CA ILE D 282 7.60 -11.35 50.79
C ILE D 282 7.84 -10.21 49.80
N THR D 283 8.26 -9.06 50.33
CA THR D 283 8.58 -7.90 49.52
C THR D 283 10.00 -7.99 49.06
N GLY D 284 10.30 -7.32 47.95
CA GLY D 284 11.67 -7.16 47.48
C GLY D 284 12.63 -6.75 48.58
N GLN D 285 12.29 -5.71 49.32
CA GLN D 285 13.27 -5.15 50.29
C GLN D 285 13.59 -6.08 51.48
N GLU D 286 12.58 -6.79 51.92
CA GLU D 286 12.69 -7.74 53.02
C GLU D 286 13.41 -8.99 52.54
N LEU D 287 13.14 -9.37 51.29
CA LEU D 287 13.84 -10.50 50.68
C LEU D 287 15.32 -10.25 50.70
N GLU D 288 15.71 -9.07 50.26
CA GLU D 288 17.13 -8.70 50.12
C GLU D 288 17.79 -8.47 51.43
N ARG D 289 17.04 -7.92 52.38
CA ARG D 289 17.55 -7.68 53.72
C ARG D 289 17.93 -9.01 54.41
N GLN D 290 17.04 -10.01 54.34
CA GLN D 290 17.28 -11.28 54.98
C GLN D 290 18.35 -12.07 54.27
N LEU D 291 18.42 -11.95 52.95
CA LEU D 291 19.39 -12.69 52.20
C LEU D 291 20.73 -12.12 52.47
N LYS D 292 20.77 -10.82 52.69
CA LYS D 292 22.03 -10.17 52.93
C LYS D 292 22.68 -10.64 54.22
N GLU D 293 21.85 -11.02 55.20
CA GLU D 293 22.42 -11.48 56.47
C GLU D 293 23.23 -12.78 56.31
N SER D 294 22.91 -13.60 55.29
CA SER D 294 23.74 -14.77 55.02
C SER D 294 24.72 -14.54 53.91
N GLY D 295 24.85 -13.32 53.42
CA GLY D 295 25.81 -12.98 52.35
C GLY D 295 25.26 -13.05 50.93
N TYR D 296 23.93 -13.01 50.78
CA TYR D 296 23.32 -13.28 49.48
C TYR D 296 22.38 -12.18 48.99
N CYS D 297 21.96 -12.27 47.74
CA CYS D 297 20.97 -11.33 47.19
C CYS D 297 20.32 -11.99 46.00
N THR D 298 19.14 -11.49 45.61
CA THR D 298 18.57 -11.91 44.34
C THR D 298 18.99 -10.94 43.26
N GLY D 299 19.12 -9.64 43.61
CA GLY D 299 19.46 -8.60 42.65
C GLY D 299 18.29 -8.19 41.79
N HIS D 300 17.10 -8.67 42.14
CA HIS D 300 15.92 -8.24 41.43
C HIS D 300 15.45 -6.93 42.10
N GLU D 301 15.55 -5.83 41.38
CA GLU D 301 15.30 -4.53 41.98
C GLU D 301 14.37 -3.65 41.15
N PRO D 302 13.07 -4.00 41.14
CA PRO D 302 12.14 -3.15 40.42
C PRO D 302 12.05 -1.89 41.27
N ASP D 303 11.62 -0.77 40.69
CA ASP D 303 11.55 0.48 41.46
C ASP D 303 10.57 0.38 42.62
N SER D 304 9.60 -0.52 42.53
CA SER D 304 8.60 -0.68 43.57
C SER D 304 8.97 -1.68 44.65
N LEU D 305 10.20 -2.15 44.61
CA LEU D 305 10.73 -3.20 45.48
C LEU D 305 10.43 -3.10 46.97
N GLU D 306 10.23 -1.87 47.45
CA GLU D 306 9.89 -1.63 48.84
C GLU D 306 8.58 -2.31 49.22
N PHE D 307 7.64 -2.40 48.27
CA PHE D 307 6.34 -3.02 48.54
C PHE D 307 6.04 -4.20 47.65
N SER D 308 6.42 -4.13 46.38
CA SER D 308 6.09 -5.20 45.46
C SER D 308 6.66 -6.52 45.94
N THR D 309 6.01 -7.61 45.57
CA THR D 309 6.25 -8.92 46.17
C THR D 309 6.56 -9.95 45.13
N VAL D 310 7.03 -11.11 45.59
CA VAL D 310 7.52 -12.20 44.74
C VAL D 310 6.43 -12.73 43.85
N GLY D 311 5.26 -12.96 44.44
CA GLY D 311 4.07 -13.38 43.69
C GLY D 311 3.63 -12.28 42.72
N GLY D 312 3.74 -11.03 43.14
CA GLY D 312 3.46 -9.95 42.19
C GLY D 312 4.42 -9.97 40.99
N TRP D 313 5.68 -10.33 41.21
CA TRP D 313 6.66 -10.24 40.11
C TRP D 313 6.32 -11.24 39.05
N ILE D 314 6.00 -12.46 39.50
CA ILE D 314 5.72 -13.58 38.66
C ILE D 314 4.44 -13.33 37.91
N SER D 315 3.48 -12.68 38.56
CA SER D 315 2.16 -12.44 37.96
C SER D 315 2.18 -11.46 36.81
N THR D 316 3.04 -10.45 36.93
CA THR D 316 3.10 -9.39 35.95
C THR D 316 4.37 -9.43 35.12
N ARG D 317 5.15 -10.50 35.20
CA ARG D 317 6.46 -10.52 34.51
C ARG D 317 7.28 -9.24 34.82
N ALA D 318 7.60 -9.08 36.09
CA ALA D 318 8.36 -7.91 36.53
C ALA D 318 9.79 -7.88 36.00
N SER D 319 10.34 -6.69 35.85
CA SER D 319 11.70 -6.52 35.37
C SER D 319 12.41 -5.59 36.30
N GLY D 320 13.63 -5.93 36.67
CA GLY D 320 14.39 -5.12 37.62
C GLY D 320 15.54 -4.32 37.06
N MET D 321 16.04 -3.38 37.83
CA MET D 321 17.09 -2.48 37.34
C MET D 321 18.36 -3.14 36.88
N LYS D 322 18.74 -4.22 37.52
CA LYS D 322 20.00 -4.88 37.26
C LYS D 322 19.79 -6.23 36.64
N LYS D 323 18.90 -6.30 35.67
CA LYS D 323 18.55 -7.56 35.02
C LYS D 323 19.68 -8.02 34.11
N ASN D 324 20.56 -7.09 33.77
CA ASN D 324 21.69 -7.38 32.92
C ASN D 324 22.60 -8.40 33.63
N ILE D 325 22.66 -8.32 34.97
CA ILE D 325 23.39 -9.29 35.76
C ILE D 325 22.49 -10.43 36.24
N TYR D 326 21.36 -10.06 36.83
CA TYR D 326 20.60 -11.02 37.59
C TYR D 326 19.48 -11.74 36.81
N GLY D 327 19.14 -11.24 35.63
CA GLY D 327 17.95 -11.70 34.93
C GLY D 327 16.63 -11.03 35.29
N ASN D 328 15.64 -11.17 34.42
CA ASN D 328 14.27 -10.71 34.73
C ASN D 328 13.56 -11.84 35.48
N ILE D 329 12.30 -11.64 35.85
CA ILE D 329 11.65 -12.67 36.64
C ILE D 329 11.70 -14.03 35.98
N GLU D 330 11.51 -14.09 34.66
CA GLU D 330 11.48 -15.40 33.93
C GLU D 330 12.78 -16.17 34.07
N ASP D 331 13.84 -15.42 34.31
CA ASP D 331 15.20 -15.92 34.41
C ASP D 331 15.51 -16.34 35.81
N LEU D 332 14.92 -15.65 36.79
CA LEU D 332 15.13 -15.86 38.25
C LEU D 332 14.34 -17.01 38.82
N VAL D 333 13.13 -17.27 38.31
CA VAL D 333 12.31 -18.34 38.85
C VAL D 333 12.76 -19.74 38.41
N VAL D 334 13.03 -20.59 39.38
CA VAL D 334 13.44 -21.94 39.10
C VAL D 334 12.23 -22.85 39.33
N HIS D 335 11.29 -22.41 40.17
CA HIS D 335 10.19 -23.26 40.62
C HIS D 335 9.12 -22.43 41.33
N MET D 336 7.89 -22.94 41.35
CA MET D 336 6.77 -22.24 41.92
C MET D 336 5.65 -23.25 42.18
N LYS D 337 4.81 -22.86 43.15
CA LYS D 337 3.70 -23.61 43.60
C LYS D 337 2.47 -22.70 43.46
N VAL D 338 1.43 -23.18 42.75
CA VAL D 338 0.25 -22.35 42.51
C VAL D 338 -1.01 -23.04 42.98
N VAL D 339 -1.89 -22.32 43.68
CA VAL D 339 -3.15 -22.91 44.05
C VAL D 339 -4.22 -22.43 43.10
N THR D 340 -4.85 -23.39 42.44
CA THR D 340 -5.99 -23.09 41.55
C THR D 340 -7.20 -23.87 42.07
N PRO D 341 -8.39 -23.47 41.58
CA PRO D 341 -9.61 -24.26 41.83
C PRO D 341 -9.49 -25.71 41.39
N ARG D 342 -8.74 -26.01 40.32
CA ARG D 342 -8.55 -27.39 39.88
C ARG D 342 -7.61 -28.14 40.76
N GLY D 343 -6.71 -27.42 41.41
CA GLY D 343 -5.73 -28.03 42.29
C GLY D 343 -4.43 -27.28 42.29
N VAL D 344 -3.35 -27.97 42.60
CA VAL D 344 -2.07 -27.30 42.83
C VAL D 344 -1.13 -27.60 41.68
N ILE D 345 -0.67 -26.53 41.04
CA ILE D 345 0.34 -26.64 40.00
C ILE D 345 1.72 -26.54 40.62
N GLU D 346 2.53 -27.53 40.28
CA GLU D 346 3.86 -27.68 40.80
C GLU D 346 4.66 -28.70 39.97
N LYS D 347 5.87 -28.38 39.51
CA LYS D 347 6.72 -29.40 38.89
C LYS D 347 7.32 -30.35 39.92
N SER D 348 7.65 -31.56 39.52
CA SER D 348 8.16 -32.51 40.48
C SER D 348 9.59 -32.22 40.86
N CYS D 349 10.40 -31.64 39.98
CA CYS D 349 11.83 -31.51 40.29
C CYS D 349 12.32 -30.09 40.13
N GLN D 350 13.56 -29.84 40.53
CA GLN D 350 14.08 -28.47 40.56
C GLN D 350 15.28 -28.32 39.69
N GLY D 351 15.30 -29.09 38.61
CA GLY D 351 16.32 -28.93 37.57
C GLY D 351 16.38 -27.50 37.01
N PRO D 352 17.57 -27.10 36.55
CA PRO D 352 17.77 -25.76 35.97
C PRO D 352 17.03 -25.61 34.63
N ARG D 353 16.92 -26.68 33.82
CA ARG D 353 16.33 -26.51 32.50
C ARG D 353 15.72 -27.80 32.03
N MET D 354 14.60 -27.72 31.33
CA MET D 354 13.77 -28.89 31.05
C MET D 354 13.23 -28.91 29.67
N SER D 355 13.02 -30.11 29.13
CA SER D 355 12.28 -30.25 27.89
C SER D 355 11.19 -31.25 28.16
N THR D 356 10.11 -30.80 28.79
CA THR D 356 8.99 -31.66 29.11
C THR D 356 7.68 -31.05 28.66
N GLY D 357 7.63 -30.67 27.36
CA GLY D 357 6.47 -29.94 26.84
C GLY D 357 6.57 -28.45 27.09
N PRO D 358 5.55 -27.70 26.67
CA PRO D 358 5.50 -26.29 26.87
C PRO D 358 5.70 -26.04 28.33
N ASP D 359 6.41 -24.97 28.65
CA ASP D 359 6.81 -24.73 30.02
C ASP D 359 5.66 -24.05 30.77
N ILE D 360 5.05 -24.78 31.72
CA ILE D 360 3.90 -24.29 32.45
C ILE D 360 4.20 -23.10 33.38
N HIS D 361 5.46 -22.87 33.73
CA HIS D 361 5.80 -21.68 34.49
C HIS D 361 5.41 -20.50 33.65
N HIS D 362 5.57 -20.64 32.34
CA HIS D 362 5.26 -19.54 31.44
C HIS D 362 3.76 -19.32 31.18
N PHE D 363 2.96 -20.32 31.52
CA PHE D 363 1.51 -20.17 31.58
C PHE D 363 1.10 -19.30 32.77
N ILE D 364 1.82 -19.46 33.88
CA ILE D 364 1.57 -18.72 35.10
C ILE D 364 2.26 -17.37 35.17
N MET D 365 3.48 -17.27 34.63
CA MET D 365 4.10 -15.95 34.59
C MET D 365 3.33 -15.04 33.66
N GLY D 366 2.82 -13.93 34.18
CA GLY D 366 2.02 -13.02 33.37
C GLY D 366 0.52 -13.22 33.52
N SER D 367 0.11 -14.27 34.22
CA SER D 367 -1.30 -14.54 34.40
C SER D 367 -2.00 -13.45 35.20
N GLU D 368 -1.26 -12.57 35.86
CA GLU D 368 -1.91 -11.39 36.47
C GLU D 368 -3.16 -11.66 37.34
N GLY D 369 -3.07 -12.65 38.23
CA GLY D 369 -4.14 -12.90 39.18
C GLY D 369 -5.40 -13.58 38.63
N THR D 370 -5.30 -14.15 37.42
CA THR D 370 -6.52 -14.61 36.73
C THR D 370 -6.69 -16.12 36.78
N LEU D 371 -5.80 -16.83 37.47
CA LEU D 371 -5.76 -18.26 37.36
C LEU D 371 -5.70 -18.92 38.72
N GLY D 372 -5.13 -18.22 39.71
CA GLY D 372 -4.99 -18.79 41.05
C GLY D 372 -4.02 -17.99 41.89
N VAL D 373 -3.46 -18.62 42.92
CA VAL D 373 -2.57 -17.90 43.84
C VAL D 373 -1.23 -18.59 43.85
N ILE D 374 -0.18 -17.83 43.53
CA ILE D 374 1.18 -18.29 43.69
C ILE D 374 1.45 -18.20 45.18
N THR D 375 1.80 -19.33 45.78
CA THR D 375 2.10 -19.35 47.20
C THR D 375 3.60 -19.43 47.51
N GLU D 376 4.36 -20.18 46.70
CA GLU D 376 5.78 -20.36 46.96
C GLU D 376 6.53 -20.36 45.64
N ALA D 377 7.79 -19.92 45.70
CA ALA D 377 8.60 -19.85 44.54
C ALA D 377 10.02 -20.12 44.95
N THR D 378 10.78 -20.74 44.05
CA THR D 378 12.21 -20.90 44.29
C THR D 378 12.88 -19.92 43.33
N ILE D 379 13.82 -19.13 43.86
CA ILE D 379 14.45 -18.05 43.16
C ILE D 379 15.95 -18.12 43.26
N LYS D 380 16.60 -17.80 42.14
CA LYS D 380 18.05 -17.73 42.15
C LYS D 380 18.58 -16.66 43.09
N ILE D 381 19.71 -16.96 43.72
CA ILE D 381 20.39 -16.01 44.54
C ILE D 381 21.85 -15.95 44.13
N ARG D 382 22.55 -14.87 44.51
CA ARG D 382 23.96 -14.76 44.22
C ARG D 382 24.71 -14.19 45.44
N PRO D 383 26.03 -14.40 45.51
CA PRO D 383 26.83 -13.76 46.52
C PRO D 383 26.76 -12.27 46.28
N THR D 384 26.49 -11.51 47.34
CA THR D 384 26.53 -10.05 47.33
C THR D 384 27.74 -9.58 46.54
N PRO D 385 27.54 -8.59 45.67
CA PRO D 385 28.68 -8.03 44.95
C PRO D 385 29.66 -7.32 45.92
N GLU D 386 30.95 -7.53 45.66
CA GLU D 386 32.07 -6.93 46.37
C GLU D 386 31.98 -5.39 46.39
N TYR D 387 31.73 -4.82 45.21
CA TYR D 387 31.94 -3.41 44.95
C TYR D 387 30.98 -2.88 43.86
N GLN D 388 30.36 -1.73 44.14
CA GLN D 388 29.55 -1.01 43.14
C GLN D 388 30.16 0.33 42.80
N LYS D 389 29.96 0.75 41.57
CA LYS D 389 30.48 2.02 41.12
C LYS D 389 29.51 2.66 40.16
N TYR D 390 29.32 3.97 40.34
CA TYR D 390 28.42 4.75 39.50
C TYR D 390 29.23 5.56 38.50
N GLY D 391 28.59 5.99 37.44
CA GLY D 391 29.29 6.66 36.39
C GLY D 391 28.25 7.39 35.58
N SER D 392 28.69 8.22 34.66
CA SER D 392 27.76 8.86 33.75
C SER D 392 28.52 9.24 32.51
N VAL D 393 27.80 9.54 31.44
CA VAL D 393 28.41 9.93 30.18
C VAL D 393 27.52 10.97 29.51
N ALA D 394 28.10 12.08 29.07
CA ALA D 394 27.34 13.05 28.29
C ALA D 394 27.53 12.84 26.78
N PHE D 395 26.44 12.94 26.03
CA PHE D 395 26.47 12.82 24.57
C PHE D 395 25.97 14.09 23.90
N PRO D 396 26.47 14.40 22.68
CA PRO D 396 26.04 15.57 21.91
C PRO D 396 24.52 15.61 21.73
N ASN D 397 23.88 14.46 21.61
CA ASN D 397 22.43 14.41 21.50
C ASN D 397 21.89 13.02 21.82
N PHE D 398 20.56 12.90 21.83
CA PHE D 398 19.92 11.63 22.14
C PHE D 398 20.30 10.55 21.14
N GLU D 399 20.22 10.86 19.86
CA GLU D 399 20.53 9.91 18.79
C GLU D 399 21.90 9.23 18.99
N GLN D 400 22.89 10.01 19.41
CA GLN D 400 24.25 9.52 19.59
C GLN D 400 24.36 8.65 20.80
N GLY D 401 23.62 8.99 21.87
CA GLY D 401 23.55 8.16 23.06
C GLY D 401 22.94 6.80 22.72
N VAL D 402 21.85 6.83 21.96
CA VAL D 402 21.15 5.63 21.57
C VAL D 402 22.09 4.70 20.84
N ALA D 403 22.75 5.26 19.81
CA ALA D 403 23.67 4.52 18.97
C ALA D 403 24.73 3.86 19.83
N CYS D 404 25.15 4.59 20.86
CA CYS D 404 26.19 4.11 21.77
C CYS D 404 25.68 2.90 22.58
N LEU D 405 24.45 3.01 23.09
CA LEU D 405 23.90 1.91 23.85
C LEU D 405 23.78 0.66 23.00
N ARG D 406 23.45 0.84 21.72
CA ARG D 406 23.29 -0.25 20.78
C ARG D 406 24.61 -1.00 20.62
N GLU D 407 25.69 -0.24 20.51
CA GLU D 407 27.04 -0.78 20.38
C GLU D 407 27.43 -1.48 21.68
N ILE D 408 27.03 -0.90 22.82
CA ILE D 408 27.31 -1.57 24.06
C ILE D 408 26.56 -2.90 24.04
N ALA D 409 25.36 -2.94 23.52
CA ALA D 409 24.61 -4.20 23.56
C ALA D 409 25.25 -5.18 22.58
N LYS D 410 25.68 -4.65 21.44
CA LYS D 410 26.26 -5.49 20.40
C LYS D 410 27.53 -6.14 20.87
N GLN D 411 28.23 -5.52 21.81
CA GLN D 411 29.48 -6.07 22.35
C GLN D 411 29.20 -6.77 23.66
N ARG D 412 27.93 -6.87 23.96
CA ARG D 412 27.43 -7.60 25.11
C ARG D 412 28.17 -7.23 26.38
N CYS D 413 28.53 -5.96 26.52
CA CYS D 413 29.17 -5.49 27.75
C CYS D 413 28.36 -4.41 28.45
N ALA D 414 27.05 -4.56 28.45
CA ALA D 414 26.22 -3.69 29.28
C ALA D 414 26.59 -3.83 30.76
N PRO D 415 26.84 -2.70 31.41
CA PRO D 415 27.02 -2.62 32.85
C PRO D 415 25.75 -3.07 33.55
N ALA D 416 25.81 -3.26 34.87
CA ALA D 416 24.64 -3.72 35.63
C ALA D 416 23.43 -2.90 35.30
N SER D 417 23.62 -1.60 35.17
CA SER D 417 22.54 -0.76 34.74
C SER D 417 23.10 0.38 33.91
N ILE D 418 22.37 0.75 32.88
CA ILE D 418 22.70 1.85 32.04
C ILE D 418 21.40 2.42 31.61
N HIS D 419 21.27 3.72 31.76
CA HIS D 419 20.06 4.43 31.39
C HIS D 419 20.55 5.55 30.54
N LEU D 420 19.85 5.83 29.46
CA LEU D 420 20.12 7.01 28.70
C LEU D 420 18.92 7.97 28.90
N MET D 421 19.18 9.14 29.48
CA MET D 421 18.10 10.09 29.69
C MET D 421 18.15 11.24 28.69
N ASP D 422 17.00 11.65 28.18
CA ASP D 422 17.00 12.77 27.23
C ASP D 422 17.25 14.09 27.96
N ASN D 423 17.37 15.17 27.19
CA ASN D 423 17.76 16.45 27.77
C ASN D 423 16.86 16.87 28.93
N GLN D 424 15.55 16.84 28.70
CA GLN D 424 14.58 17.25 29.72
C GLN D 424 14.78 16.49 31.01
N GLN D 425 14.96 15.18 30.93
CA GLN D 425 15.24 14.42 32.16
C GLN D 425 16.49 14.86 32.83
N PHE D 426 17.47 15.29 32.05
CA PHE D 426 18.74 15.63 32.62
C PHE D 426 18.64 16.92 33.38
N GLN D 427 17.90 17.86 32.81
CA GLN D 427 17.71 19.20 33.34
C GLN D 427 16.93 19.09 34.62
N PHE D 428 16.02 18.11 34.64
CA PHE D 428 15.34 17.74 35.85
C PHE D 428 16.28 17.31 36.95
N GLY D 429 17.13 16.34 36.69
CA GLY D 429 17.98 15.78 37.73
C GLY D 429 18.81 16.85 38.38
N HIS D 430 19.44 17.65 37.52
CA HIS D 430 20.25 18.77 37.91
C HIS D 430 19.54 19.61 38.96
N ALA D 431 18.35 20.09 38.62
CA ALA D 431 17.51 20.87 39.52
C ALA D 431 17.25 20.17 40.86
N LEU D 432 18.08 19.15 41.13
CA LEU D 432 18.04 18.24 42.30
C LEU D 432 16.62 17.83 42.69
N ASN D 461 21.45 21.76 25.65
CA ASN D 461 20.17 21.84 24.95
C ASN D 461 19.71 20.54 24.25
N GLN D 462 20.57 19.97 23.40
CA GLN D 462 20.32 18.65 22.77
C GLN D 462 20.97 17.54 23.61
N LEU D 463 21.98 17.96 24.37
CA LEU D 463 22.75 17.13 25.27
C LEU D 463 21.92 16.10 26.04
N SER D 464 22.43 14.86 26.06
CA SER D 464 21.76 13.73 26.69
C SER D 464 22.77 13.05 27.57
N VAL D 465 22.28 12.38 28.60
CA VAL D 465 23.18 11.76 29.58
C VAL D 465 22.79 10.32 29.88
N ALA D 466 23.79 9.45 29.77
CA ALA D 466 23.64 8.09 30.23
C ALA D 466 24.20 8.04 31.63
N THR D 467 23.52 7.31 32.52
CA THR D 467 24.03 7.09 33.86
C THR D 467 24.39 5.64 33.90
N LEU D 468 25.27 5.25 34.80
CA LEU D 468 25.80 3.88 34.79
C LEU D 468 25.96 3.37 36.19
N LEU D 469 25.68 2.09 36.37
CA LEU D 469 26.02 1.44 37.61
C LEU D 469 26.70 0.11 37.36
N PHE D 470 27.90 -0.05 37.91
CA PHE D 470 28.64 -1.29 37.75
C PHE D 470 28.63 -2.00 39.08
N GLU D 471 28.53 -3.32 39.06
CA GLU D 471 28.72 -4.06 40.28
C GLU D 471 29.32 -5.44 40.03
N GLY D 472 30.13 -5.89 40.99
CA GLY D 472 30.88 -7.12 40.81
C GLY D 472 32.22 -7.04 41.50
N ASP D 473 33.13 -7.89 41.03
CA ASP D 473 34.44 -7.96 41.62
C ASP D 473 35.12 -6.66 41.19
N ARG D 474 35.80 -6.00 42.13
CA ARG D 474 36.27 -4.66 41.90
C ARG D 474 37.13 -4.67 40.65
N GLU D 475 38.00 -5.69 40.58
CA GLU D 475 38.90 -5.89 39.47
C GLU D 475 38.16 -5.90 38.14
N LYS D 476 37.20 -6.82 38.01
CA LYS D 476 36.45 -7.03 36.78
C LYS D 476 35.67 -5.77 36.43
N VAL D 477 35.17 -5.10 37.47
CA VAL D 477 34.39 -3.89 37.31
C VAL D 477 35.15 -2.82 36.57
N LEU D 478 36.41 -2.57 36.96
CA LEU D 478 37.19 -1.47 36.36
C LEU D 478 37.68 -1.79 34.97
N GLN D 479 37.95 -3.07 34.69
CA GLN D 479 38.24 -3.46 33.33
C GLN D 479 37.00 -3.15 32.49
N HIS D 480 35.82 -3.37 33.07
CA HIS D 480 34.55 -3.16 32.40
C HIS D 480 34.28 -1.65 32.28
N GLU D 481 34.55 -0.91 33.33
CA GLU D 481 34.42 0.55 33.31
C GLU D 481 35.11 1.20 32.12
N LYS D 482 36.35 0.78 31.86
CA LYS D 482 37.16 1.39 30.81
C LYS D 482 36.60 1.10 29.45
N GLN D 483 36.21 -0.16 29.26
CA GLN D 483 35.63 -0.67 28.02
C GLN D 483 34.43 0.20 27.63
N VAL D 484 33.59 0.48 28.63
CA VAL D 484 32.36 1.13 28.31
C VAL D 484 32.71 2.53 27.79
N TYR D 485 33.56 3.27 28.51
CA TYR D 485 33.93 4.63 28.05
C TYR D 485 34.65 4.71 26.71
N ASP D 486 35.45 3.69 26.38
CA ASP D 486 36.11 3.62 25.09
C ASP D 486 35.10 3.39 23.96
N ILE D 487 34.04 2.63 24.23
CA ILE D 487 32.95 2.52 23.27
C ILE D 487 32.23 3.87 23.25
N ALA D 488 31.99 4.41 24.44
CA ALA D 488 31.29 5.70 24.54
C ALA D 488 31.95 6.82 23.73
N ALA D 489 33.28 6.90 23.76
CA ALA D 489 34.02 7.96 23.04
C ALA D 489 33.74 8.02 21.54
N LYS D 490 33.44 6.87 20.94
CA LYS D 490 33.27 6.83 19.49
C LYS D 490 31.99 7.50 18.99
N PHE D 491 31.11 7.90 19.92
CA PHE D 491 29.80 8.52 19.61
C PHE D 491 29.68 9.89 20.25
N GLY D 492 30.83 10.50 20.53
CA GLY D 492 30.91 11.86 21.05
C GLY D 492 30.73 11.89 22.55
N GLY D 493 30.97 10.75 23.18
CA GLY D 493 30.67 10.56 24.59
C GLY D 493 31.81 10.98 25.49
N LEU D 494 31.51 11.89 26.41
CA LEU D 494 32.46 12.41 27.38
C LEU D 494 31.99 12.00 28.74
N ALA D 495 32.88 11.38 29.53
CA ALA D 495 32.56 11.03 30.91
C ALA D 495 32.12 12.25 31.69
N ALA D 496 31.13 12.10 32.57
CA ALA D 496 30.76 13.16 33.52
C ALA D 496 30.91 12.67 34.98
N GLY D 497 31.57 11.52 35.13
CA GLY D 497 32.03 11.07 36.44
C GLY D 497 30.96 10.56 37.39
N GLU D 498 31.42 9.92 38.46
CA GLU D 498 30.55 9.12 39.30
C GLU D 498 29.55 9.95 40.10
N ASP D 499 29.86 11.21 40.28
CA ASP D 499 29.03 12.07 41.10
C ASP D 499 27.61 12.20 40.56
N ASN D 500 27.50 12.42 39.26
CA ASN D 500 26.19 12.49 38.62
C ASN D 500 25.49 11.18 38.85
N GLY D 501 26.00 10.13 38.22
CA GLY D 501 25.42 8.80 38.32
C GLY D 501 24.90 8.44 39.70
N GLN D 502 25.66 8.76 40.73
CA GLN D 502 25.25 8.47 42.11
C GLN D 502 23.87 9.08 42.32
N ARG D 503 23.74 10.37 42.02
CA ARG D 503 22.49 11.12 42.18
C ARG D 503 21.29 10.52 41.44
N GLY D 504 21.35 10.46 40.09
CA GLY D 504 20.27 9.87 39.28
C GLY D 504 19.72 8.54 39.78
N TYR D 505 20.61 7.71 40.33
CA TYR D 505 20.23 6.43 40.89
C TYR D 505 19.78 6.54 42.35
N LEU D 506 20.33 7.51 43.08
CA LEU D 506 19.86 7.73 44.46
C LEU D 506 18.56 8.55 44.52
N LEU D 507 18.03 8.82 43.33
CA LEU D 507 16.82 9.57 43.12
C LEU D 507 15.66 8.68 42.66
N THR D 508 16.00 7.48 42.19
CA THR D 508 14.98 6.62 41.53
C THR D 508 13.83 6.23 42.47
N TYR D 509 14.11 6.20 43.76
CA TYR D 509 13.15 5.82 44.77
C TYR D 509 12.33 6.99 45.30
N VAL D 510 12.70 8.23 44.94
CA VAL D 510 11.81 9.33 45.27
C VAL D 510 10.95 9.92 44.16
N ILE D 511 11.17 9.49 42.91
CA ILE D 511 10.36 10.02 41.79
C ILE D 511 8.85 9.73 41.96
N ALA D 512 8.53 8.66 42.67
CA ALA D 512 7.13 8.33 42.90
C ALA D 512 6.42 9.26 43.92
N TYR D 513 7.17 9.78 44.87
CA TYR D 513 6.67 10.76 45.84
C TYR D 513 6.40 12.10 45.13
N MET D 514 7.09 12.31 44.00
CA MET D 514 6.91 13.49 43.20
C MET D 514 5.54 13.66 42.57
N ARG D 515 4.90 12.56 42.23
CA ARG D 515 3.61 12.65 41.58
C ARG D 515 2.53 13.23 42.49
N ASP D 516 2.59 12.87 43.77
CA ASP D 516 1.64 13.39 44.73
C ASP D 516 1.89 14.85 44.96
N LEU D 517 3.15 15.26 44.92
CA LEU D 517 3.45 16.67 45.08
C LEU D 517 2.76 17.41 43.97
N GLY D 518 3.04 17.03 42.72
CA GLY D 518 2.37 17.59 41.55
C GLY D 518 0.85 17.64 41.66
N LEU D 519 0.24 16.58 42.19
CA LEU D 519 -1.19 16.59 42.42
C LEU D 519 -1.66 17.74 43.36
N GLU D 520 -0.90 18.04 44.40
CA GLU D 520 -1.24 19.15 45.30
C GLU D 520 -1.28 20.48 44.56
N TYR D 521 -0.59 20.55 43.43
CA TYR D 521 -0.44 21.81 42.72
C TYR D 521 -1.01 21.77 41.33
N TYR D 522 -2.06 20.98 41.16
CA TYR D 522 -2.78 20.87 39.91
C TYR D 522 -1.97 20.28 38.77
N ILE D 523 -1.07 19.35 39.06
CA ILE D 523 -0.34 18.68 37.99
C ILE D 523 -0.58 17.20 37.98
N ILE D 524 -1.02 16.69 36.84
CA ILE D 524 -1.21 15.27 36.68
C ILE D 524 -0.13 14.71 35.77
N GLY D 525 0.54 13.67 36.24
CA GLY D 525 1.63 13.03 35.50
C GLY D 525 1.65 11.54 35.68
N GLU D 526 2.28 10.85 34.75
CA GLU D 526 2.34 9.41 34.78
C GLU D 526 3.50 8.96 33.92
N SER D 527 3.97 7.75 34.19
CA SER D 527 5.00 7.11 33.38
C SER D 527 4.36 5.96 32.67
N PHE D 528 5.00 5.52 31.60
CA PHE D 528 4.52 4.37 30.86
C PHE D 528 5.66 3.91 30.01
N GLU D 529 5.56 2.75 29.43
CA GLU D 529 6.77 2.15 29.01
C GLU D 529 6.55 1.23 27.86
N THR D 530 7.61 0.92 27.12
CA THR D 530 7.49 -0.01 26.02
C THR D 530 8.82 -0.65 25.72
N SER D 531 8.81 -1.71 24.92
CA SER D 531 10.02 -2.24 24.35
C SER D 531 9.91 -2.17 22.84
N ALA D 532 11.04 -1.97 22.15
CA ALA D 532 11.12 -1.82 20.71
C ALA D 532 12.43 -2.37 20.13
N PRO D 533 12.43 -2.80 18.87
CA PRO D 533 13.68 -3.21 18.26
C PRO D 533 14.61 -2.00 18.19
N TRP D 534 15.91 -2.26 17.99
CA TRP D 534 16.93 -1.21 18.00
C TRP D 534 16.69 -0.18 16.94
N ASP D 535 16.34 -0.64 15.74
CA ASP D 535 16.14 0.24 14.59
C ASP D 535 14.86 1.08 14.65
N ARG D 536 14.05 0.90 15.69
CA ARG D 536 12.87 1.73 15.89
C ARG D 536 12.95 2.74 17.05
N VAL D 537 14.00 2.64 17.87
CA VAL D 537 14.07 3.42 19.09
C VAL D 537 14.08 4.93 18.87
N VAL D 538 14.81 5.39 17.86
CA VAL D 538 14.93 6.84 17.67
C VAL D 538 13.60 7.50 17.21
N ASP D 539 12.94 6.91 16.21
CA ASP D 539 11.65 7.39 15.76
C ASP D 539 10.57 7.22 16.80
N LEU D 540 10.59 6.12 17.52
CA LEU D 540 9.61 5.89 18.56
C LEU D 540 9.68 6.97 19.64
N CYS D 541 10.87 7.26 20.16
CA CYS D 541 11.03 8.31 21.17
C CYS D 541 10.55 9.66 20.66
N ARG D 542 11.03 10.04 19.49
CA ARG D 542 10.64 11.30 18.86
C ARG D 542 9.13 11.42 18.66
N ASN D 543 8.56 10.44 17.96
CA ASN D 543 7.15 10.50 17.65
C ASN D 543 6.25 10.39 18.85
N VAL D 544 6.60 9.54 19.82
CA VAL D 544 5.74 9.38 20.95
C VAL D 544 5.66 10.69 21.71
N LYS D 545 6.83 11.28 21.98
CA LYS D 545 6.89 12.56 22.71
C LYS D 545 6.19 13.71 22.00
N GLU D 546 6.27 13.71 20.67
CA GLU D 546 5.65 14.76 19.89
C GLU D 546 4.13 14.61 19.95
N ARG D 547 3.65 13.36 19.77
CA ARG D 547 2.23 13.02 19.78
C ARG D 547 1.56 13.54 21.04
N ILE D 548 2.23 13.35 22.15
CA ILE D 548 1.79 13.84 23.44
C ILE D 548 1.58 15.36 23.45
N ARG D 549 2.55 16.10 22.92
CA ARG D 549 2.43 17.54 22.83
C ARG D 549 1.20 17.91 22.01
N ARG D 550 1.06 17.29 20.83
CA ARG D 550 -0.06 17.61 19.95
C ARG D 550 -1.37 17.39 20.67
N GLU D 551 -1.48 16.23 21.30
CA GLU D 551 -2.73 15.82 21.91
C GLU D 551 -3.16 16.78 23.02
N CYS D 552 -2.21 17.23 23.82
CA CYS D 552 -2.46 18.21 24.85
C CYS D 552 -2.90 19.57 24.28
N LYS D 553 -2.22 20.02 23.25
CA LYS D 553 -2.55 21.25 22.54
C LYS D 553 -3.99 21.17 22.05
N GLU D 554 -4.31 20.10 21.34
CA GLU D 554 -5.62 19.90 20.70
C GLU D 554 -6.76 19.72 21.71
N LYS D 555 -6.41 19.31 22.93
CA LYS D 555 -7.39 19.16 24.01
C LYS D 555 -7.47 20.40 24.90
N GLY D 556 -6.70 21.43 24.53
CA GLY D 556 -6.81 22.73 25.18
C GLY D 556 -5.92 22.97 26.37
N VAL D 557 -4.89 22.15 26.54
CA VAL D 557 -3.89 22.38 27.59
C VAL D 557 -3.10 23.63 27.19
N GLN D 558 -3.11 24.63 28.08
CA GLN D 558 -2.45 25.92 27.86
C GLN D 558 -0.95 25.75 27.67
N PHE D 559 -0.33 25.04 28.61
CA PHE D 559 1.10 24.93 28.63
C PHE D 559 1.63 23.61 28.09
N PRO D 560 2.60 23.66 27.12
CA PRO D 560 3.20 22.42 26.59
C PRO D 560 3.59 21.48 27.71
N PRO D 561 3.14 20.22 27.64
CA PRO D 561 3.40 19.28 28.72
C PRO D 561 4.88 18.94 28.88
N LEU D 562 5.23 18.48 30.07
CA LEU D 562 6.45 17.75 30.23
C LEU D 562 6.32 16.44 29.46
N SER D 563 7.31 16.17 28.61
CA SER D 563 7.25 14.99 27.74
C SER D 563 8.67 14.41 27.54
N THR D 564 9.08 13.53 28.44
CA THR D 564 10.47 13.08 28.41
C THR D 564 10.54 11.58 28.21
N CYS D 565 11.71 11.07 27.89
CA CYS D 565 11.93 9.62 27.82
C CYS D 565 13.31 9.24 28.25
N ARG D 566 13.43 8.09 28.91
CA ARG D 566 14.75 7.46 28.97
C ARG D 566 14.81 6.02 28.48
N VAL D 567 15.97 5.65 27.93
CA VAL D 567 16.17 4.27 27.58
C VAL D 567 16.66 3.59 28.83
N THR D 568 15.98 2.51 29.22
CA THR D 568 16.11 1.97 30.56
C THR D 568 16.69 0.55 30.66
N GLN D 569 16.76 -0.15 29.53
CA GLN D 569 17.30 -1.50 29.47
C GLN D 569 17.72 -1.68 28.06
N THR D 570 18.81 -2.40 27.84
CA THR D 570 19.21 -2.81 26.54
C THR D 570 19.09 -4.32 26.41
N TYR D 571 18.87 -4.78 25.19
CA TYR D 571 18.87 -6.18 24.93
C TYR D 571 19.58 -6.43 23.62
N ASP D 572 19.78 -7.71 23.32
CA ASP D 572 20.28 -8.12 22.01
C ASP D 572 19.41 -7.55 20.94
N ALA D 573 18.09 -7.67 21.11
CA ALA D 573 17.15 -7.38 20.05
C ALA D 573 16.49 -6.02 20.12
N GLY D 574 16.85 -5.21 21.12
CA GLY D 574 16.22 -3.91 21.28
C GLY D 574 16.35 -3.32 22.66
N ALA D 575 15.38 -2.48 23.03
CA ALA D 575 15.46 -1.70 24.26
C ALA D 575 14.16 -1.52 24.99
N CYS D 576 14.24 -1.23 26.29
CA CYS D 576 13.07 -0.74 27.03
C CYS D 576 13.09 0.78 27.10
N ILE D 577 11.97 1.43 26.78
CA ILE D 577 11.86 2.88 26.81
C ILE D 577 10.80 3.32 27.78
N TYR D 578 11.17 4.25 28.65
CA TYR D 578 10.30 4.77 29.67
C TYR D 578 9.82 6.17 29.31
N PHE D 579 8.54 6.48 29.52
CA PHE D 579 8.08 7.85 29.30
C PHE D 579 7.55 8.48 30.56
N TYR D 580 7.69 9.78 30.64
CA TYR D 580 6.97 10.53 31.62
C TYR D 580 6.29 11.67 30.89
N PHE D 581 5.05 11.95 31.27
CA PHE D 581 4.44 13.23 30.89
C PHE D 581 3.53 13.76 32.01
N ALA D 582 3.37 15.09 32.03
CA ALA D 582 2.70 15.80 33.12
C ALA D 582 2.31 17.17 32.65
N PHE D 583 1.14 17.62 33.07
CA PHE D 583 0.62 18.91 32.66
C PHE D 583 -0.22 19.54 33.75
N ASN D 584 -0.20 20.87 33.80
CA ASN D 584 -1.06 21.61 34.69
C ASN D 584 -2.48 21.65 34.12
N TYR D 585 -3.41 21.05 34.85
CA TYR D 585 -4.79 20.93 34.39
C TYR D 585 -5.75 21.96 34.97
N ARG D 586 -5.22 22.93 35.71
CA ARG D 586 -6.07 23.90 36.40
C ARG D 586 -6.89 24.66 35.38
N GLY D 587 -8.21 24.51 35.47
CA GLY D 587 -9.16 25.17 34.56
C GLY D 587 -9.55 24.36 33.32
N ILE D 588 -9.48 23.03 33.43
CA ILE D 588 -9.81 22.14 32.32
C ILE D 588 -11.15 21.48 32.58
N SER D 589 -11.95 21.38 31.53
CA SER D 589 -13.29 20.83 31.64
C SER D 589 -13.27 19.51 32.42
N ASP D 590 -12.63 18.46 31.86
CA ASP D 590 -12.57 17.14 32.52
C ASP D 590 -11.15 16.58 32.57
N PRO D 591 -10.46 16.78 33.72
CA PRO D 591 -9.03 16.51 33.83
C PRO D 591 -8.66 15.05 33.63
N LEU D 592 -9.49 14.13 34.12
CA LEU D 592 -9.21 12.71 33.97
C LEU D 592 -9.48 12.23 32.55
N ALA D 593 -10.43 12.86 31.85
CA ALA D 593 -10.71 12.45 30.47
C ALA D 593 -9.58 12.86 29.54
N VAL D 594 -9.05 14.07 29.73
CA VAL D 594 -7.99 14.59 28.89
C VAL D 594 -6.74 13.73 29.03
N PHE D 595 -6.38 13.41 30.25
CA PHE D 595 -5.18 12.60 30.49
C PHE D 595 -5.29 11.20 29.90
N GLU D 596 -6.41 10.55 30.17
CA GLU D 596 -6.68 9.20 29.73
C GLU D 596 -6.72 9.11 28.21
N GLN D 597 -7.22 10.14 27.56
CA GLN D 597 -7.24 10.16 26.11
C GLN D 597 -5.84 10.34 25.56
N THR D 598 -5.08 11.25 26.15
CA THR D 598 -3.70 11.51 25.73
C THR D 598 -2.86 10.24 25.86
N GLU D 599 -3.08 9.52 26.95
CA GLU D 599 -2.30 8.33 27.26
C GLU D 599 -2.67 7.16 26.34
N ALA D 600 -3.94 7.11 25.94
CA ALA D 600 -4.35 6.14 24.93
C ALA D 600 -3.74 6.49 23.58
N ALA D 601 -3.69 7.78 23.26
CA ALA D 601 -3.08 8.23 22.02
C ALA D 601 -1.57 7.88 22.00
N ALA D 602 -0.86 8.17 23.09
CA ALA D 602 0.55 7.84 23.17
C ALA D 602 0.74 6.33 22.97
N ARG D 603 -0.09 5.52 23.64
CA ARG D 603 -0.12 4.07 23.40
C ARG D 603 -0.27 3.71 21.93
N GLU D 604 -1.20 4.36 21.22
CA GLU D 604 -1.36 4.12 19.78
C GLU D 604 -0.10 4.47 19.07
N GLU D 605 0.50 5.60 19.45
CA GLU D 605 1.74 6.04 18.83
C GLU D 605 2.87 5.01 19.01
N ILE D 606 2.95 4.41 20.18
CA ILE D 606 3.96 3.41 20.47
C ILE D 606 3.79 2.18 19.58
N LEU D 607 2.60 1.62 19.52
CA LEU D 607 2.36 0.46 18.70
C LEU D 607 2.63 0.77 17.25
N ALA D 608 2.25 1.97 16.84
CA ALA D 608 2.41 2.42 15.44
C ALA D 608 3.85 2.61 15.06
N ASN D 609 4.73 2.68 16.04
CA ASN D 609 6.14 2.85 15.77
C ASN D 609 6.96 1.62 16.10
N GLY D 610 6.32 0.45 16.15
CA GLY D 610 7.09 -0.78 16.30
C GLY D 610 7.28 -1.21 17.73
N GLY D 611 6.66 -0.49 18.65
CA GLY D 611 6.83 -0.76 20.06
C GLY D 611 5.81 -1.76 20.57
N SER D 612 6.19 -2.49 21.62
CA SER D 612 5.31 -3.47 22.25
C SER D 612 4.27 -2.78 23.17
N LEU D 613 3.25 -3.55 23.55
CA LEU D 613 2.18 -3.15 24.43
C LEU D 613 2.66 -2.81 25.83
N SER D 614 3.67 -3.52 26.28
CA SER D 614 4.33 -3.28 27.57
C SER D 614 5.59 -4.12 27.63
N HIS D 615 6.65 -3.51 28.14
CA HIS D 615 7.91 -4.21 28.36
C HIS D 615 7.77 -4.96 29.68
N HIS D 616 7.18 -4.33 30.71
CA HIS D 616 7.11 -4.95 32.06
C HIS D 616 5.88 -4.66 32.94
N HIS D 617 5.24 -3.50 32.78
CA HIS D 617 4.11 -3.13 33.66
C HIS D 617 2.97 -4.12 33.53
N GLY D 618 2.81 -4.72 32.35
CA GLY D 618 1.75 -5.71 32.13
C GLY D 618 0.53 -5.07 31.51
N VAL D 619 -0.60 -5.78 31.55
CA VAL D 619 -1.77 -5.42 30.76
C VAL D 619 -2.98 -5.05 31.61
N GLY D 620 -3.21 -5.78 32.68
CA GLY D 620 -4.32 -5.53 33.57
C GLY D 620 -5.66 -5.45 32.87
N LYS D 621 -6.38 -4.35 33.14
CA LYS D 621 -7.57 -4.00 32.40
C LYS D 621 -7.31 -2.75 31.58
N LEU D 622 -6.19 -2.09 31.85
CA LEU D 622 -5.87 -0.85 31.17
C LEU D 622 -5.52 -1.04 29.69
N ARG D 623 -4.85 -2.14 29.38
CA ARG D 623 -4.38 -2.40 28.02
C ARG D 623 -5.02 -3.59 27.33
N LYS D 624 -6.08 -4.13 27.94
CA LYS D 624 -6.91 -5.22 27.36
C LYS D 624 -7.35 -5.04 25.90
N GLN D 625 -7.79 -3.83 25.58
CA GLN D 625 -8.28 -3.55 24.23
C GLN D 625 -7.28 -3.90 23.12
N TRP D 626 -5.98 -3.88 23.43
CA TRP D 626 -4.94 -4.13 22.39
C TRP D 626 -4.40 -5.55 22.40
N LEU D 627 -4.74 -6.33 23.42
CA LEU D 627 -4.13 -7.64 23.61
C LEU D 627 -4.28 -8.59 22.44
N LYS D 628 -5.51 -8.73 21.96
CA LYS D 628 -5.78 -9.65 20.86
C LYS D 628 -4.89 -9.41 19.63
N GLU D 629 -4.59 -8.16 19.33
CA GLU D 629 -3.86 -7.80 18.14
C GLU D 629 -2.40 -8.13 18.35
N SER D 630 -1.95 -7.95 19.61
CA SER D 630 -0.58 -8.22 20.03
C SER D 630 -0.17 -9.66 19.94
N ILE D 631 -1.05 -10.52 20.42
CA ILE D 631 -0.75 -11.93 20.52
C ILE D 631 -1.46 -12.79 19.46
N SER D 632 -2.31 -12.14 18.63
CA SER D 632 -3.19 -12.81 17.64
C SER D 632 -4.41 -13.46 18.29
N ASP D 633 -5.42 -13.80 17.47
CA ASP D 633 -6.68 -14.37 17.94
C ASP D 633 -6.49 -15.72 18.61
N VAL D 634 -5.75 -16.58 17.90
CA VAL D 634 -5.44 -17.91 18.38
C VAL D 634 -4.66 -17.84 19.68
N GLY D 635 -3.70 -16.92 19.76
CA GLY D 635 -2.97 -16.68 21.01
C GLY D 635 -3.92 -16.32 22.15
N PHE D 636 -4.70 -15.27 21.97
CA PHE D 636 -5.78 -14.93 22.89
C PHE D 636 -6.65 -16.16 23.18
N GLY D 637 -7.08 -16.86 22.13
CA GLY D 637 -7.89 -18.09 22.30
C GLY D 637 -7.26 -19.10 23.26
N MET D 638 -5.95 -19.36 23.08
CA MET D 638 -5.18 -20.30 23.90
C MET D 638 -5.15 -19.96 25.38
N LEU D 639 -4.92 -18.67 25.71
CA LEU D 639 -4.97 -18.19 27.09
C LEU D 639 -6.33 -18.37 27.74
N LYS D 640 -7.35 -18.09 26.95
CA LYS D 640 -8.75 -18.25 27.32
C LYS D 640 -9.02 -19.68 27.71
N SER D 641 -8.54 -20.59 26.86
CA SER D 641 -8.71 -22.01 27.06
C SER D 641 -8.06 -22.50 28.36
N VAL D 642 -6.96 -21.85 28.79
CA VAL D 642 -6.31 -22.26 30.04
C VAL D 642 -7.11 -21.72 31.22
N LYS D 643 -7.54 -20.47 31.11
CA LYS D 643 -8.43 -19.88 32.14
C LYS D 643 -9.62 -20.82 32.38
N ASP D 644 -10.30 -21.18 31.30
CA ASP D 644 -11.50 -22.02 31.36
C ASP D 644 -11.23 -23.37 31.99
N TYR D 645 -10.06 -23.94 31.74
CA TYR D 645 -9.76 -25.21 32.34
C TYR D 645 -9.43 -25.08 33.81
N VAL D 646 -8.58 -24.11 34.12
CA VAL D 646 -8.01 -24.01 35.45
C VAL D 646 -9.04 -23.35 36.40
N ASP D 647 -9.81 -22.40 35.89
CA ASP D 647 -10.72 -21.67 36.75
C ASP D 647 -12.10 -21.58 36.06
N PRO D 648 -12.75 -22.76 35.88
CA PRO D 648 -13.99 -22.87 35.13
C PRO D 648 -15.09 -21.97 35.63
N THR D 649 -15.12 -21.64 36.93
CA THR D 649 -16.22 -20.80 37.45
C THR D 649 -15.78 -19.36 37.72
N ASN D 650 -14.54 -19.06 37.33
CA ASN D 650 -14.11 -17.64 37.35
C ASN D 650 -14.08 -17.04 38.74
N ILE D 651 -13.63 -17.84 39.69
CA ILE D 651 -13.31 -17.38 41.04
C ILE D 651 -12.30 -16.22 41.02
N PHE D 652 -11.27 -16.38 40.19
CA PHE D 652 -10.26 -15.35 39.98
C PHE D 652 -10.75 -14.34 38.97
N GLY D 653 -11.66 -13.49 39.46
CA GLY D 653 -12.48 -12.63 38.66
C GLY D 653 -11.97 -11.23 38.37
N ASN D 654 -10.68 -10.93 38.61
CA ASN D 654 -10.25 -9.53 38.41
C ASN D 654 -10.45 -9.01 36.98
N ARG D 655 -10.71 -9.92 36.05
CA ARG D 655 -10.90 -9.62 34.60
C ARG D 655 -9.72 -8.95 33.86
N ASN D 656 -8.52 -9.20 34.36
CA ASN D 656 -7.31 -8.77 33.62
C ASN D 656 -7.10 -9.53 32.32
N LEU D 657 -6.38 -8.91 31.41
CA LEU D 657 -5.98 -9.59 30.16
C LEU D 657 -7.11 -9.85 29.20
N LEU D 658 -7.91 -10.87 29.52
CA LEU D 658 -9.00 -11.30 28.67
C LEU D 658 -10.26 -10.61 29.15
#